data_2ZVL
#
_entry.id   2ZVL
#
_cell.length_a   74.769
_cell.length_b   74.707
_cell.length_c   109.049
_cell.angle_alpha   87.25
_cell.angle_beta   77.46
_cell.angle_gamma   80.26
#
_symmetry.space_group_name_H-M   'P 1'
#
loop_
_entity.id
_entity.type
_entity.pdbx_description
1 polymer 'Proliferating cell nuclear antigen'
2 polymer 'DNA polymerase kappa'
3 non-polymer 'SULFATE ION'
4 non-polymer 'ZINC ION'
5 water water
#
loop_
_entity_poly.entity_id
_entity_poly.type
_entity_poly.pdbx_seq_one_letter_code
_entity_poly.pdbx_strand_id
1 'polypeptide(L)'
;MFEARLVQGSILKKVLEALKDLINEACWDISSSGVNLQSMDSSHVSLVQLTLRSEGFDTYRCDRNLAMGVNLTSMSKILK
CAGNEDIITLRAEDNADTLALVFEAPNQEKVSDYEMKLMDLDVEQLGIPEQEYSCVVKMPSGEFARICRDLSHIGDAVVI
SCAKDGVKFSASGELGNGNIKLSQTSNVDKEEEAVTIEMNEPVQLTFALRYLNFFTKATPLSSTVTLSMSADVPLVVEYK
IADMGHLKYYLAPKIEDEEGS
;
A,B,C,D,E,F
2 'polypeptide(L)' PKHTLDIFFKPLTH U,V,W,X,Y,Z
#
# COMPACT_ATOMS: atom_id res chain seq x y z
N MET A 1 -37.99 44.05 13.35
CA MET A 1 -37.36 43.17 12.32
C MET A 1 -36.51 42.13 13.00
N PHE A 2 -36.67 40.88 12.62
CA PHE A 2 -35.77 39.85 13.06
C PHE A 2 -35.16 39.19 11.84
N GLU A 3 -33.89 38.90 11.90
CA GLU A 3 -33.27 38.17 10.84
C GLU A 3 -32.14 37.40 11.50
N ALA A 4 -32.06 36.12 11.22
CA ALA A 4 -31.07 35.29 11.83
C ALA A 4 -30.61 34.25 10.84
N ARG A 5 -29.36 34.32 10.45
CA ARG A 5 -28.90 33.43 9.42
C ARG A 5 -27.98 32.42 10.03
N LEU A 6 -28.33 31.16 9.92
CA LEU A 6 -27.57 30.07 10.50
C LEU A 6 -26.96 29.12 9.47
N VAL A 7 -25.65 28.94 9.51
CA VAL A 7 -24.97 28.25 8.46
C VAL A 7 -25.24 26.76 8.51
N GLN A 8 -25.14 26.18 9.70
CA GLN A 8 -25.42 24.76 9.87
C GLN A 8 -26.91 24.56 10.15
N GLY A 9 -27.69 24.45 9.09
CA GLY A 9 -29.13 24.35 9.23
C GLY A 9 -29.55 23.13 9.96
N SER A 10 -28.78 22.06 9.80
CA SER A 10 -29.04 20.86 10.56
C SER A 10 -29.37 21.14 12.03
N ILE A 11 -28.76 22.16 12.61
CA ILE A 11 -28.97 22.39 14.02
C ILE A 11 -30.44 22.63 14.28
N LEU A 12 -31.03 23.45 13.44
CA LEU A 12 -32.41 23.86 13.67
C LEU A 12 -33.31 22.67 13.38
N LYS A 13 -32.97 21.92 12.35
CA LYS A 13 -33.73 20.72 12.06
C LYS A 13 -33.80 19.87 13.33
N LYS A 14 -32.65 19.55 13.88
CA LYS A 14 -32.63 18.61 15.01
C LYS A 14 -33.25 19.23 16.25
N VAL A 15 -33.06 20.55 16.44
CA VAL A 15 -33.69 21.14 17.60
C VAL A 15 -35.20 20.94 17.46
N LEU A 16 -35.73 21.17 16.27
CA LEU A 16 -37.17 21.03 16.09
C LEU A 16 -37.67 19.59 16.18
N GLU A 17 -36.87 18.61 15.77
CA GLU A 17 -37.22 17.20 16.03
C GLU A 17 -37.31 16.96 17.55
N ALA A 18 -36.30 17.37 18.32
CA ALA A 18 -36.35 17.21 19.76
C ALA A 18 -37.57 17.87 20.42
N LEU A 19 -37.95 19.08 20.04
CA LEU A 19 -39.08 19.70 20.72
C LEU A 19 -40.41 19.04 20.43
N LYS A 20 -40.67 18.77 19.15
CA LYS A 20 -42.02 18.53 18.64
C LYS A 20 -42.70 17.36 19.32
N ASP A 21 -41.90 16.38 19.77
CA ASP A 21 -42.44 15.17 20.40
C ASP A 21 -42.79 15.39 21.88
N LEU A 22 -41.95 16.14 22.60
CA LEU A 22 -42.27 16.54 23.96
C LEU A 22 -43.47 17.48 23.97
N ILE A 23 -43.38 18.59 23.23
CA ILE A 23 -44.44 19.59 23.21
C ILE A 23 -45.03 19.81 21.81
N ASN A 24 -46.06 20.66 21.73
CA ASN A 24 -46.73 20.88 20.45
C ASN A 24 -46.68 22.37 19.96
N GLU A 25 -46.68 23.28 20.93
CA GLU A 25 -46.72 24.73 20.68
C GLU A 25 -45.81 25.41 21.71
N ALA A 26 -45.15 26.50 21.34
CA ALA A 26 -44.22 27.09 22.27
C ALA A 26 -43.85 28.45 21.76
N CYS A 27 -43.51 29.34 22.67
CA CYS A 27 -43.30 30.73 22.32
C CYS A 27 -41.81 31.04 22.23
N TRP A 28 -41.32 31.38 21.03
CA TRP A 28 -39.91 31.66 20.89
C TRP A 28 -39.62 33.13 21.22
N ASP A 29 -38.86 33.39 22.27
CA ASP A 29 -38.60 34.75 22.66
C ASP A 29 -37.32 35.15 21.97
N ILE A 30 -37.45 36.07 21.03
CA ILE A 30 -36.33 36.59 20.28
C ILE A 30 -35.89 37.92 20.89
N SER A 31 -34.60 38.04 21.16
CA SER A 31 -34.09 39.28 21.71
C SER A 31 -32.68 39.46 21.21
N SER A 32 -32.05 40.55 21.63
CA SER A 32 -30.72 40.95 21.14
C SER A 32 -29.64 39.91 21.43
N SER A 33 -29.81 39.14 22.49
CA SER A 33 -28.77 38.21 22.88
C SER A 33 -28.94 36.86 22.21
N GLY A 34 -30.12 36.63 21.64
CA GLY A 34 -30.39 35.37 20.98
C GLY A 34 -31.84 34.90 21.10
N VAL A 35 -32.00 33.58 20.98
CA VAL A 35 -33.32 32.93 20.84
C VAL A 35 -33.63 32.07 22.05
N ASN A 36 -34.75 32.33 22.70
CA ASN A 36 -35.04 31.65 23.96
C ASN A 36 -36.43 31.06 24.00
N LEU A 37 -36.53 29.82 24.45
CA LEU A 37 -37.78 29.08 24.45
C LEU A 37 -37.87 28.22 25.71
N GLN A 38 -39.02 28.22 26.35
CA GLN A 38 -39.13 27.54 27.63
C GLN A 38 -40.55 27.10 27.85
N SER A 39 -40.79 25.79 27.76
CA SER A 39 -42.14 25.30 27.97
C SER A 39 -42.26 23.97 28.63
N MET A 40 -43.44 23.75 29.19
CA MET A 40 -43.78 22.50 29.80
C MET A 40 -44.51 21.64 28.80
N ASP A 41 -44.56 20.33 29.07
CA ASP A 41 -45.36 19.43 28.26
C ASP A 41 -46.76 19.45 28.84
N SER A 42 -47.73 18.84 28.15
CA SER A 42 -49.14 18.99 28.52
C SER A 42 -49.45 18.74 29.99
N SER A 43 -48.69 17.82 30.59
CA SER A 43 -48.96 17.35 31.96
C SER A 43 -48.22 18.19 33.02
N HIS A 44 -47.15 18.85 32.62
CA HIS A 44 -46.40 19.74 33.52
C HIS A 44 -45.41 18.91 34.34
N VAL A 45 -45.14 17.72 33.85
CA VAL A 45 -44.21 16.89 34.54
C VAL A 45 -42.84 17.18 33.99
N SER A 46 -42.79 17.75 32.77
CA SER A 46 -41.51 18.02 32.14
C SER A 46 -41.46 19.42 31.51
N LEU A 47 -40.29 20.05 31.58
CA LEU A 47 -40.07 21.32 30.96
C LEU A 47 -38.84 21.21 30.09
N VAL A 48 -38.81 21.99 29.02
CA VAL A 48 -37.57 22.19 28.25
C VAL A 48 -37.29 23.64 28.05
N GLN A 49 -36.02 23.93 28.03
CA GLN A 49 -35.58 25.25 27.81
C GLN A 49 -34.52 25.18 26.76
N LEU A 50 -34.69 26.03 25.75
CA LEU A 50 -33.77 26.16 24.61
C LEU A 50 -33.13 27.54 24.60
N THR A 51 -31.82 27.53 24.45
CA THR A 51 -31.04 28.72 24.26
C THR A 51 -30.17 28.62 23.00
N LEU A 52 -30.31 29.62 22.11
CA LEU A 52 -29.40 29.79 20.96
C LEU A 52 -28.85 31.25 20.87
N ARG A 53 -27.56 31.39 21.12
CA ARG A 53 -26.95 32.74 21.31
C ARG A 53 -26.72 33.40 19.96
N SER A 54 -26.66 34.73 19.96
CA SER A 54 -26.59 35.44 18.71
C SER A 54 -25.25 35.15 18.09
N GLU A 55 -24.24 34.93 18.89
CA GLU A 55 -22.93 34.76 18.31
C GLU A 55 -22.82 33.45 17.53
N GLY A 56 -23.78 32.56 17.73
CA GLY A 56 -23.83 31.33 16.96
C GLY A 56 -24.16 31.51 15.47
N PHE A 57 -24.69 32.68 15.12
CA PHE A 57 -25.27 32.94 13.81
C PHE A 57 -24.30 33.73 12.99
N ASP A 58 -24.08 33.30 11.77
CA ASP A 58 -23.30 34.05 10.81
C ASP A 58 -23.75 35.50 10.62
N THR A 59 -25.05 35.78 10.72
CA THR A 59 -25.60 37.12 10.83
C THR A 59 -26.75 37.06 11.82
N TYR A 60 -27.16 38.19 12.40
CA TYR A 60 -28.26 38.17 13.38
C TYR A 60 -28.62 39.57 13.71
N ARG A 61 -29.88 39.92 13.62
CA ARG A 61 -30.30 41.28 13.94
C ARG A 61 -31.69 41.24 14.53
N CYS A 62 -31.92 42.03 15.55
CA CYS A 62 -33.20 42.04 16.17
C CYS A 62 -33.39 43.43 16.76
N ASP A 63 -34.48 44.10 16.34
CA ASP A 63 -34.70 45.54 16.54
C ASP A 63 -35.59 45.75 17.79
N ARG A 64 -36.70 45.02 17.86
CA ARG A 64 -37.54 45.01 19.06
C ARG A 64 -37.73 43.58 19.56
N ASN A 65 -37.44 43.33 20.84
CA ASN A 65 -37.61 41.99 21.40
C ASN A 65 -38.94 41.42 20.93
N LEU A 66 -39.00 40.14 20.63
CA LEU A 66 -40.31 39.63 20.33
C LEU A 66 -40.54 38.20 20.77
N ALA A 67 -41.79 37.80 20.68
CA ALA A 67 -42.23 36.60 21.34
C ALA A 67 -43.20 35.88 20.43
N MET A 68 -42.66 35.05 19.56
CA MET A 68 -43.44 34.40 18.51
C MET A 68 -44.06 33.10 19.02
N GLY A 69 -45.38 32.95 18.85
CA GLY A 69 -46.08 31.73 19.23
C GLY A 69 -46.15 30.81 18.01
N VAL A 70 -45.50 29.66 18.09
CA VAL A 70 -45.32 28.79 16.94
C VAL A 70 -45.81 27.35 17.16
N ASN A 71 -46.60 26.82 16.24
CA ASN A 71 -46.86 25.38 16.20
C ASN A 71 -45.57 24.65 15.89
N LEU A 72 -45.13 23.77 16.79
CA LEU A 72 -43.82 23.18 16.63
C LEU A 72 -43.89 21.97 15.72
N THR A 73 -45.07 21.37 15.60
CA THR A 73 -45.25 20.23 14.69
C THR A 73 -45.06 20.77 13.26
N SER A 74 -45.80 21.81 12.96
CA SER A 74 -45.77 22.53 11.70
C SER A 74 -44.40 23.04 11.36
N MET A 75 -43.70 23.68 12.31
CA MET A 75 -42.38 24.20 12.00
C MET A 75 -41.44 23.09 11.61
N SER A 76 -41.60 21.98 12.29
CA SER A 76 -40.70 20.84 12.02
C SER A 76 -41.06 20.20 10.68
N LYS A 77 -42.34 20.22 10.34
CA LYS A 77 -42.78 19.87 8.99
C LYS A 77 -42.12 20.78 7.92
N ILE A 78 -42.15 22.09 8.11
CA ILE A 78 -41.56 22.95 7.14
C ILE A 78 -40.05 22.63 7.04
N LEU A 79 -39.44 22.26 8.16
CA LEU A 79 -37.99 22.13 8.25
C LEU A 79 -37.54 20.86 7.58
N LYS A 80 -38.46 19.91 7.46
CA LYS A 80 -38.14 18.65 6.78
C LYS A 80 -37.79 18.96 5.34
N CYS A 81 -38.08 20.19 4.94
CA CYS A 81 -37.81 20.66 3.57
C CYS A 81 -36.46 21.36 3.44
N ALA A 82 -35.76 21.59 4.53
CA ALA A 82 -34.41 22.06 4.45
C ALA A 82 -33.53 20.84 4.31
N GLY A 83 -32.52 20.90 3.46
CA GLY A 83 -31.50 19.84 3.42
C GLY A 83 -30.54 19.95 4.62
N ASN A 84 -29.78 18.90 4.87
CA ASN A 84 -28.86 18.95 6.03
C ASN A 84 -27.66 19.88 5.90
N GLU A 85 -27.29 20.28 4.70
CA GLU A 85 -26.29 21.32 4.55
C GLU A 85 -26.89 22.65 4.13
N ASP A 86 -28.18 22.86 4.37
CA ASP A 86 -28.79 24.10 3.90
C ASP A 86 -28.55 25.18 4.93
N ILE A 87 -28.57 26.41 4.47
CA ILE A 87 -28.34 27.58 5.25
C ILE A 87 -29.66 28.25 5.48
N ILE A 88 -30.10 28.24 6.73
CA ILE A 88 -31.42 28.71 7.07
C ILE A 88 -31.43 30.07 7.75
N THR A 89 -32.25 30.97 7.22
CA THR A 89 -32.46 32.25 7.77
C THR A 89 -33.88 32.25 8.24
N LEU A 90 -34.14 32.76 9.43
CA LEU A 90 -35.48 32.96 9.89
C LEU A 90 -35.69 34.45 9.75
N ARG A 91 -36.93 34.90 9.66
CA ARG A 91 -37.12 36.32 9.48
C ARG A 91 -38.52 36.65 9.85
N ALA A 92 -38.70 37.69 10.65
CA ALA A 92 -40.03 38.06 11.10
C ALA A 92 -40.21 39.57 11.06
N GLU A 93 -41.42 40.04 10.80
CA GLU A 93 -41.67 41.48 10.72
C GLU A 93 -41.87 42.08 12.11
N ASP A 94 -41.66 43.39 12.23
CA ASP A 94 -41.82 44.06 13.52
C ASP A 94 -42.91 43.37 14.33
N ASN A 95 -44.17 43.67 14.00
CA ASN A 95 -45.31 43.08 14.70
C ASN A 95 -46.05 42.08 13.83
N ASP A 97 -46.68 38.57 12.85
CA ASP A 97 -47.74 38.01 12.01
C ASP A 97 -47.42 36.57 11.55
N THR A 98 -46.20 36.39 11.06
CA THR A 98 -45.72 35.13 10.53
C THR A 98 -44.22 35.05 10.49
N LEU A 99 -43.73 33.87 10.10
CA LEU A 99 -42.29 33.57 10.11
C LEU A 99 -41.79 33.11 8.77
N ALA A 100 -40.89 33.86 8.18
CA ALA A 100 -40.20 33.37 6.99
C ALA A 100 -39.19 32.32 7.41
N LEU A 101 -39.00 31.32 6.56
CA LEU A 101 -37.85 30.50 6.72
C LEU A 101 -37.19 30.43 5.39
N VAL A 102 -35.97 30.90 5.24
CA VAL A 102 -35.30 30.76 3.94
C VAL A 102 -34.20 29.69 3.98
N PHE A 103 -34.32 28.68 3.10
CA PHE A 103 -33.30 27.64 3.03
C PHE A 103 -32.45 27.81 1.78
N GLU A 104 -31.15 27.98 1.94
CA GLU A 104 -30.22 28.14 0.80
C GLU A 104 -29.32 26.94 0.50
N ALA A 105 -29.28 26.49 -0.76
CA ALA A 105 -28.46 25.31 -1.12
C ALA A 105 -27.05 25.61 -0.74
N PRO A 106 -26.36 24.59 -0.21
CA PRO A 106 -25.18 24.83 0.67
C PRO A 106 -24.19 25.72 -0.06
N ASN A 107 -24.29 25.67 -1.39
CA ASN A 107 -23.25 26.12 -2.31
C ASN A 107 -23.94 26.30 -3.70
N GLN A 108 -24.27 25.18 -4.38
CA GLN A 108 -25.03 25.29 -5.63
C GLN A 108 -26.27 26.11 -5.25
N GLU A 109 -26.71 27.01 -6.13
CA GLU A 109 -27.86 27.89 -5.82
C GLU A 109 -29.27 27.38 -6.16
N LYS A 110 -30.07 27.42 -5.13
CA LYS A 110 -31.43 26.98 -5.07
C LYS A 110 -31.82 27.53 -3.71
N VAL A 111 -32.92 28.26 -3.66
CA VAL A 111 -33.36 28.82 -2.43
C VAL A 111 -34.83 28.50 -2.24
N SER A 112 -35.28 28.39 -1.03
CA SER A 112 -36.64 28.05 -0.79
C SER A 112 -37.14 28.95 0.29
N ASP A 113 -38.39 29.29 0.11
CA ASP A 113 -39.03 30.28 0.91
C ASP A 113 -40.31 29.74 1.49
N TYR A 114 -40.28 29.37 2.76
CA TYR A 114 -41.49 28.92 3.42
C TYR A 114 -41.98 30.03 4.31
N GLU A 115 -43.28 30.25 4.33
CA GLU A 115 -43.89 31.24 5.20
C GLU A 115 -44.87 30.48 6.12
N MET A 116 -44.75 30.61 7.44
CA MET A 116 -45.76 30.00 8.32
C MET A 116 -46.39 30.95 9.32
N LYS A 117 -47.68 30.78 9.53
CA LYS A 117 -48.45 31.61 10.45
C LYS A 117 -47.91 31.48 11.85
N LEU A 118 -48.43 32.31 12.73
CA LEU A 118 -47.99 32.38 14.10
C LEU A 118 -49.23 32.55 14.95
N MET A 119 -49.51 31.55 15.78
CA MET A 119 -50.73 31.50 16.61
C MET A 119 -50.58 32.26 17.92
N ASP A 120 -51.66 32.94 18.32
CA ASP A 120 -51.69 33.69 19.57
C ASP A 120 -51.59 32.69 20.71
N LEU A 121 -50.65 32.91 21.62
CA LEU A 121 -50.36 31.91 22.65
C LEU A 121 -50.30 32.54 24.05
N ASP A 122 -51.05 31.98 24.99
CA ASP A 122 -51.10 32.52 26.35
C ASP A 122 -50.11 31.84 27.30
N VAL A 123 -48.82 32.03 27.07
CA VAL A 123 -47.77 31.41 27.90
C VAL A 123 -47.29 32.34 29.02
N GLU A 124 -46.96 31.75 30.17
CA GLU A 124 -46.41 32.50 31.28
C GLU A 124 -44.98 32.01 31.59
N GLN A 125 -44.07 32.95 31.79
CA GLN A 125 -42.68 32.61 32.11
C GLN A 125 -42.55 32.01 33.51
N LEU A 126 -41.75 30.96 33.63
CA LEU A 126 -41.58 30.23 34.92
C LEU A 126 -40.12 30.25 35.42
N GLY A 127 -39.92 30.38 36.72
CA GLY A 127 -38.57 30.60 37.28
C GLY A 127 -37.79 29.38 37.74
N ILE A 128 -36.60 29.17 37.18
CA ILE A 128 -35.76 28.04 37.56
C ILE A 128 -34.69 28.47 38.55
N PRO A 129 -34.95 28.25 39.84
CA PRO A 129 -34.06 28.80 40.87
C PRO A 129 -32.65 28.15 40.93
N GLU A 130 -31.67 28.79 40.31
CA GLU A 130 -30.30 28.26 40.34
C GLU A 130 -30.08 27.29 41.51
N GLN A 131 -29.40 26.18 41.26
CA GLN A 131 -29.13 25.17 42.27
C GLN A 131 -27.81 24.41 42.04
N GLU A 132 -27.13 24.06 43.13
CA GLU A 132 -25.94 23.22 43.04
C GLU A 132 -26.40 21.78 43.19
N TYR A 133 -26.08 20.93 42.21
CA TYR A 133 -26.58 19.60 42.24
C TYR A 133 -25.66 18.69 43.03
N SER A 134 -26.27 17.81 43.79
CA SER A 134 -25.61 16.81 44.56
C SER A 134 -24.87 15.72 43.75
N CYS A 135 -25.28 15.48 42.50
CA CYS A 135 -24.62 14.48 41.63
C CYS A 135 -24.73 14.92 40.17
N VAL A 136 -23.61 14.97 39.47
CA VAL A 136 -23.60 15.36 38.07
C VAL A 136 -22.87 14.33 37.26
N VAL A 137 -23.54 13.82 36.24
CA VAL A 137 -22.98 12.79 35.39
C VAL A 137 -22.87 13.32 33.97
N LYS A 138 -21.69 13.14 33.40
CA LYS A 138 -21.41 13.50 32.00
C LYS A 138 -20.97 12.22 31.31
N MET A 139 -21.73 11.79 30.33
CA MET A 139 -21.48 10.54 29.65
C MET A 139 -21.79 10.75 28.19
N PRO A 140 -21.36 9.83 27.32
CA PRO A 140 -21.72 9.91 25.88
C PRO A 140 -23.19 9.77 25.68
N SER A 141 -23.77 10.60 24.85
CA SER A 141 -25.22 10.74 24.71
C SER A 141 -25.88 9.50 24.12
N GLY A 142 -25.22 8.88 23.16
CA GLY A 142 -25.64 7.62 22.62
C GLY A 142 -25.86 6.58 23.71
N GLU A 143 -24.90 6.50 24.64
CA GLU A 143 -24.96 5.52 25.68
C GLU A 143 -26.19 5.81 26.54
N PHE A 144 -26.44 7.06 26.90
CA PHE A 144 -27.63 7.35 27.70
C PHE A 144 -28.97 7.00 26.95
N ALA A 145 -29.00 7.34 25.66
CA ALA A 145 -30.17 7.00 24.83
C ALA A 145 -30.45 5.51 24.87
N ARG A 146 -29.41 4.70 24.73
CA ARG A 146 -29.58 3.24 24.70
C ARG A 146 -30.02 2.65 26.07
N ILE A 147 -29.58 3.28 27.16
CA ILE A 147 -29.98 2.86 28.47
C ILE A 147 -31.46 3.08 28.72
N CYS A 148 -31.95 4.27 28.36
CA CYS A 148 -33.38 4.56 28.48
C CYS A 148 -34.21 3.69 27.51
N ARG A 149 -33.61 3.31 26.39
CA ARG A 149 -34.33 2.56 25.42
C ARG A 149 -34.40 1.13 25.92
N ASP A 150 -33.26 0.62 26.35
CA ASP A 150 -33.20 -0.74 26.88
C ASP A 150 -34.11 -0.91 28.10
N LEU A 151 -33.99 -0.03 29.07
CA LEU A 151 -34.73 -0.26 30.31
C LEU A 151 -36.21 -0.12 30.06
N SER A 152 -36.57 0.62 29.02
CA SER A 152 -38.00 0.80 28.76
C SER A 152 -38.68 -0.45 28.19
N HIS A 153 -37.89 -1.38 27.66
CA HIS A 153 -38.34 -2.70 27.35
C HIS A 153 -38.72 -3.55 28.60
N ILE A 154 -38.23 -3.12 29.77
CA ILE A 154 -38.25 -3.91 30.97
C ILE A 154 -39.34 -3.41 31.92
N GLY A 155 -39.38 -2.10 32.11
CA GLY A 155 -40.42 -1.47 32.92
C GLY A 155 -40.54 -0.01 32.55
N ASP A 156 -41.57 0.63 33.05
CA ASP A 156 -41.81 2.02 32.66
C ASP A 156 -41.08 3.06 33.53
N ALA A 157 -40.42 2.64 34.61
CA ALA A 157 -39.73 3.55 35.51
C ALA A 157 -38.26 3.15 35.63
N VAL A 158 -37.38 4.14 35.83
CA VAL A 158 -35.98 3.85 36.11
C VAL A 158 -35.55 4.49 37.41
N VAL A 159 -34.78 3.75 38.16
CA VAL A 159 -34.34 4.19 39.44
C VAL A 159 -32.92 4.50 39.14
N ILE A 160 -32.54 5.72 39.49
CA ILE A 160 -31.22 6.18 39.14
C ILE A 160 -30.48 6.40 40.42
N SER A 161 -29.31 5.79 40.52
CA SER A 161 -28.57 5.74 41.77
C SER A 161 -27.16 6.21 41.65
N CYS A 162 -26.93 7.35 42.26
CA CYS A 162 -25.63 7.95 42.25
C CYS A 162 -24.95 7.57 43.55
N ALA A 163 -23.89 6.78 43.48
CA ALA A 163 -23.11 6.43 44.66
C ALA A 163 -21.60 6.57 44.43
N LYS A 164 -20.84 6.58 45.53
CA LYS A 164 -19.37 6.70 45.44
C LYS A 164 -18.86 6.13 44.10
N ASP A 165 -18.79 4.80 44.05
CA ASP A 165 -18.50 4.10 42.80
C ASP A 165 -18.82 4.97 41.59
N GLY A 166 -19.99 4.69 41.01
CA GLY A 166 -20.44 5.43 39.87
C GLY A 166 -21.93 5.59 39.98
N VAL A 167 -22.65 5.05 39.01
CA VAL A 167 -24.06 5.36 38.86
C VAL A 167 -24.74 4.16 38.24
N LYS A 168 -25.90 3.83 38.80
CA LYS A 168 -26.65 2.64 38.44
C LYS A 168 -28.03 3.05 38.00
N PHE A 169 -28.55 2.36 36.97
CA PHE A 169 -29.91 2.56 36.47
C PHE A 169 -30.68 1.26 36.58
N SER A 170 -31.90 1.31 37.11
CA SER A 170 -32.64 0.07 37.38
C SER A 170 -34.09 0.13 37.02
N ALA A 171 -34.62 -1.01 36.57
CA ALA A 171 -36.04 -1.13 36.28
C ALA A 171 -36.54 -2.56 36.37
N SER A 172 -37.85 -2.74 36.33
CA SER A 172 -38.38 -4.08 36.44
C SER A 172 -39.84 -4.16 35.99
N GLY A 173 -40.22 -5.35 35.56
CA GLY A 173 -41.57 -5.67 35.08
C GLY A 173 -41.74 -7.17 34.78
N GLU A 174 -42.83 -7.48 34.10
CA GLU A 174 -43.13 -8.85 33.71
C GLU A 174 -41.90 -9.64 33.25
N LEU A 175 -41.03 -9.06 32.43
CA LEU A 175 -39.87 -9.83 31.90
C LEU A 175 -38.89 -10.17 32.99
N GLY A 176 -38.66 -9.24 33.90
CA GLY A 176 -37.70 -9.45 34.96
C GLY A 176 -37.18 -8.12 35.39
N ASN A 177 -35.98 -8.16 35.94
CA ASN A 177 -35.32 -6.97 36.47
C ASN A 177 -34.08 -6.74 35.69
N GLY A 178 -33.71 -5.49 35.63
CA GLY A 178 -32.51 -5.15 34.94
C GLY A 178 -31.88 -4.00 35.65
N ASN A 179 -30.57 -4.04 35.81
CA ASN A 179 -29.94 -2.78 36.10
C ASN A 179 -28.63 -2.61 35.34
N ILE A 180 -28.23 -1.36 35.19
CA ILE A 180 -27.04 -1.03 34.43
C ILE A 180 -26.16 -0.14 35.27
N LYS A 181 -24.91 -0.55 35.44
CA LYS A 181 -24.01 0.27 36.20
C LYS A 181 -22.90 0.88 35.38
N LEU A 182 -22.69 2.16 35.64
CA LEU A 182 -21.72 2.94 34.91
C LEU A 182 -20.70 3.44 35.89
N SER A 183 -19.45 3.24 35.55
CA SER A 183 -18.39 3.71 36.45
C SER A 183 -17.48 4.71 35.75
N GLN A 184 -16.51 5.23 36.48
CA GLN A 184 -15.70 6.37 36.05
C GLN A 184 -14.26 5.96 35.76
N ALA A 194 -16.42 8.40 27.33
CA ALA A 194 -15.84 9.05 28.50
C ALA A 194 -16.92 9.41 29.53
N VAL A 195 -16.76 8.85 30.71
CA VAL A 195 -17.75 9.05 31.76
C VAL A 195 -17.12 9.63 33.02
N THR A 196 -17.61 10.80 33.40
CA THR A 196 -17.16 11.41 34.63
C THR A 196 -18.34 11.57 35.56
N ILE A 197 -18.17 11.18 36.82
CA ILE A 197 -19.18 11.38 37.84
C ILE A 197 -18.63 12.33 38.91
N GLU A 198 -19.50 13.15 39.47
CA GLU A 198 -19.08 14.26 40.28
C GLU A 198 -20.10 14.33 41.42
N MET A 199 -19.83 13.55 42.47
CA MET A 199 -20.81 13.26 43.51
C MET A 199 -20.54 14.19 44.70
N ASN A 200 -21.25 14.00 45.81
CA ASN A 200 -21.25 15.02 46.87
C ASN A 200 -22.09 14.59 48.06
N GLU A 201 -23.03 13.71 47.79
CA GLU A 201 -23.85 13.03 48.80
C GLU A 201 -24.77 12.07 48.04
N PRO A 202 -24.53 10.76 48.15
CA PRO A 202 -25.29 9.85 47.29
C PRO A 202 -26.80 10.12 47.18
N VAL A 203 -27.39 9.77 46.03
CA VAL A 203 -28.78 10.09 45.69
C VAL A 203 -29.46 8.91 45.00
N GLN A 204 -30.73 8.73 45.30
CA GLN A 204 -31.52 7.78 44.58
C GLN A 204 -32.83 8.43 44.19
N LEU A 205 -33.16 8.35 42.90
CA LEU A 205 -34.45 8.85 42.42
C LEU A 205 -35.09 7.92 41.41
N THR A 206 -36.39 8.11 41.25
CA THR A 206 -37.12 7.35 40.30
C THR A 206 -37.81 8.28 39.32
N PHE A 207 -37.77 7.88 38.05
CA PHE A 207 -38.25 8.70 36.96
C PHE A 207 -39.02 7.88 35.91
N ALA A 208 -39.89 8.53 35.15
CA ALA A 208 -40.71 7.82 34.12
C ALA A 208 -39.95 7.74 32.78
N LEU A 209 -39.70 6.53 32.33
CA LEU A 209 -38.84 6.32 31.14
C LEU A 209 -39.37 6.99 29.81
N ARG A 210 -40.67 7.20 29.81
CA ARG A 210 -41.44 7.79 28.77
C ARG A 210 -40.87 9.15 28.44
N TYR A 211 -40.72 9.97 29.47
CA TYR A 211 -40.16 11.30 29.32
C TYR A 211 -38.68 11.29 28.97
N LEU A 212 -37.94 10.39 29.56
CA LEU A 212 -36.53 10.29 29.24
C LEU A 212 -36.32 9.94 27.77
N ASN A 213 -37.20 9.11 27.21
CA ASN A 213 -37.07 8.72 25.79
C ASN A 213 -37.47 9.89 24.87
N PHE A 214 -38.36 10.76 25.30
CA PHE A 214 -38.49 12.01 24.61
C PHE A 214 -37.19 12.83 24.67
N PHE A 215 -36.64 13.08 25.87
CA PHE A 215 -35.40 13.91 26.00
C PHE A 215 -34.29 13.38 25.10
N THR A 216 -34.04 12.09 25.10
CA THR A 216 -32.96 11.55 24.24
C THR A 216 -33.14 11.79 22.72
N LYS A 217 -34.28 12.32 22.32
CA LYS A 217 -34.42 12.75 20.94
C LYS A 217 -33.48 13.92 20.61
N ALA A 218 -32.99 14.66 21.60
CA ALA A 218 -32.00 15.70 21.34
C ALA A 218 -30.65 15.12 20.93
N THR A 219 -30.51 13.81 21.02
CA THR A 219 -29.19 13.14 20.89
C THR A 219 -28.33 13.58 19.71
N PRO A 220 -28.93 13.82 18.57
CA PRO A 220 -28.05 14.13 17.43
C PRO A 220 -27.34 15.45 17.63
N LEU A 221 -27.83 16.26 18.55
CA LEU A 221 -27.23 17.57 18.79
C LEU A 221 -25.85 17.57 19.45
N SER A 222 -25.47 16.44 20.01
CA SER A 222 -24.28 16.44 20.82
C SER A 222 -23.86 15.06 21.21
N SER A 223 -22.56 14.83 21.26
CA SER A 223 -22.07 13.53 21.53
C SER A 223 -21.98 13.31 23.05
N THR A 224 -22.40 14.31 23.83
CA THR A 224 -22.40 14.14 25.26
C THR A 224 -23.69 14.68 25.90
N VAL A 225 -24.00 14.16 27.07
CA VAL A 225 -25.16 14.60 27.84
C VAL A 225 -24.71 14.67 29.31
N THR A 226 -25.30 15.57 30.07
CA THR A 226 -25.02 15.68 31.47
C THR A 226 -26.30 15.50 32.25
N LEU A 227 -26.26 14.66 33.27
CA LEU A 227 -27.42 14.43 34.11
C LEU A 227 -27.13 15.07 35.48
N SER A 228 -28.11 15.81 35.99
CA SER A 228 -27.98 16.47 37.27
C SER A 228 -29.09 16.04 38.23
N MET A 229 -28.71 15.57 39.40
CA MET A 229 -29.69 15.15 40.42
C MET A 229 -29.33 15.65 41.82
N SER A 230 -30.37 16.03 42.57
CA SER A 230 -30.32 16.08 44.02
C SER A 230 -31.56 15.43 44.62
N ALA A 231 -31.44 15.05 45.90
CA ALA A 231 -32.57 14.53 46.67
C ALA A 231 -33.86 15.31 46.38
N ASP A 232 -34.93 14.58 46.09
CA ASP A 232 -36.25 15.19 45.89
C ASP A 232 -36.29 16.55 45.16
N VAL A 233 -35.60 16.67 44.03
CA VAL A 233 -35.80 17.80 43.09
C VAL A 233 -35.70 17.32 41.64
N PRO A 234 -36.26 18.09 40.70
CA PRO A 234 -36.30 17.64 39.29
C PRO A 234 -34.93 17.45 38.66
N LEU A 235 -34.82 16.36 37.91
CA LEU A 235 -33.63 16.04 37.13
C LEU A 235 -33.43 17.03 35.97
N VAL A 236 -32.19 17.32 35.64
CA VAL A 236 -31.88 18.10 34.48
C VAL A 236 -31.08 17.24 33.50
N VAL A 237 -31.60 17.07 32.29
CA VAL A 237 -30.81 16.53 31.18
C VAL A 237 -30.38 17.68 30.22
N GLU A 238 -29.10 17.75 29.93
CA GLU A 238 -28.62 18.84 29.11
C GLU A 238 -27.78 18.39 27.94
N TYR A 239 -28.03 19.03 26.81
CA TYR A 239 -27.32 18.76 25.57
C TYR A 239 -26.76 20.09 25.12
N LYS A 240 -25.44 20.18 25.06
CA LYS A 240 -24.80 21.42 24.63
C LYS A 240 -24.85 21.49 23.09
N ILE A 241 -25.15 22.68 22.58
CA ILE A 241 -25.21 22.91 21.12
C ILE A 241 -24.03 23.72 20.62
N ALA A 242 -23.09 23.04 19.99
CA ALA A 242 -21.78 23.64 19.65
C ALA A 242 -21.62 25.08 20.10
N ASP A 243 -21.14 25.24 21.30
CA ASP A 243 -20.89 26.57 21.87
C ASP A 243 -21.89 27.69 21.51
N MET A 244 -23.02 27.42 20.83
CA MET A 244 -24.03 28.49 20.70
C MET A 244 -25.17 28.40 21.71
N GLY A 245 -25.19 27.32 22.47
CA GLY A 245 -26.12 27.23 23.59
C GLY A 245 -26.45 25.83 23.95
N HIS A 246 -27.73 25.59 24.16
CA HIS A 246 -28.16 24.29 24.60
C HIS A 246 -29.64 23.99 24.57
N LEU A 247 -29.93 22.72 24.90
CA LEU A 247 -31.27 22.24 25.15
C LEU A 247 -31.23 21.58 26.52
N LYS A 248 -32.03 22.11 27.45
CA LYS A 248 -32.14 21.63 28.83
C LYS A 248 -33.53 21.07 29.05
N TYR A 249 -33.60 19.86 29.61
CA TYR A 249 -34.87 19.27 29.96
C TYR A 249 -34.97 19.00 31.47
N TYR A 250 -36.16 19.22 32.05
CA TYR A 250 -36.36 18.99 33.49
C TYR A 250 -37.49 17.94 33.72
N LEU A 251 -37.23 17.00 34.62
CA LEU A 251 -38.22 15.95 34.91
C LEU A 251 -38.49 15.87 36.40
N ALA A 252 -39.74 16.06 36.78
CA ALA A 252 -40.13 15.83 38.15
C ALA A 252 -40.14 14.31 38.45
N PRO A 253 -39.51 13.89 39.57
CA PRO A 253 -39.46 12.58 40.26
C PRO A 253 -40.77 11.79 40.32
N LYS A 254 -40.76 10.58 39.78
CA LYS A 254 -41.98 9.76 39.78
C LYS A 254 -42.38 9.42 41.20
N ILE A 255 -43.54 9.90 41.64
CA ILE A 255 -44.04 9.64 42.99
C ILE A 255 -45.46 9.08 42.98
N LYS B 2 -48.04 13.35 44.15
CA LYS B 2 -46.86 14.06 43.65
C LYS B 2 -46.71 13.86 42.15
N HIS B 3 -45.96 14.75 41.50
CA HIS B 3 -45.72 14.61 40.07
C HIS B 3 -45.11 15.83 39.38
N THR B 4 -45.83 16.95 39.39
CA THR B 4 -45.50 18.08 38.51
C THR B 4 -44.34 18.98 38.97
N LEU B 5 -43.97 19.90 38.08
CA LEU B 5 -42.85 20.84 38.28
C LEU B 5 -43.36 22.14 38.93
N ASP B 6 -44.66 22.33 38.87
CA ASP B 6 -45.29 23.48 39.52
C ASP B 6 -44.74 23.71 40.96
N ILE B 7 -44.54 22.63 41.69
CA ILE B 7 -44.04 22.72 43.07
C ILE B 7 -42.62 23.26 43.14
N PHE B 8 -41.86 23.12 42.04
CA PHE B 8 -40.44 23.55 42.00
C PHE B 8 -40.19 24.81 41.18
N PHE B 9 -41.12 25.18 40.30
CA PHE B 9 -40.90 26.36 39.45
C PHE B 9 -42.15 27.25 39.44
N LYS B 10 -41.99 28.51 39.85
CA LYS B 10 -43.13 29.43 39.97
C LYS B 10 -43.09 30.51 38.90
N PRO B 11 -44.20 31.24 38.75
CA PRO B 11 -44.27 32.30 37.72
C PRO B 11 -43.44 33.53 38.06
N LEU B 12 -42.57 33.95 37.16
CA LEU B 12 -41.74 35.13 37.40
C LEU B 12 -40.25 34.79 37.38
N MET C 1 -40.39 -16.03 -32.52
CA MET C 1 -39.19 -15.85 -31.68
C MET C 1 -39.05 -14.38 -31.27
N PHE C 2 -39.24 -14.08 -30.00
CA PHE C 2 -38.71 -12.85 -29.48
C PHE C 2 -37.67 -13.15 -28.41
N GLU C 3 -36.47 -12.60 -28.56
CA GLU C 3 -35.41 -12.70 -27.55
C GLU C 3 -34.66 -11.37 -27.40
N ALA C 4 -34.44 -10.91 -26.17
CA ALA C 4 -33.68 -9.68 -25.95
C ALA C 4 -32.80 -9.82 -24.76
N ARG C 5 -31.49 -9.67 -24.93
CA ARG C 5 -30.57 -9.79 -23.81
C ARG C 5 -30.04 -8.44 -23.37
N LEU C 6 -30.18 -8.17 -22.08
CA LEU C 6 -29.73 -6.91 -21.49
C LEU C 6 -28.67 -7.25 -20.48
N VAL C 7 -27.46 -6.76 -20.71
CA VAL C 7 -26.39 -7.09 -19.78
C VAL C 7 -26.63 -6.34 -18.48
N GLN C 8 -26.82 -5.03 -18.55
CA GLN C 8 -27.18 -4.26 -17.38
C GLN C 8 -28.67 -4.45 -17.00
N GLY C 9 -28.99 -5.60 -16.42
CA GLY C 9 -30.37 -5.93 -16.02
C GLY C 9 -31.02 -4.98 -15.04
N SER C 10 -30.23 -4.19 -14.35
CA SER C 10 -30.80 -3.27 -13.34
C SER C 10 -31.74 -2.31 -13.98
N ILE C 11 -31.40 -1.90 -15.21
CA ILE C 11 -32.23 -1.01 -15.96
C ILE C 11 -33.66 -1.47 -16.05
N LEU C 12 -33.84 -2.73 -16.34
CA LEU C 12 -35.19 -3.32 -16.46
C LEU C 12 -35.92 -3.40 -15.11
N LYS C 13 -35.18 -3.52 -14.03
CA LYS C 13 -35.85 -3.51 -12.69
C LYS C 13 -36.32 -2.09 -12.39
N LYS C 14 -35.40 -1.14 -12.58
CA LYS C 14 -35.75 0.24 -12.32
C LYS C 14 -36.97 0.65 -13.20
N VAL C 15 -36.99 0.21 -14.48
CA VAL C 15 -38.15 0.47 -15.38
C VAL C 15 -39.46 -0.06 -14.82
N LEU C 16 -39.50 -1.33 -14.45
CA LEU C 16 -40.77 -1.88 -13.87
C LEU C 16 -41.10 -1.19 -12.62
N GLU C 17 -40.06 -0.93 -11.85
CA GLU C 17 -40.20 -0.26 -10.62
C GLU C 17 -40.89 1.06 -10.89
N ALA C 18 -40.52 1.73 -11.97
CA ALA C 18 -41.10 3.05 -12.24
C ALA C 18 -42.49 2.99 -12.85
N LEU C 19 -42.85 1.92 -13.54
CA LEU C 19 -44.16 1.89 -14.22
C LEU C 19 -45.20 1.59 -13.23
N LYS C 20 -44.98 0.45 -12.58
CA LYS C 20 -45.89 -0.24 -11.63
C LYS C 20 -46.68 0.63 -10.67
N ASP C 21 -46.05 1.68 -10.19
CA ASP C 21 -46.66 2.62 -9.27
C ASP C 21 -47.76 3.42 -9.96
N LEU C 22 -47.50 3.81 -11.20
CA LEU C 22 -48.48 4.57 -11.97
C LEU C 22 -49.60 3.70 -12.61
N ILE C 23 -49.27 2.54 -13.16
CA ILE C 23 -50.27 1.70 -13.84
C ILE C 23 -50.10 0.23 -13.54
N ASN C 24 -51.17 -0.54 -13.48
CA ASN C 24 -51.05 -1.98 -13.13
C ASN C 24 -50.75 -2.88 -14.30
N GLU C 25 -51.30 -2.53 -15.44
CA GLU C 25 -51.22 -3.44 -16.60
C GLU C 25 -51.01 -2.62 -17.85
N ALA C 26 -50.15 -3.10 -18.75
CA ALA C 26 -49.97 -2.43 -20.01
C ALA C 26 -49.49 -3.39 -21.05
N CYS C 27 -49.52 -2.95 -22.28
CA CYS C 27 -49.25 -3.83 -23.40
C CYS C 27 -47.88 -3.49 -23.95
N TRP C 28 -46.99 -4.47 -23.99
CA TRP C 28 -45.63 -4.30 -24.48
C TRP C 28 -45.54 -4.60 -25.96
N ASP C 29 -45.37 -3.55 -26.77
CA ASP C 29 -45.26 -3.70 -28.17
C ASP C 29 -43.85 -3.95 -28.58
N ILE C 30 -43.63 -5.15 -29.07
CA ILE C 30 -42.33 -5.62 -29.50
C ILE C 30 -42.25 -5.55 -31.00
N SER C 31 -41.15 -5.11 -31.56
CA SER C 31 -40.97 -5.10 -33.05
C SER C 31 -39.49 -5.03 -33.32
N SER C 32 -39.06 -5.15 -34.57
CA SER C 32 -37.62 -5.07 -34.89
C SER C 32 -36.91 -3.78 -34.40
N SER C 33 -37.66 -2.73 -34.19
CA SER C 33 -37.07 -1.49 -33.78
C SER C 33 -36.93 -1.44 -32.25
N GLY C 34 -37.65 -2.32 -31.57
CA GLY C 34 -37.42 -2.50 -30.13
C GLY C 34 -38.69 -2.60 -29.36
N VAL C 35 -38.66 -2.04 -28.16
CA VAL C 35 -39.81 -2.21 -27.26
C VAL C 35 -40.54 -0.91 -27.05
N ASN C 36 -41.84 -0.91 -27.31
CA ASN C 36 -42.60 0.28 -27.03
C ASN C 36 -43.78 0.00 -26.19
N LEU C 37 -43.99 0.86 -25.23
CA LEU C 37 -45.08 0.68 -24.31
C LEU C 37 -45.67 2.04 -24.00
N GLN C 38 -46.96 2.06 -23.78
CA GLN C 38 -47.64 3.32 -23.63
C GLN C 38 -48.89 3.04 -22.79
N SER C 39 -49.24 3.93 -21.86
CA SER C 39 -50.56 3.79 -21.22
C SER C 39 -50.88 4.99 -20.41
N MET C 40 -52.15 5.32 -20.31
CA MET C 40 -52.61 6.34 -19.37
C MET C 40 -52.76 5.66 -18.02
N ASP C 41 -52.65 6.45 -16.98
CA ASP C 41 -53.07 6.00 -15.66
C ASP C 41 -54.56 5.80 -15.76
N SER C 42 -55.09 4.99 -14.86
CA SER C 42 -56.48 4.64 -14.80
C SER C 42 -57.47 5.77 -14.64
N SER C 43 -57.06 6.98 -14.42
CA SER C 43 -58.05 8.04 -14.37
C SER C 43 -57.80 9.08 -15.52
N HIS C 44 -56.86 8.74 -16.40
CA HIS C 44 -56.69 9.44 -17.69
C HIS C 44 -56.27 10.89 -17.44
N VAL C 45 -55.29 11.05 -16.55
CA VAL C 45 -54.81 12.37 -16.20
C VAL C 45 -53.41 12.43 -16.68
N SER C 46 -52.83 11.25 -16.85
CA SER C 46 -51.43 11.15 -17.17
C SER C 46 -51.14 9.97 -18.03
N LEU C 47 -49.91 9.91 -18.50
CA LEU C 47 -49.59 8.88 -19.43
C LEU C 47 -48.11 8.66 -19.37
N VAL C 48 -47.71 7.39 -19.50
CA VAL C 48 -46.33 6.97 -19.51
C VAL C 48 -45.99 6.31 -20.80
N GLN C 49 -44.79 6.56 -21.28
CA GLN C 49 -44.35 6.01 -22.54
C GLN C 49 -42.92 5.59 -22.38
N LEU C 50 -42.64 4.38 -22.76
CA LEU C 50 -41.33 3.84 -22.70
C LEU C 50 -40.85 3.36 -24.07
N THR C 51 -39.60 3.58 -24.37
CA THR C 51 -39.05 3.06 -25.60
C THR C 51 -37.75 2.43 -25.26
N LEU C 52 -37.50 1.26 -25.77
CA LEU C 52 -36.20 0.69 -25.53
C LEU C 52 -35.73 0.18 -26.85
N ARG C 53 -34.76 0.85 -27.42
CA ARG C 53 -34.42 0.57 -28.81
C ARG C 53 -33.63 -0.71 -28.94
N SER C 54 -33.79 -1.40 -30.07
CA SER C 54 -33.11 -2.67 -30.26
C SER C 54 -31.62 -2.46 -30.22
N GLU C 55 -31.16 -1.36 -30.75
CA GLU C 55 -29.78 -0.90 -30.53
C GLU C 55 -29.32 -1.10 -29.07
N GLY C 56 -30.17 -0.77 -28.13
CA GLY C 56 -29.79 -0.73 -26.71
C GLY C 56 -29.54 -2.08 -26.02
N PHE C 57 -30.14 -3.16 -26.53
CA PHE C 57 -29.89 -4.50 -26.01
C PHE C 57 -28.61 -5.07 -26.59
N ASP C 58 -27.97 -6.01 -25.91
CA ASP C 58 -26.74 -6.64 -26.36
C ASP C 58 -27.10 -7.73 -27.38
N THR C 59 -28.28 -8.32 -27.22
CA THR C 59 -28.83 -9.27 -28.24
C THR C 59 -30.30 -8.96 -28.50
N TYR C 60 -30.71 -8.86 -29.76
CA TYR C 60 -32.11 -8.57 -30.02
C TYR C 60 -32.51 -9.31 -31.27
N ARG C 61 -33.70 -9.90 -31.24
CA ARG C 61 -34.21 -10.68 -32.37
C ARG C 61 -35.71 -10.71 -32.26
N CYS C 62 -36.37 -10.21 -33.30
CA CYS C 62 -37.81 -10.18 -33.36
C CYS C 62 -38.17 -10.73 -34.72
N ASP C 63 -39.00 -11.75 -34.78
CA ASP C 63 -39.36 -12.34 -36.04
C ASP C 63 -40.68 -11.76 -36.48
N ARG C 64 -41.50 -11.31 -35.54
CA ARG C 64 -42.80 -10.80 -35.90
C ARG C 64 -43.29 -9.89 -34.81
N ASN C 65 -43.75 -8.70 -35.17
CA ASN C 65 -44.22 -7.79 -34.15
C ASN C 65 -45.08 -8.51 -33.16
N LEU C 66 -44.96 -8.16 -31.89
CA LEU C 66 -45.92 -8.70 -30.99
C LEU C 66 -46.36 -7.74 -29.95
N ALA C 67 -47.45 -8.08 -29.29
CA ALA C 67 -48.08 -7.18 -28.35
C ALA C 67 -48.48 -8.01 -27.16
N MET C 68 -47.67 -7.99 -26.08
CA MET C 68 -47.97 -8.78 -24.86
C MET C 68 -48.66 -7.94 -23.86
N GLY C 69 -49.70 -8.49 -23.27
CA GLY C 69 -50.42 -7.78 -22.21
C GLY C 69 -49.79 -8.27 -20.96
N VAL C 70 -49.22 -7.33 -20.20
CA VAL C 70 -48.46 -7.63 -18.98
C VAL C 70 -49.08 -7.00 -17.74
N ASN C 71 -49.25 -7.82 -16.71
CA ASN C 71 -49.56 -7.31 -15.39
C ASN C 71 -48.27 -6.78 -14.82
N LEU C 72 -48.17 -5.44 -14.76
CA LEU C 72 -46.91 -4.80 -14.41
C LEU C 72 -46.47 -5.09 -12.95
N THR C 73 -47.45 -5.28 -12.07
CA THR C 73 -47.20 -5.72 -10.68
C THR C 73 -46.55 -7.11 -10.62
N SER C 74 -47.17 -8.08 -11.26
CA SER C 74 -46.50 -9.35 -11.43
C SER C 74 -45.10 -9.24 -12.01
N MET C 75 -44.84 -8.36 -12.94
CA MET C 75 -43.57 -8.51 -13.62
C MET C 75 -42.49 -7.90 -12.72
N SER C 76 -42.82 -6.75 -12.17
CA SER C 76 -42.00 -6.11 -11.14
C SER C 76 -41.68 -7.11 -10.00
N LYS C 77 -42.65 -7.91 -9.58
CA LYS C 77 -42.37 -8.92 -8.51
C LYS C 77 -41.39 -9.98 -8.93
N ILE C 78 -41.48 -10.42 -10.18
CA ILE C 78 -40.51 -11.35 -10.76
C ILE C 78 -39.13 -10.76 -10.91
N LEU C 79 -39.07 -9.45 -11.17
CA LEU C 79 -37.80 -8.76 -11.44
C LEU C 79 -36.94 -8.56 -10.20
N LYS C 80 -37.62 -8.33 -9.07
CA LYS C 80 -37.07 -8.41 -7.73
C LYS C 80 -36.29 -9.69 -7.47
N CYS C 81 -36.60 -10.77 -8.18
CA CYS C 81 -35.80 -12.00 -8.11
C CYS C 81 -34.54 -11.97 -8.92
N ALA C 82 -34.28 -10.85 -9.57
CA ALA C 82 -33.09 -10.69 -10.34
C ALA C 82 -32.13 -9.97 -9.48
N GLY C 83 -30.87 -10.35 -9.51
CA GLY C 83 -29.86 -9.56 -8.84
C GLY C 83 -29.65 -8.29 -9.64
N ASN C 84 -29.23 -7.23 -8.95
CA ASN C 84 -28.95 -5.98 -9.57
C ASN C 84 -27.76 -6.04 -10.46
N GLU C 85 -27.07 -7.16 -10.50
CA GLU C 85 -25.91 -7.28 -11.37
C GLU C 85 -26.07 -8.48 -12.27
N ASP C 86 -27.33 -8.88 -12.50
CA ASP C 86 -27.61 -10.04 -13.32
C ASP C 86 -27.75 -9.62 -14.80
N ILE C 87 -27.35 -10.50 -15.71
CA ILE C 87 -27.78 -10.44 -17.07
C ILE C 87 -29.24 -10.89 -17.19
N ILE C 88 -30.11 -10.01 -17.67
CA ILE C 88 -31.53 -10.35 -17.88
C ILE C 88 -31.88 -10.54 -19.35
N THR C 89 -32.56 -11.62 -19.63
CA THR C 89 -32.93 -11.96 -20.98
C THR C 89 -34.41 -12.26 -21.01
N LEU C 90 -35.10 -11.66 -21.98
CA LEU C 90 -36.54 -11.82 -22.12
C LEU C 90 -36.80 -12.70 -23.34
N ARG C 91 -37.90 -13.40 -23.42
CA ARG C 91 -38.01 -14.35 -24.50
C ARG C 91 -39.46 -14.79 -24.60
N ALA C 92 -39.97 -14.84 -25.84
CA ALA C 92 -41.38 -15.13 -26.08
C ALA C 92 -41.58 -15.95 -27.36
N GLU C 93 -42.48 -16.92 -27.28
CA GLU C 93 -42.70 -17.82 -28.42
C GLU C 93 -43.77 -17.32 -29.35
N ASP C 94 -44.27 -18.23 -30.19
CA ASP C 94 -45.20 -17.92 -31.27
C ASP C 94 -46.24 -16.88 -30.90
N ASN C 95 -47.46 -17.32 -30.61
CA ASN C 95 -48.52 -16.43 -30.17
C ASN C 95 -48.62 -16.60 -28.66
N ALA C 96 -47.77 -17.51 -28.17
CA ALA C 96 -47.63 -17.80 -26.74
C ALA C 96 -48.39 -16.88 -25.79
N ASP C 97 -48.78 -17.46 -24.68
CA ASP C 97 -49.47 -16.77 -23.60
C ASP C 97 -48.54 -16.48 -22.36
N THR C 98 -47.24 -16.40 -22.58
CA THR C 98 -46.29 -16.23 -21.51
C THR C 98 -44.99 -15.60 -21.92
N LEU C 99 -44.33 -15.02 -20.96
CA LEU C 99 -43.03 -14.42 -21.15
C LEU C 99 -42.06 -15.12 -20.20
N ALA C 100 -40.96 -15.59 -20.77
CA ALA C 100 -39.88 -16.16 -20.00
C ALA C 100 -38.89 -15.05 -19.75
N LEU C 101 -38.44 -14.95 -18.52
CA LEU C 101 -37.35 -14.08 -18.18
C LEU C 101 -36.22 -14.98 -17.68
N VAL C 102 -34.99 -14.69 -18.08
CA VAL C 102 -33.86 -15.48 -17.63
C VAL C 102 -32.86 -14.56 -16.87
N PHE C 103 -32.47 -14.93 -15.65
CA PHE C 103 -31.50 -14.13 -14.90
C PHE C 103 -30.24 -14.94 -14.74
N GLU C 104 -29.14 -14.45 -15.28
CA GLU C 104 -27.85 -15.07 -15.10
C GLU C 104 -26.91 -14.17 -14.29
N ALA C 105 -26.31 -14.81 -13.31
CA ALA C 105 -25.42 -14.18 -12.42
C ALA C 105 -24.13 -14.03 -13.17
N PRO C 106 -23.41 -12.95 -12.87
CA PRO C 106 -22.21 -12.61 -13.58
C PRO C 106 -21.28 -13.79 -13.61
N ASN C 107 -20.87 -14.26 -12.42
CA ASN C 107 -20.00 -15.43 -12.29
C ASN C 107 -20.29 -16.35 -13.44
N GLN C 108 -21.20 -17.28 -13.17
CA GLN C 108 -21.69 -18.21 -14.15
C GLN C 108 -22.21 -19.45 -13.41
N GLU C 109 -22.69 -19.28 -12.18
CA GLU C 109 -23.03 -20.45 -11.35
C GLU C 109 -24.52 -20.56 -11.06
N LYS C 110 -25.20 -19.43 -11.15
CA LYS C 110 -26.62 -19.34 -10.86
C LYS C 110 -27.41 -18.80 -12.09
N VAL C 111 -28.42 -19.55 -12.53
CA VAL C 111 -29.31 -19.14 -13.58
C VAL C 111 -30.74 -19.34 -13.13
N SER C 112 -31.54 -18.29 -13.12
CA SER C 112 -32.91 -18.35 -12.67
C SER C 112 -33.83 -18.23 -13.89
N ASP C 113 -34.86 -19.06 -13.95
CA ASP C 113 -35.81 -19.10 -15.06
C ASP C 113 -37.21 -18.83 -14.55
N TYR C 114 -37.84 -17.79 -15.07
CA TYR C 114 -39.21 -17.49 -14.68
C TYR C 114 -40.12 -17.42 -15.89
N GLU C 115 -41.36 -17.91 -15.76
CA GLU C 115 -42.36 -17.87 -16.79
C GLU C 115 -43.56 -17.11 -16.26
N MET C 116 -43.65 -15.86 -16.70
CA MET C 116 -44.76 -15.02 -16.34
C MET C 116 -45.93 -15.27 -17.27
N LYS C 117 -47.11 -15.38 -16.68
CA LYS C 117 -48.34 -15.49 -17.43
C LYS C 117 -48.68 -14.13 -17.99
N LEU C 118 -49.16 -14.09 -19.23
CA LEU C 118 -49.60 -12.85 -19.86
C LEU C 118 -51.11 -12.76 -19.74
N MET C 119 -51.64 -11.60 -20.10
CA MET C 119 -53.07 -11.41 -20.10
C MET C 119 -53.52 -10.70 -21.36
N ASP C 120 -54.82 -10.79 -21.63
CA ASP C 120 -55.47 -10.13 -22.75
C ASP C 120 -55.73 -8.65 -22.47
N LEU C 121 -55.03 -7.80 -23.19
CA LEU C 121 -55.33 -6.41 -23.07
C LEU C 121 -55.93 -5.93 -24.39
N ASP C 122 -57.09 -5.31 -24.31
CA ASP C 122 -57.73 -4.72 -25.47
C ASP C 122 -57.50 -3.21 -25.43
N VAL C 123 -56.27 -2.78 -25.64
CA VAL C 123 -55.95 -1.37 -25.50
C VAL C 123 -55.82 -0.65 -26.84
N GLU C 124 -56.06 0.65 -26.83
CA GLU C 124 -56.02 1.44 -28.07
C GLU C 124 -54.85 2.40 -28.05
N GLN C 125 -53.90 2.16 -28.95
CA GLN C 125 -52.70 2.99 -29.12
C GLN C 125 -53.09 4.47 -29.26
N LEU C 126 -52.48 5.33 -28.45
CA LEU C 126 -52.76 6.76 -28.48
C LEU C 126 -51.65 7.50 -29.21
N GLY C 127 -52.02 8.62 -29.83
CA GLY C 127 -51.11 9.34 -30.71
C GLY C 127 -50.55 10.48 -29.94
N ILE C 128 -49.26 10.67 -30.09
CA ILE C 128 -48.55 11.64 -29.28
C ILE C 128 -47.74 12.59 -30.16
N PRO C 129 -48.32 13.71 -30.55
CA PRO C 129 -47.56 14.64 -31.40
C PRO C 129 -46.34 15.30 -30.73
N GLU C 130 -45.22 15.35 -31.44
CA GLU C 130 -44.07 16.13 -30.98
C GLU C 130 -44.23 17.61 -31.34
N GLN C 131 -43.99 18.49 -30.36
CA GLN C 131 -44.12 19.93 -30.54
C GLN C 131 -42.99 20.68 -29.82
N GLU C 132 -42.90 21.97 -30.13
CA GLU C 132 -41.87 22.83 -29.54
C GLU C 132 -42.44 23.43 -28.27
N TYR C 133 -41.64 23.42 -27.20
CA TYR C 133 -42.15 23.85 -25.91
C TYR C 133 -41.62 25.26 -25.62
N SER C 134 -42.43 26.09 -24.99
CA SER C 134 -41.97 27.36 -24.40
C SER C 134 -40.73 27.24 -23.43
N CYS C 135 -40.87 26.62 -22.25
CA CYS C 135 -39.75 26.55 -21.28
C CYS C 135 -39.22 25.12 -21.28
N VAL C 136 -37.93 24.89 -21.36
CA VAL C 136 -37.48 23.53 -21.19
C VAL C 136 -36.38 23.46 -20.18
N VAL C 137 -36.63 22.69 -19.12
CA VAL C 137 -35.78 22.66 -17.93
C VAL C 137 -35.06 21.29 -17.75
N LYS C 138 -33.74 21.28 -17.94
CA LYS C 138 -32.91 20.14 -17.58
C LYS C 138 -32.27 20.38 -16.20
N MET C 139 -32.42 19.42 -15.30
CA MET C 139 -31.96 19.57 -13.94
C MET C 139 -31.55 18.20 -13.35
N PRO C 140 -30.87 18.17 -12.19
CA PRO C 140 -30.64 16.84 -11.64
C PRO C 140 -31.95 16.18 -11.16
N SER C 141 -32.09 14.88 -11.44
CA SER C 141 -33.30 14.15 -11.15
C SER C 141 -33.65 14.13 -9.67
N GLY C 142 -32.59 14.10 -8.82
CA GLY C 142 -32.77 14.09 -7.35
C GLY C 142 -33.33 15.41 -6.81
N GLU C 143 -32.85 16.48 -7.39
CA GLU C 143 -33.40 17.78 -7.06
C GLU C 143 -34.87 17.80 -7.40
N PHE C 144 -35.21 17.32 -8.59
CA PHE C 144 -36.61 17.37 -9.02
C PHE C 144 -37.40 16.59 -8.05
N ALA C 145 -37.01 15.34 -7.86
CA ALA C 145 -37.60 14.45 -6.84
C ALA C 145 -37.79 15.08 -5.47
N ARG C 146 -36.78 15.80 -5.00
CA ARG C 146 -36.88 16.35 -3.67
C ARG C 146 -37.80 17.55 -3.62
N ILE C 147 -37.67 18.43 -4.62
CA ILE C 147 -38.59 19.55 -4.78
C ILE C 147 -40.00 19.07 -4.63
N CYS C 148 -40.40 18.04 -5.38
CA CYS C 148 -41.79 17.49 -5.35
C CYS C 148 -42.16 16.79 -4.02
N ARG C 149 -41.22 16.06 -3.44
CA ARG C 149 -41.54 15.48 -2.17
C ARG C 149 -41.74 16.64 -1.15
N ASP C 150 -40.95 17.69 -1.26
CA ASP C 150 -41.06 18.80 -0.34
C ASP C 150 -42.38 19.57 -0.36
N LEU C 151 -42.77 19.99 -1.55
CA LEU C 151 -43.99 20.78 -1.72
C LEU C 151 -45.24 19.97 -1.41
N SER C 152 -45.12 18.65 -1.58
CA SER C 152 -46.14 17.67 -1.17
C SER C 152 -46.58 17.80 0.27
N HIS C 153 -45.68 18.22 1.15
CA HIS C 153 -45.98 18.33 2.58
C HIS C 153 -46.73 19.64 2.85
N ILE C 154 -46.72 20.55 1.88
CA ILE C 154 -47.36 21.88 1.97
C ILE C 154 -48.75 21.99 1.27
N GLY C 155 -48.95 21.26 0.17
CA GLY C 155 -50.29 21.19 -0.48
C GLY C 155 -50.32 20.18 -1.62
N ASP C 156 -51.45 20.07 -2.31
CA ASP C 156 -51.58 19.03 -3.37
C ASP C 156 -51.15 19.49 -4.79
N ALA C 157 -50.93 20.78 -4.99
CA ALA C 157 -50.67 21.33 -6.33
C ALA C 157 -49.39 22.19 -6.41
N VAL C 158 -48.61 22.04 -7.47
CA VAL C 158 -47.42 22.86 -7.66
C VAL C 158 -47.61 23.78 -8.86
N VAL C 159 -47.25 25.05 -8.70
CA VAL C 159 -47.41 26.02 -9.74
C VAL C 159 -46.04 26.14 -10.34
N ILE C 160 -45.81 25.62 -11.52
CA ILE C 160 -44.49 25.72 -12.10
C ILE C 160 -44.46 26.97 -12.95
N SER C 161 -43.41 27.75 -12.81
CA SER C 161 -43.33 29.06 -13.45
C SER C 161 -41.93 29.32 -13.94
N CYS C 162 -41.74 29.80 -15.17
CA CYS C 162 -40.42 30.37 -15.61
C CYS C 162 -40.47 31.83 -15.95
N ALA C 163 -39.61 32.60 -15.30
CA ALA C 163 -39.42 34.02 -15.62
C ALA C 163 -38.01 34.21 -16.15
N LYS C 164 -37.46 35.40 -15.94
CA LYS C 164 -36.17 35.74 -16.54
C LYS C 164 -35.09 34.70 -16.29
N ASP C 165 -34.99 33.72 -17.20
CA ASP C 165 -33.94 32.72 -17.13
C ASP C 165 -33.91 32.05 -15.75
N GLY C 166 -35.08 31.62 -15.28
CA GLY C 166 -35.18 30.97 -13.96
C GLY C 166 -36.56 30.39 -13.64
N VAL C 167 -36.57 29.23 -12.99
CA VAL C 167 -37.80 28.54 -12.65
C VAL C 167 -38.14 28.49 -11.16
N LYS C 168 -39.41 28.30 -10.88
CA LYS C 168 -39.90 28.31 -9.53
C LYS C 168 -41.15 27.45 -9.39
N PHE C 169 -41.19 26.62 -8.36
CA PHE C 169 -42.36 25.81 -8.00
C PHE C 169 -42.94 26.32 -6.66
N SER C 170 -44.26 26.44 -6.58
CA SER C 170 -44.85 27.03 -5.38
C SER C 170 -46.03 26.21 -4.98
N ALA C 171 -46.53 26.40 -3.75
CA ALA C 171 -47.61 25.59 -3.26
C ALA C 171 -48.10 26.14 -1.96
N SER C 172 -49.32 25.82 -1.57
CA SER C 172 -49.79 26.30 -0.26
C SER C 172 -50.85 25.42 0.30
N GLY C 173 -51.05 25.52 1.61
CA GLY C 173 -51.97 24.63 2.31
C GLY C 173 -52.19 25.07 3.74
N GLU C 174 -52.70 24.18 4.56
CA GLU C 174 -52.94 24.49 5.95
C GLU C 174 -51.75 25.21 6.56
N LEU C 175 -50.57 24.61 6.41
CA LEU C 175 -49.33 24.99 7.15
C LEU C 175 -48.71 26.35 6.74
N GLY C 176 -49.07 26.85 5.57
CA GLY C 176 -48.50 28.11 5.05
C GLY C 176 -48.13 27.88 3.59
N ASN C 177 -47.46 28.84 2.95
CA ASN C 177 -47.11 28.65 1.53
C ASN C 177 -45.62 28.55 1.41
N GLY C 178 -45.11 28.09 0.29
CA GLY C 178 -43.68 28.11 0.07
C GLY C 178 -43.30 27.98 -1.39
N ASN C 179 -42.18 28.53 -1.78
CA ASN C 179 -41.68 28.26 -3.10
C ASN C 179 -40.19 28.09 -3.14
N ILE C 180 -39.73 27.52 -4.23
CA ILE C 180 -38.36 27.10 -4.44
C ILE C 180 -37.78 27.59 -5.79
N LYS C 181 -36.90 28.55 -5.76
CA LYS C 181 -36.40 29.18 -6.98
C LYS C 181 -35.10 28.57 -7.46
N LEU C 182 -35.14 27.78 -8.52
CA LEU C 182 -33.89 27.26 -9.12
C LEU C 182 -33.29 28.30 -10.05
N SER C 183 -31.98 28.30 -10.18
CA SER C 183 -31.36 29.21 -11.11
C SER C 183 -30.53 28.47 -12.13
N GLN C 184 -30.41 29.10 -13.31
CA GLN C 184 -29.61 28.57 -14.41
C GLN C 184 -28.16 28.44 -13.97
N THR C 185 -27.69 27.20 -13.83
CA THR C 185 -26.34 26.93 -13.41
C THR C 185 -25.69 25.96 -14.40
N ALA C 194 -26.01 20.87 -12.25
CA ALA C 194 -26.22 21.56 -13.54
C ALA C 194 -27.72 21.74 -13.92
N VAL C 195 -28.20 22.98 -13.83
CA VAL C 195 -29.55 23.42 -14.20
C VAL C 195 -29.48 24.26 -15.48
N THR C 196 -30.08 23.72 -16.54
CA THR C 196 -30.14 24.38 -17.83
C THR C 196 -31.60 24.68 -18.12
N ILE C 197 -31.92 25.95 -18.37
CA ILE C 197 -33.27 26.43 -18.70
C ILE C 197 -33.35 26.98 -20.13
N GLU C 198 -34.20 26.39 -20.96
CA GLU C 198 -34.33 26.92 -22.31
C GLU C 198 -35.67 27.56 -22.48
N MET C 199 -35.68 28.89 -22.44
CA MET C 199 -36.92 29.63 -22.51
C MET C 199 -36.98 30.49 -23.74
N ASN C 200 -38.15 30.47 -24.34
CA ASN C 200 -38.40 31.33 -25.43
C ASN C 200 -39.71 32.11 -25.14
N GLU C 201 -40.48 31.63 -24.15
CA GLU C 201 -41.61 32.39 -23.63
C GLU C 201 -41.88 32.01 -22.17
N PRO C 202 -42.16 32.99 -21.31
CA PRO C 202 -42.43 32.68 -19.92
C PRO C 202 -43.68 31.83 -19.79
N VAL C 203 -43.74 30.91 -18.81
CA VAL C 203 -44.82 29.95 -18.79
C VAL C 203 -45.34 29.66 -17.38
N GLN C 204 -46.60 29.35 -17.25
CA GLN C 204 -47.11 29.20 -15.92
C GLN C 204 -48.28 28.22 -15.75
N LEU C 205 -48.01 27.07 -15.10
CA LEU C 205 -49.00 25.97 -15.00
C LEU C 205 -49.16 25.46 -13.57
N THR C 206 -50.26 24.76 -13.31
CA THR C 206 -50.46 24.05 -12.10
C THR C 206 -50.71 22.54 -12.35
N PHE C 207 -49.98 21.71 -11.60
CA PHE C 207 -50.14 20.30 -11.69
C PHE C 207 -50.38 19.66 -10.31
N ALA C 208 -51.10 18.53 -10.36
CA ALA C 208 -51.26 17.58 -9.28
C ALA C 208 -49.90 17.03 -8.79
N LEU C 209 -49.51 17.33 -7.54
CA LEU C 209 -48.21 16.84 -7.04
C LEU C 209 -48.23 15.34 -6.88
N ARG C 210 -49.39 14.78 -6.61
CA ARG C 210 -49.51 13.36 -6.50
C ARG C 210 -48.97 12.59 -7.73
N TYR C 211 -49.12 13.15 -8.90
CA TYR C 211 -48.65 12.44 -10.08
C TYR C 211 -47.20 12.60 -10.28
N LEU C 212 -46.71 13.81 -10.03
CA LEU C 212 -45.28 14.06 -10.18
C LEU C 212 -44.51 13.14 -9.25
N ASN C 213 -45.04 12.96 -8.06
CA ASN C 213 -44.41 12.04 -7.13
C ASN C 213 -44.44 10.57 -7.59
N PHE C 214 -45.42 10.15 -8.37
CA PHE C 214 -45.30 8.87 -9.09
C PHE C 214 -44.20 8.98 -10.15
N PHE C 215 -44.20 10.06 -10.91
CA PHE C 215 -43.22 10.17 -12.02
C PHE C 215 -41.83 9.96 -11.46
N THR C 216 -41.51 10.61 -10.34
CA THR C 216 -40.11 10.57 -9.83
C THR C 216 -39.62 9.20 -9.31
N LYS C 217 -40.43 8.15 -9.32
CA LYS C 217 -39.88 6.81 -9.09
C LYS C 217 -39.06 6.31 -10.27
N ALA C 218 -38.98 7.08 -11.35
CA ALA C 218 -38.02 6.73 -12.39
C ALA C 218 -36.64 7.36 -12.14
N THR C 219 -36.46 8.09 -11.05
CA THR C 219 -35.13 8.76 -10.75
C THR C 219 -33.87 7.89 -10.84
N PRO C 220 -33.96 6.67 -10.35
CA PRO C 220 -32.78 5.82 -10.39
C PRO C 220 -32.26 5.56 -11.79
N LEU C 221 -33.06 5.94 -12.77
CA LEU C 221 -32.71 5.64 -14.16
C LEU C 221 -31.80 6.62 -14.80
N SER C 222 -31.75 7.83 -14.28
CA SER C 222 -30.96 8.90 -14.90
C SER C 222 -30.58 9.96 -13.88
N SER C 223 -29.38 10.52 -14.01
CA SER C 223 -29.03 11.59 -13.11
C SER C 223 -29.76 12.83 -13.51
N THR C 224 -30.46 12.77 -14.63
CA THR C 224 -30.93 13.97 -15.28
C THR C 224 -32.38 13.81 -15.55
N VAL C 225 -33.17 14.89 -15.47
CA VAL C 225 -34.58 14.85 -15.88
C VAL C 225 -34.76 16.11 -16.68
N THR C 226 -35.66 16.09 -17.67
CA THR C 226 -36.00 17.32 -18.33
C THR C 226 -37.47 17.50 -18.17
N LEU C 227 -37.89 18.64 -17.64
CA LEU C 227 -39.27 19.10 -17.71
C LEU C 227 -39.56 20.01 -18.93
N SER C 228 -40.59 19.67 -19.74
CA SER C 228 -40.98 20.49 -20.90
C SER C 228 -42.38 21.07 -20.73
N MET C 229 -42.56 22.36 -20.99
CA MET C 229 -43.87 22.95 -20.74
C MET C 229 -44.26 24.08 -21.67
N SER C 230 -45.57 24.13 -21.94
CA SER C 230 -46.18 25.20 -22.70
C SER C 230 -47.57 25.47 -22.14
N ALA C 231 -48.02 26.70 -22.30
CA ALA C 231 -49.36 27.11 -21.90
C ALA C 231 -50.43 26.10 -22.30
N ASP C 232 -51.28 25.69 -21.35
CA ASP C 232 -52.48 24.91 -21.67
C ASP C 232 -52.20 23.50 -22.13
N VAL C 233 -50.96 22.94 -21.93
CA VAL C 233 -50.68 21.60 -22.51
C VAL C 233 -49.90 20.64 -21.62
N PRO C 234 -50.00 19.35 -21.89
CA PRO C 234 -49.40 18.42 -20.95
C PRO C 234 -47.94 18.72 -20.67
N LEU C 235 -47.57 18.61 -19.40
CA LEU C 235 -46.17 18.67 -18.98
C LEU C 235 -45.55 17.33 -19.35
N VAL C 236 -44.33 17.37 -19.85
CA VAL C 236 -43.65 16.18 -20.24
C VAL C 236 -42.49 16.15 -19.28
N VAL C 237 -42.36 15.03 -18.55
CA VAL C 237 -41.24 14.75 -17.68
C VAL C 237 -40.44 13.57 -18.22
N GLU C 238 -39.23 13.84 -18.72
CA GLU C 238 -38.48 12.79 -19.38
C GLU C 238 -37.20 12.32 -18.66
N TYR C 239 -36.97 11.01 -18.69
CA TYR C 239 -35.77 10.44 -18.14
C TYR C 239 -35.15 9.66 -19.28
N LYS C 240 -34.02 10.15 -19.78
CA LYS C 240 -33.34 9.38 -20.78
C LYS C 240 -32.73 8.17 -20.13
N ILE C 241 -32.85 7.02 -20.79
CA ILE C 241 -32.20 5.80 -20.33
C ILE C 241 -30.88 5.48 -21.04
N ALA C 242 -29.81 5.50 -20.23
CA ALA C 242 -28.48 5.09 -20.66
C ALA C 242 -28.41 5.56 -22.03
N ASP C 243 -28.01 4.70 -22.95
CA ASP C 243 -28.08 5.00 -24.38
C ASP C 243 -29.00 3.95 -24.97
N MET C 244 -30.25 3.99 -24.61
CA MET C 244 -31.09 2.89 -24.95
C MET C 244 -32.50 3.34 -25.32
N GLY C 245 -32.96 4.44 -24.77
CA GLY C 245 -34.30 4.87 -25.00
C GLY C 245 -34.67 5.94 -24.01
N HIS C 246 -35.96 6.08 -23.76
CA HIS C 246 -36.36 7.05 -22.78
C HIS C 246 -37.54 6.52 -22.01
N LEU C 247 -37.94 7.23 -20.96
CA LEU C 247 -39.21 6.99 -20.28
C LEU C 247 -39.82 8.36 -20.07
N LYS C 248 -40.99 8.59 -20.65
CA LYS C 248 -41.62 9.88 -20.63
C LYS C 248 -42.92 9.87 -19.88
N TYR C 249 -43.18 10.92 -19.12
CA TYR C 249 -44.44 11.06 -18.51
C TYR C 249 -45.09 12.37 -18.90
N TYR C 250 -46.39 12.28 -19.11
CA TYR C 250 -47.16 13.44 -19.56
C TYR C 250 -48.25 13.71 -18.55
N LEU C 251 -48.51 14.98 -18.30
CA LEU C 251 -49.44 15.29 -17.27
C LEU C 251 -50.24 16.52 -17.61
N ALA C 252 -51.56 16.33 -17.63
CA ALA C 252 -52.52 17.39 -17.90
C ALA C 252 -52.38 18.40 -16.82
N PRO C 253 -52.42 19.71 -17.15
CA PRO C 253 -52.45 20.79 -16.20
C PRO C 253 -53.67 20.67 -15.35
N LYS C 254 -53.70 21.31 -14.19
CA LYS C 254 -54.89 21.35 -13.35
C LYS C 254 -55.79 22.43 -13.94
N ILE C 255 -57.06 22.12 -14.14
CA ILE C 255 -57.93 22.99 -14.93
C ILE C 255 -57.84 24.45 -14.47
N PRO D 1 -59.46 15.25 -10.75
CA PRO D 1 -60.52 15.10 -11.77
C PRO D 1 -60.12 14.00 -12.71
N LYS D 2 -60.86 13.81 -13.80
CA LYS D 2 -60.49 12.73 -14.71
C LYS D 2 -60.55 13.10 -16.17
N HIS D 3 -59.87 12.32 -16.98
CA HIS D 3 -59.92 12.42 -18.44
C HIS D 3 -59.45 13.74 -19.01
N THR D 4 -58.83 14.58 -18.18
CA THR D 4 -58.29 15.82 -18.65
C THR D 4 -57.14 15.59 -19.62
N LEU D 5 -56.74 14.34 -19.79
CA LEU D 5 -55.62 14.07 -20.67
C LEU D 5 -56.13 13.66 -22.06
N ASP D 6 -57.43 13.33 -22.11
CA ASP D 6 -58.05 12.61 -23.27
C ASP D 6 -58.08 13.56 -24.44
N ILE D 7 -58.58 14.77 -24.16
CA ILE D 7 -58.44 15.98 -24.99
C ILE D 7 -57.08 16.22 -25.64
N PHE D 8 -55.99 15.58 -25.22
CA PHE D 8 -54.73 15.94 -25.82
C PHE D 8 -54.20 14.75 -26.55
N PHE D 9 -54.65 13.57 -26.15
CA PHE D 9 -54.10 12.36 -26.69
C PHE D 9 -55.24 11.45 -26.99
N LYS D 10 -55.61 11.39 -28.25
CA LYS D 10 -56.76 10.63 -28.69
C LYS D 10 -56.32 9.42 -29.47
N PRO D 11 -57.22 8.43 -29.51
CA PRO D 11 -56.90 7.03 -29.78
C PRO D 11 -56.58 6.55 -31.18
N LEU D 12 -56.32 7.40 -32.17
CA LEU D 12 -55.59 6.90 -33.34
C LEU D 12 -56.17 5.63 -34.03
N THR D 13 -57.36 5.77 -34.64
CA THR D 13 -57.99 4.65 -35.35
C THR D 13 -57.02 3.99 -36.33
N MET E 1 -23.53 -24.74 40.41
CA MET E 1 -24.05 -23.61 39.60
C MET E 1 -23.55 -23.72 38.17
N PHE E 2 -24.09 -22.85 37.31
CA PHE E 2 -23.65 -22.77 35.95
C PHE E 2 -23.25 -21.34 35.57
N GLU E 3 -22.05 -21.25 35.02
CA GLU E 3 -21.45 -19.98 34.68
C GLU E 3 -20.76 -20.18 33.36
N ALA E 4 -21.12 -19.34 32.40
CA ALA E 4 -20.52 -19.32 31.08
C ALA E 4 -20.40 -17.87 30.43
N ARG E 5 -19.20 -17.55 30.01
CA ARG E 5 -18.86 -16.22 29.64
C ARG E 5 -18.42 -16.30 28.18
N LEU E 6 -19.22 -15.67 27.31
CA LEU E 6 -19.05 -15.74 25.87
C LEU E 6 -18.51 -14.42 25.40
N VAL E 7 -17.33 -14.45 24.77
CA VAL E 7 -16.67 -13.20 24.39
C VAL E 7 -17.49 -12.55 23.29
N GLN E 8 -17.74 -13.25 22.20
CA GLN E 8 -18.60 -12.69 21.15
C GLN E 8 -20.12 -12.77 21.44
N GLY E 9 -20.59 -11.87 22.30
CA GLY E 9 -21.99 -11.87 22.70
C GLY E 9 -22.94 -11.83 21.53
N SER E 10 -22.44 -11.41 20.37
CA SER E 10 -23.24 -11.35 19.14
C SER E 10 -23.78 -12.73 18.74
N ILE E 11 -23.01 -13.77 19.01
CA ILE E 11 -23.48 -15.12 18.72
C ILE E 11 -24.79 -15.42 19.43
N LEU E 12 -24.91 -15.03 20.68
CA LEU E 12 -26.13 -15.34 21.40
C LEU E 12 -27.29 -14.53 20.83
N LYS E 13 -27.03 -13.24 20.57
CA LYS E 13 -28.08 -12.38 20.01
C LYS E 13 -28.59 -13.03 18.73
N LYS E 14 -27.71 -13.55 17.91
CA LYS E 14 -28.09 -14.13 16.67
C LYS E 14 -28.82 -15.45 16.79
N VAL E 15 -28.31 -16.32 17.68
CA VAL E 15 -28.90 -17.58 17.97
C VAL E 15 -30.32 -17.32 18.39
N LEU E 16 -30.51 -16.34 19.25
CA LEU E 16 -31.85 -16.10 19.79
C LEU E 16 -32.80 -15.51 18.80
N GLU E 17 -32.31 -14.64 17.91
CA GLU E 17 -33.15 -14.13 16.84
C GLU E 17 -33.58 -15.33 16.00
N ALA E 18 -32.64 -16.19 15.59
CA ALA E 18 -33.00 -17.32 14.75
C ALA E 18 -33.84 -18.42 15.49
N LEU E 19 -33.94 -18.39 16.80
CA LEU E 19 -34.82 -19.37 17.41
C LEU E 19 -36.24 -18.86 17.61
N LYS E 20 -36.42 -17.61 18.00
CA LYS E 20 -37.72 -17.18 18.52
C LYS E 20 -38.77 -17.11 17.47
N ASP E 21 -38.32 -17.09 16.23
CA ASP E 21 -39.25 -17.03 15.10
C ASP E 21 -39.81 -18.39 14.86
N LEU E 22 -38.99 -19.41 15.01
CA LEU E 22 -39.44 -20.77 14.85
C LEU E 22 -40.20 -21.34 16.07
N ILE E 23 -39.73 -21.02 17.28
CA ILE E 23 -40.26 -21.58 18.50
C ILE E 23 -40.31 -20.54 19.61
N ASN E 24 -41.37 -20.60 20.40
CA ASN E 24 -41.61 -19.62 21.46
C ASN E 24 -40.94 -20.03 22.77
N GLU E 25 -40.73 -21.33 22.97
CA GLU E 25 -40.26 -21.86 24.27
C GLU E 25 -39.41 -23.05 24.11
N ALA E 26 -38.38 -23.21 24.92
CA ALA E 26 -37.56 -24.40 24.81
C ALA E 26 -36.78 -24.66 26.09
N CYS E 27 -36.39 -25.92 26.26
CA CYS E 27 -35.49 -26.32 27.32
C CYS E 27 -34.01 -26.27 26.88
N TRP E 28 -33.23 -25.51 27.63
CA TRP E 28 -31.80 -25.38 27.41
C TRP E 28 -31.05 -26.41 28.22
N ASP E 29 -30.52 -27.44 27.55
CA ASP E 29 -29.81 -28.53 28.28
C ASP E 29 -28.34 -28.22 28.54
N ILE E 30 -28.06 -27.76 29.76
CA ILE E 30 -26.70 -27.42 30.17
C ILE E 30 -25.96 -28.60 30.81
N SER E 31 -24.85 -29.01 30.21
CA SER E 31 -24.02 -30.00 30.84
C SER E 31 -22.59 -29.48 30.83
N SER E 32 -21.65 -30.29 31.26
CA SER E 32 -20.31 -29.81 31.30
C SER E 32 -19.73 -29.73 29.88
N SER E 33 -20.28 -30.43 28.90
CA SER E 33 -19.70 -30.39 27.55
C SER E 33 -20.26 -29.19 26.73
N GLY E 34 -21.36 -28.61 27.22
CA GLY E 34 -21.81 -27.35 26.72
C GLY E 34 -23.31 -27.20 26.76
N VAL E 35 -23.83 -26.36 25.86
CA VAL E 35 -25.26 -26.09 25.79
C VAL E 35 -25.89 -26.87 24.63
N ASN E 36 -26.85 -27.72 24.92
CA ASN E 36 -27.63 -28.40 23.88
C ASN E 36 -29.11 -28.00 24.01
N LEU E 37 -29.71 -27.55 22.93
CA LEU E 37 -31.14 -27.22 22.94
C LEU E 37 -31.68 -27.98 21.76
N GLN E 38 -32.92 -28.41 21.85
CA GLN E 38 -33.58 -29.09 20.77
C GLN E 38 -35.07 -28.91 20.89
N SER E 39 -35.76 -28.53 19.79
CA SER E 39 -37.25 -28.46 19.80
C SER E 39 -37.96 -28.46 18.41
N MET E 40 -39.04 -29.26 18.31
CA MET E 40 -39.98 -29.17 17.19
C MET E 40 -40.70 -27.84 17.30
N ASP E 41 -41.17 -27.30 16.17
CA ASP E 41 -42.10 -26.15 16.17
C ASP E 41 -43.49 -26.58 16.51
N SER E 42 -44.38 -25.61 16.70
CA SER E 42 -45.69 -25.96 17.27
C SER E 42 -46.51 -26.91 16.39
N SER E 43 -46.27 -26.86 15.10
CA SER E 43 -47.07 -27.62 14.17
C SER E 43 -46.44 -28.97 13.94
N HIS E 44 -45.33 -29.21 14.64
CA HIS E 44 -44.55 -30.43 14.59
C HIS E 44 -44.16 -30.84 13.19
N VAL E 45 -43.78 -29.86 12.41
CA VAL E 45 -43.36 -30.13 11.06
C VAL E 45 -41.87 -29.99 10.89
N SER E 46 -41.25 -29.26 11.80
CA SER E 46 -39.79 -29.03 11.79
C SER E 46 -39.15 -28.96 13.18
N LEU E 47 -37.85 -29.15 13.22
CA LEU E 47 -37.17 -29.10 14.47
C LEU E 47 -35.87 -28.31 14.38
N VAL E 48 -35.56 -27.54 15.43
CA VAL E 48 -34.18 -26.89 15.62
C VAL E 48 -33.33 -27.65 16.62
N GLN E 49 -32.05 -27.74 16.32
CA GLN E 49 -31.09 -28.33 17.21
C GLN E 49 -29.85 -27.42 17.37
N LEU E 50 -29.65 -26.90 18.56
CA LEU E 50 -28.59 -25.94 18.76
C LEU E 50 -27.54 -26.58 19.66
N THR E 51 -26.28 -26.45 19.26
CA THR E 51 -25.17 -26.93 20.02
C THR E 51 -24.12 -25.87 20.28
N LEU E 52 -23.76 -25.67 21.56
CA LEU E 52 -22.69 -24.68 21.95
C LEU E 52 -21.76 -25.34 22.94
N ARG E 53 -20.56 -25.66 22.48
CA ARG E 53 -19.60 -26.45 23.24
C ARG E 53 -18.87 -25.56 24.24
N SER E 54 -18.54 -26.14 25.41
CA SER E 54 -17.81 -25.41 26.44
C SER E 54 -16.53 -24.82 25.94
N GLU E 55 -15.78 -25.46 25.02
CA GLU E 55 -14.45 -24.92 24.59
C GLU E 55 -14.56 -23.51 24.00
N GLY E 56 -15.73 -23.20 23.49
CA GLY E 56 -15.94 -21.93 22.82
C GLY E 56 -16.21 -20.73 23.71
N PHE E 57 -16.33 -20.98 25.02
CA PHE E 57 -16.47 -19.86 25.95
C PHE E 57 -15.11 -19.65 26.58
N ASP E 58 -14.73 -18.40 26.86
CA ASP E 58 -13.45 -18.24 27.53
C ASP E 58 -13.48 -18.74 29.00
N THR E 59 -14.66 -18.80 29.62
CA THR E 59 -14.92 -19.45 30.95
C THR E 59 -16.16 -20.33 30.94
N TYR E 60 -16.08 -21.53 31.50
CA TYR E 60 -17.27 -22.42 31.49
C TYR E 60 -17.36 -23.45 32.63
N ARG E 61 -18.40 -23.30 33.45
CA ARG E 61 -18.56 -24.08 34.66
C ARG E 61 -19.99 -24.68 34.78
N CYS E 62 -20.07 -25.99 34.84
CA CYS E 62 -21.34 -26.62 35.06
C CYS E 62 -21.19 -27.67 36.15
N ASP E 63 -21.76 -27.42 37.31
CA ASP E 63 -21.52 -28.36 38.38
C ASP E 63 -22.44 -29.55 38.44
N ARG E 64 -23.62 -29.40 37.84
CA ARG E 64 -24.59 -30.46 37.74
C ARG E 64 -25.43 -30.16 36.51
N ASN E 65 -25.72 -31.19 35.73
CA ASN E 65 -26.60 -31.10 34.63
C ASN E 65 -27.88 -30.37 34.99
N LEU E 66 -28.30 -29.52 34.06
CA LEU E 66 -29.36 -28.55 34.25
C LEU E 66 -30.31 -28.55 33.05
N ALA E 67 -31.58 -28.21 33.30
CA ALA E 67 -32.58 -28.17 32.26
C ALA E 67 -33.41 -26.88 32.36
N MET E 68 -33.08 -25.84 31.62
CA MET E 68 -33.83 -24.60 31.86
C MET E 68 -34.86 -24.34 30.79
N GLY E 69 -36.06 -24.05 31.28
CA GLY E 69 -37.22 -23.79 30.51
C GLY E 69 -37.32 -22.32 30.25
N VAL E 70 -37.05 -21.95 29.02
CA VAL E 70 -36.86 -20.56 28.66
C VAL E 70 -37.88 -20.08 27.65
N ASN E 71 -38.55 -18.97 27.95
CA ASN E 71 -39.40 -18.27 26.99
C ASN E 71 -38.50 -17.49 26.03
N LEU E 72 -38.25 -18.02 24.84
CA LEU E 72 -37.20 -17.47 23.97
C LEU E 72 -37.57 -16.11 23.42
N THR E 73 -38.85 -15.86 23.31
CA THR E 73 -39.28 -14.48 23.04
C THR E 73 -38.69 -13.51 24.07
N SER E 74 -38.76 -13.88 25.35
CA SER E 74 -38.38 -12.98 26.40
C SER E 74 -36.87 -12.88 26.49
N MET E 75 -36.20 -14.00 26.29
CA MET E 75 -34.74 -13.95 26.30
C MET E 75 -34.21 -13.05 25.19
N SER E 76 -34.90 -12.99 24.08
CA SER E 76 -34.46 -12.21 22.92
C SER E 76 -34.81 -10.77 23.13
N LYS E 77 -35.94 -10.46 23.72
CA LYS E 77 -36.15 -9.10 24.14
C LYS E 77 -34.96 -8.65 25.02
N ILE E 78 -34.55 -9.47 25.98
CA ILE E 78 -33.47 -9.09 26.84
C ILE E 78 -32.13 -9.01 26.10
N LEU E 79 -31.89 -9.90 25.14
CA LEU E 79 -30.59 -9.93 24.47
C LEU E 79 -30.40 -8.68 23.60
N LYS E 80 -31.49 -7.96 23.41
CA LYS E 80 -31.46 -6.74 22.62
C LYS E 80 -30.82 -5.62 23.41
N CYS E 81 -30.80 -5.76 24.74
CA CYS E 81 -30.16 -4.73 25.59
C CYS E 81 -28.68 -5.00 25.69
N ALA E 82 -28.17 -5.93 24.93
CA ALA E 82 -26.72 -6.17 24.85
C ALA E 82 -26.16 -5.61 23.56
N GLY E 83 -25.06 -4.88 23.65
CA GLY E 83 -24.29 -4.55 22.45
C GLY E 83 -23.82 -5.77 21.64
N ASN E 84 -23.47 -5.57 20.38
CA ASN E 84 -22.92 -6.64 19.61
C ASN E 84 -21.53 -6.96 20.00
N GLU E 85 -20.89 -6.02 20.68
CA GLU E 85 -19.53 -6.17 21.16
C GLU E 85 -19.48 -6.63 22.58
N ASP E 86 -20.62 -6.65 23.23
CA ASP E 86 -20.69 -6.97 24.63
C ASP E 86 -20.21 -8.42 24.89
N ILE E 87 -19.50 -8.61 26.00
CA ILE E 87 -19.27 -9.95 26.52
C ILE E 87 -20.48 -10.38 27.34
N ILE E 88 -20.99 -11.58 27.04
CA ILE E 88 -22.21 -12.05 27.69
C ILE E 88 -21.88 -13.26 28.58
N THR E 89 -22.28 -13.13 29.84
CA THR E 89 -22.17 -14.24 30.78
C THR E 89 -23.56 -14.81 31.08
N LEU E 90 -23.62 -16.10 31.25
CA LEU E 90 -24.88 -16.71 31.63
C LEU E 90 -24.60 -17.47 32.91
N ARG E 91 -25.56 -17.43 33.83
CA ARG E 91 -25.31 -17.88 35.18
C ARG E 91 -26.60 -18.29 35.77
N ALA E 92 -26.64 -19.50 36.30
CA ALA E 92 -27.79 -20.00 37.03
C ALA E 92 -27.31 -20.86 38.20
N GLU E 93 -28.08 -20.83 39.28
CA GLU E 93 -27.85 -21.70 40.40
C GLU E 93 -28.50 -23.06 40.16
N ASP E 94 -27.93 -24.14 40.68
CA ASP E 94 -28.39 -25.49 40.27
C ASP E 94 -29.86 -25.70 40.62
N ASN E 95 -30.41 -25.01 41.63
CA ASN E 95 -31.89 -24.85 41.63
C ASN E 95 -32.33 -23.84 40.58
N ALA E 96 -32.69 -24.25 39.37
CA ALA E 96 -32.93 -23.25 38.28
C ALA E 96 -34.28 -22.49 38.33
N ASP E 97 -34.38 -21.43 39.13
CA ASP E 97 -35.59 -20.58 39.12
C ASP E 97 -35.42 -19.29 38.26
N THR E 98 -34.18 -18.86 38.09
CA THR E 98 -33.83 -17.66 37.40
C THR E 98 -32.59 -17.90 36.58
N LEU E 99 -32.44 -17.10 35.54
CA LEU E 99 -31.21 -17.07 34.74
C LEU E 99 -30.72 -15.63 34.69
N ALA E 100 -29.44 -15.44 34.98
CA ALA E 100 -28.84 -14.13 34.94
C ALA E 100 -28.15 -13.97 33.62
N LEU E 101 -28.31 -12.81 32.99
CA LEU E 101 -27.55 -12.52 31.81
C LEU E 101 -26.87 -11.26 32.15
N VAL E 102 -25.54 -11.30 32.14
CA VAL E 102 -24.70 -10.13 32.43
C VAL E 102 -24.03 -9.67 31.14
N PHE E 103 -24.15 -8.37 30.82
CA PHE E 103 -23.61 -7.84 29.57
C PHE E 103 -22.55 -6.84 29.88
N GLU E 104 -21.33 -7.12 29.46
CA GLU E 104 -20.21 -6.26 29.77
C GLU E 104 -19.60 -5.61 28.52
N ALA E 105 -19.45 -4.29 28.55
CA ALA E 105 -18.81 -3.58 27.47
C ALA E 105 -17.36 -4.05 27.43
N PRO E 106 -16.76 -4.16 26.24
CA PRO E 106 -15.31 -4.53 26.25
C PRO E 106 -14.46 -3.64 27.23
N ASN E 107 -14.57 -2.31 27.11
CA ASN E 107 -13.81 -1.46 28.05
C ASN E 107 -14.23 -1.67 29.51
N GLN E 108 -15.16 -2.57 29.77
CA GLN E 108 -15.61 -2.80 31.15
C GLN E 108 -16.32 -1.62 31.86
N GLU E 109 -16.40 -0.47 31.19
CA GLU E 109 -16.98 0.74 31.81
C GLU E 109 -18.48 0.62 32.12
N LYS E 110 -19.15 -0.27 31.41
CA LYS E 110 -20.60 -0.49 31.53
C LYS E 110 -20.94 -1.98 31.73
N VAL E 111 -21.70 -2.28 32.79
CA VAL E 111 -22.14 -3.64 33.06
C VAL E 111 -23.64 -3.64 33.38
N SER E 112 -24.33 -4.53 32.71
CA SER E 112 -25.78 -4.58 32.74
C SER E 112 -26.08 -5.97 33.28
N ASP E 113 -26.89 -6.06 34.33
CA ASP E 113 -27.29 -7.38 34.86
C ASP E 113 -28.80 -7.54 34.62
N TYR E 114 -29.22 -8.61 33.95
CA TYR E 114 -30.65 -8.87 33.75
C TYR E 114 -31.03 -10.21 34.35
N GLU E 115 -32.19 -10.26 34.96
CA GLU E 115 -32.67 -11.49 35.58
C GLU E 115 -33.96 -11.96 34.95
N MET E 116 -33.94 -13.16 34.39
CA MET E 116 -35.11 -13.72 33.71
C MET E 116 -35.74 -14.86 34.51
N LYS E 117 -37.03 -14.74 34.77
CA LYS E 117 -37.78 -15.86 35.34
C LYS E 117 -37.86 -17.02 34.35
N LEU E 118 -37.38 -18.18 34.79
CA LEU E 118 -37.39 -19.40 34.00
C LEU E 118 -38.65 -20.18 34.21
N MET E 119 -38.84 -21.22 33.43
CA MET E 119 -40.14 -21.82 33.33
C MET E 119 -40.16 -23.31 33.52
N ASP E 120 -41.38 -23.76 33.82
CA ASP E 120 -41.72 -25.15 34.00
C ASP E 120 -42.03 -25.75 32.64
N LEU E 121 -41.18 -26.65 32.13
CA LEU E 121 -41.34 -27.18 30.78
C LEU E 121 -41.15 -28.66 30.72
N ASP E 122 -42.25 -29.41 30.69
CA ASP E 122 -42.18 -30.86 30.52
C ASP E 122 -41.95 -31.12 29.03
N VAL E 123 -40.85 -31.78 28.70
CA VAL E 123 -40.52 -32.06 27.30
C VAL E 123 -39.84 -33.41 27.17
N GLU E 124 -40.31 -34.25 26.26
CA GLU E 124 -39.65 -35.53 26.07
C GLU E 124 -38.58 -35.50 24.99
N GLN E 125 -37.34 -35.14 25.33
CA GLN E 125 -36.28 -35.21 24.35
C GLN E 125 -36.57 -36.25 23.25
N LEU E 126 -36.15 -35.96 22.03
CA LEU E 126 -36.47 -36.80 20.87
C LEU E 126 -35.23 -37.47 20.30
N GLY E 127 -35.38 -38.61 19.66
CA GLY E 127 -34.25 -39.32 19.10
C GLY E 127 -34.11 -39.06 17.60
N ILE E 128 -32.91 -38.65 17.20
CA ILE E 128 -32.63 -38.40 15.81
C ILE E 128 -31.78 -39.49 15.22
N PRO E 129 -32.35 -40.64 14.91
CA PRO E 129 -31.50 -41.73 14.50
C PRO E 129 -30.39 -41.31 13.56
N GLU E 130 -29.37 -42.17 13.43
CA GLU E 130 -28.21 -41.86 12.60
C GLU E 130 -28.62 -41.86 11.14
N GLN E 131 -28.23 -40.82 10.42
CA GLN E 131 -28.62 -40.65 8.99
C GLN E 131 -27.45 -40.34 8.05
N GLU E 132 -27.29 -41.12 6.99
CA GLU E 132 -26.36 -40.74 5.94
C GLU E 132 -27.18 -40.30 4.74
N TYR E 133 -26.59 -39.37 3.96
CA TYR E 133 -27.30 -38.56 2.95
C TYR E 133 -26.80 -38.69 1.50
N SER E 134 -27.76 -38.95 0.59
CA SER E 134 -27.54 -39.04 -0.88
C SER E 134 -26.95 -37.76 -1.49
N CYS E 135 -27.39 -36.62 -0.97
CA CYS E 135 -27.01 -35.33 -1.51
C CYS E 135 -26.73 -34.36 -0.36
N VAL E 136 -25.49 -33.85 -0.31
CA VAL E 136 -25.12 -32.74 0.59
C VAL E 136 -24.63 -31.50 -0.20
N VAL E 137 -25.18 -30.34 0.14
CA VAL E 137 -24.93 -29.12 -0.61
C VAL E 137 -24.42 -28.04 0.26
N LYS E 138 -23.23 -27.55 -0.06
CA LYS E 138 -22.60 -26.48 0.69
C LYS E 138 -22.56 -25.25 -0.19
N MET E 139 -23.08 -24.14 0.31
CA MET E 139 -23.24 -22.97 -0.54
C MET E 139 -23.37 -21.73 0.33
N PRO E 140 -23.13 -20.55 -0.24
CA PRO E 140 -23.18 -19.37 0.60
C PRO E 140 -24.53 -19.24 1.25
N SER E 141 -24.54 -18.91 2.55
CA SER E 141 -25.81 -18.82 3.27
C SER E 141 -26.73 -17.78 2.65
N GLY E 142 -26.16 -16.67 2.18
CA GLY E 142 -26.93 -15.53 1.72
C GLY E 142 -27.55 -15.76 0.33
N GLU E 143 -26.88 -16.62 -0.42
CA GLU E 143 -27.34 -17.03 -1.70
C GLU E 143 -28.59 -17.88 -1.46
N PHE E 144 -28.44 -18.87 -0.59
CA PHE E 144 -29.58 -19.72 -0.16
C PHE E 144 -30.70 -18.95 0.47
N ALA E 145 -30.46 -17.89 1.19
CA ALA E 145 -31.58 -17.08 1.71
C ALA E 145 -32.31 -16.34 0.61
N ARG E 146 -31.56 -15.85 -0.39
CA ARG E 146 -32.16 -15.18 -1.54
C ARG E 146 -33.05 -16.14 -2.35
N ILE E 147 -32.55 -17.35 -2.57
CA ILE E 147 -33.33 -18.36 -3.28
C ILE E 147 -34.66 -18.60 -2.58
N CYS E 148 -34.62 -18.85 -1.27
CA CYS E 148 -35.86 -19.00 -0.54
C CYS E 148 -36.75 -17.80 -0.54
N ARG E 149 -36.20 -16.63 -0.29
CA ARG E 149 -37.10 -15.48 -0.20
C ARG E 149 -37.84 -15.24 -1.52
N ASP E 150 -37.12 -15.42 -2.62
CA ASP E 150 -37.61 -15.18 -3.97
C ASP E 150 -38.67 -16.19 -4.46
N LEU E 151 -38.31 -17.47 -4.42
CA LEU E 151 -39.23 -18.48 -4.83
C LEU E 151 -40.47 -18.33 -4.02
N SER E 152 -40.35 -17.73 -2.86
CA SER E 152 -41.55 -17.63 -2.05
C SER E 152 -42.43 -16.50 -2.45
N HIS E 153 -42.03 -15.67 -3.41
CA HIS E 153 -43.00 -14.76 -4.07
C HIS E 153 -43.74 -15.41 -5.26
N ILE E 154 -43.21 -16.54 -5.67
CA ILE E 154 -43.73 -17.34 -6.72
C ILE E 154 -44.68 -18.42 -6.20
N GLY E 155 -44.30 -19.20 -5.19
CA GLY E 155 -45.23 -20.23 -4.68
C GLY E 155 -44.95 -20.55 -3.23
N ASP E 156 -45.63 -21.53 -2.64
CA ASP E 156 -45.35 -21.82 -1.26
C ASP E 156 -44.63 -23.14 -1.02
N ALA E 157 -44.25 -23.80 -2.09
CA ALA E 157 -43.51 -25.04 -1.98
C ALA E 157 -42.30 -24.93 -2.87
N VAL E 158 -41.24 -25.63 -2.55
CA VAL E 158 -40.12 -25.69 -3.42
C VAL E 158 -39.72 -27.11 -3.62
N VAL E 159 -39.64 -27.50 -4.87
CA VAL E 159 -39.05 -28.75 -5.23
C VAL E 159 -37.55 -28.48 -5.32
N ILE E 160 -36.78 -29.32 -4.65
CA ILE E 160 -35.35 -29.27 -4.72
C ILE E 160 -34.90 -30.54 -5.34
N SER E 161 -34.03 -30.43 -6.35
CA SER E 161 -33.54 -31.57 -7.13
C SER E 161 -32.05 -31.61 -7.34
N CYS E 162 -31.41 -32.75 -7.05
CA CYS E 162 -29.99 -33.02 -7.38
C CYS E 162 -30.02 -34.11 -8.42
N ALA E 163 -29.13 -34.04 -9.39
CA ALA E 163 -29.18 -35.01 -10.46
C ALA E 163 -27.82 -35.20 -11.13
N LYS E 164 -27.01 -34.14 -11.14
CA LYS E 164 -25.70 -34.22 -11.80
C LYS E 164 -24.71 -33.38 -11.05
N ASP E 165 -24.23 -32.33 -11.73
CA ASP E 165 -23.31 -31.41 -11.09
C ASP E 165 -24.04 -30.34 -10.28
N GLY E 166 -25.34 -30.21 -10.46
CA GLY E 166 -26.04 -29.07 -9.89
C GLY E 166 -27.26 -29.39 -9.06
N VAL E 167 -27.88 -28.35 -8.53
CA VAL E 167 -29.18 -28.50 -7.94
C VAL E 167 -30.14 -27.39 -8.39
N LYS E 168 -31.41 -27.78 -8.54
CA LYS E 168 -32.47 -26.91 -8.98
C LYS E 168 -33.53 -26.77 -7.89
N PHE E 169 -33.90 -25.53 -7.59
CA PHE E 169 -35.02 -25.18 -6.76
C PHE E 169 -36.20 -24.71 -7.62
N SER E 170 -37.37 -25.35 -7.51
CA SER E 170 -38.53 -24.90 -8.27
C SER E 170 -39.71 -24.54 -7.41
N ALA E 171 -40.45 -23.55 -7.89
CA ALA E 171 -41.70 -23.18 -7.27
C ALA E 171 -42.70 -22.76 -8.36
N SER E 172 -43.99 -22.80 -8.07
CA SER E 172 -44.95 -22.25 -9.01
C SER E 172 -46.23 -21.80 -8.40
N GLY E 173 -46.80 -20.74 -8.96
CA GLY E 173 -48.01 -20.13 -8.40
C GLY E 173 -48.84 -19.36 -9.41
N GLU E 174 -49.69 -18.51 -8.87
CA GLU E 174 -50.58 -17.68 -9.66
C GLU E 174 -49.84 -16.85 -10.73
N LEU E 175 -48.76 -16.17 -10.36
CA LEU E 175 -48.00 -15.32 -11.30
C LEU E 175 -47.44 -16.12 -12.45
N GLY E 176 -47.01 -17.33 -12.15
CA GLY E 176 -46.46 -18.16 -13.17
C GLY E 176 -45.57 -19.12 -12.44
N ASN E 177 -44.48 -19.50 -13.09
CA ASN E 177 -43.62 -20.38 -12.39
C ASN E 177 -42.11 -20.05 -12.58
N GLY E 178 -41.26 -20.77 -11.87
CA GLY E 178 -39.85 -20.41 -11.82
C GLY E 178 -38.93 -21.47 -11.24
N ASN E 179 -37.70 -21.51 -11.72
CA ASN E 179 -36.72 -22.37 -11.11
C ASN E 179 -35.29 -21.80 -11.13
N ILE E 180 -34.44 -22.27 -10.23
CA ILE E 180 -33.12 -21.70 -10.07
C ILE E 180 -32.11 -22.83 -10.08
N LYS E 181 -31.11 -22.67 -10.94
CA LYS E 181 -30.15 -23.74 -11.17
C LYS E 181 -28.80 -23.32 -10.68
N LEU E 182 -28.19 -24.15 -9.85
CA LEU E 182 -26.89 -23.85 -9.29
C LEU E 182 -25.94 -24.86 -9.81
N SER E 183 -24.76 -24.39 -10.20
CA SER E 183 -23.70 -25.27 -10.66
C SER E 183 -22.52 -25.16 -9.73
N GLN E 184 -21.46 -25.94 -10.00
CA GLN E 184 -20.37 -26.06 -9.05
C GLN E 184 -19.24 -25.07 -9.27
N THR E 185 -18.61 -24.66 -8.17
CA THR E 185 -17.49 -23.70 -8.13
C THR E 185 -18.05 -22.38 -7.59
N ALA E 194 -18.73 -20.20 -3.85
CA ALA E 194 -18.29 -21.47 -3.26
C ALA E 194 -19.50 -22.41 -3.10
N VAL E 195 -19.94 -22.95 -4.23
CA VAL E 195 -20.98 -23.97 -4.22
C VAL E 195 -20.37 -25.32 -4.55
N THR E 196 -20.64 -26.27 -3.66
CA THR E 196 -20.22 -27.68 -3.81
C THR E 196 -21.38 -28.65 -3.64
N ILE E 197 -21.22 -29.83 -4.23
CA ILE E 197 -22.26 -30.83 -4.24
C ILE E 197 -21.65 -32.23 -4.17
N GLU E 198 -21.90 -32.93 -3.07
CA GLU E 198 -21.48 -34.31 -2.93
C GLU E 198 -22.72 -35.16 -3.17
N MET E 199 -22.96 -35.48 -4.43
CA MET E 199 -24.17 -36.18 -4.84
C MET E 199 -23.85 -37.63 -5.01
N ASN E 200 -24.56 -38.50 -4.31
CA ASN E 200 -24.23 -39.91 -4.35
C ASN E 200 -25.21 -40.63 -5.27
N GLU E 201 -26.46 -40.18 -5.24
CA GLU E 201 -27.47 -40.58 -6.20
C GLU E 201 -28.51 -39.45 -6.26
N PRO E 202 -29.16 -39.25 -7.41
CA PRO E 202 -30.08 -38.15 -7.46
C PRO E 202 -31.18 -38.19 -6.42
N VAL E 203 -31.80 -37.07 -6.12
CA VAL E 203 -32.92 -37.05 -5.22
C VAL E 203 -33.75 -35.79 -5.48
N GLN E 204 -35.05 -35.90 -5.23
CA GLN E 204 -36.03 -34.84 -5.47
C GLN E 204 -37.08 -34.81 -4.34
N LEU E 205 -37.17 -33.67 -3.66
CA LEU E 205 -38.05 -33.50 -2.54
C LEU E 205 -38.73 -32.16 -2.61
N THR E 206 -39.93 -32.11 -2.09
CA THR E 206 -40.68 -30.90 -1.99
C THR E 206 -40.75 -30.37 -0.53
N PHE E 207 -40.55 -29.05 -0.34
CA PHE E 207 -40.64 -28.47 1.02
C PHE E 207 -41.45 -27.20 1.11
N ALA E 208 -42.09 -26.96 2.24
CA ALA E 208 -42.73 -25.68 2.50
C ALA E 208 -41.70 -24.58 2.69
N LEU E 209 -41.79 -23.53 1.89
CA LEU E 209 -40.86 -22.43 1.93
C LEU E 209 -41.07 -21.55 3.16
N ARG E 210 -42.27 -21.49 3.66
CA ARG E 210 -42.53 -20.74 4.86
C ARG E 210 -41.55 -21.13 5.98
N TYR E 211 -41.19 -22.41 6.08
CA TYR E 211 -40.32 -22.87 7.14
C TYR E 211 -38.86 -22.57 6.84
N LEU E 212 -38.44 -22.87 5.61
CA LEU E 212 -37.11 -22.52 5.19
C LEU E 212 -36.84 -21.04 5.48
N ASN E 213 -37.81 -20.15 5.25
CA ASN E 213 -37.57 -18.75 5.55
C ASN E 213 -37.43 -18.51 7.04
N PHE E 214 -37.99 -19.39 7.89
CA PHE E 214 -37.68 -19.31 9.28
C PHE E 214 -36.19 -19.66 9.45
N PHE E 215 -35.83 -20.87 9.05
CA PHE E 215 -34.42 -21.32 9.13
C PHE E 215 -33.41 -20.21 8.72
N THR E 216 -33.66 -19.54 7.61
CA THR E 216 -32.67 -18.58 7.07
C THR E 216 -32.42 -17.38 8.00
N LYS E 217 -33.25 -17.24 9.05
CA LYS E 217 -33.02 -16.22 10.06
C LYS E 217 -31.70 -16.45 10.79
N ALA E 218 -31.15 -17.66 10.73
CA ALA E 218 -29.84 -17.97 11.29
C ALA E 218 -28.67 -17.48 10.39
N THR E 219 -29.04 -16.93 9.24
CA THR E 219 -28.05 -16.61 8.19
C THR E 219 -26.87 -15.80 8.70
N PRO E 220 -27.12 -14.83 9.57
CA PRO E 220 -25.97 -14.02 10.09
C PRO E 220 -24.88 -14.79 10.92
N LEU E 221 -25.17 -16.01 11.40
CA LEU E 221 -24.17 -16.78 12.15
C LEU E 221 -23.13 -17.38 11.24
N SER E 222 -23.42 -17.48 9.96
CA SER E 222 -22.43 -18.08 9.10
C SER E 222 -22.56 -17.70 7.66
N SER E 223 -21.43 -17.69 6.99
CA SER E 223 -21.44 -17.30 5.62
C SER E 223 -21.49 -18.53 4.75
N THR E 224 -21.53 -19.74 5.32
CA THR E 224 -21.91 -20.89 4.48
C THR E 224 -23.07 -21.60 5.12
N VAL E 225 -23.71 -22.47 4.35
CA VAL E 225 -24.83 -23.26 4.83
C VAL E 225 -24.81 -24.58 4.08
N THR E 226 -25.29 -25.63 4.74
CA THR E 226 -25.25 -26.98 4.22
C THR E 226 -26.62 -27.56 4.29
N LEU E 227 -26.97 -28.22 3.21
CA LEU E 227 -28.26 -28.85 3.12
C LEU E 227 -28.00 -30.29 2.93
N SER E 228 -28.78 -31.11 3.61
CA SER E 228 -28.63 -32.52 3.40
C SER E 228 -29.92 -33.18 3.14
N MET E 229 -29.91 -33.98 2.07
CA MET E 229 -31.13 -34.65 1.60
C MET E 229 -30.90 -36.10 1.17
N SER E 230 -31.87 -36.96 1.53
CA SER E 230 -31.96 -38.28 0.95
C SER E 230 -33.41 -38.48 0.67
N ALA E 231 -33.69 -39.40 -0.24
CA ALA E 231 -35.05 -39.78 -0.52
C ALA E 231 -35.88 -39.88 0.75
N ASP E 232 -36.85 -38.99 0.88
CA ASP E 232 -38.04 -39.25 1.69
C ASP E 232 -37.88 -39.13 3.15
N VAL E 233 -36.93 -38.31 3.56
CA VAL E 233 -36.67 -38.16 4.94
C VAL E 233 -36.21 -36.74 5.09
N PRO E 234 -36.27 -36.23 6.34
CA PRO E 234 -36.14 -34.79 6.60
C PRO E 234 -34.89 -34.14 5.98
N LEU E 235 -35.10 -32.94 5.40
CA LEU E 235 -33.99 -32.10 4.97
C LEU E 235 -33.24 -31.65 6.21
N VAL E 236 -31.92 -31.60 6.12
CA VAL E 236 -31.13 -30.97 7.19
C VAL E 236 -30.50 -29.68 6.74
N VAL E 237 -30.85 -28.63 7.44
CA VAL E 237 -30.28 -27.33 7.14
C VAL E 237 -29.43 -26.80 8.31
N GLU E 238 -28.15 -26.62 8.04
CA GLU E 238 -27.18 -26.46 9.09
C GLU E 238 -26.27 -25.29 8.92
N TYR E 239 -26.32 -24.43 9.92
CA TYR E 239 -25.43 -23.34 10.00
C TYR E 239 -24.39 -23.54 11.11
N LYS E 240 -23.13 -23.60 10.77
CA LYS E 240 -22.03 -23.62 11.78
C LYS E 240 -21.85 -22.28 12.54
N ILE E 241 -21.64 -22.39 13.86
CA ILE E 241 -21.33 -21.24 14.74
C ILE E 241 -19.83 -21.24 15.08
N ALA E 242 -19.15 -20.23 14.57
CA ALA E 242 -17.73 -20.06 14.89
C ALA E 242 -17.09 -21.39 14.76
N ASP E 243 -16.23 -21.69 15.71
CA ASP E 243 -15.56 -22.98 15.76
C ASP E 243 -16.27 -23.84 16.81
N MET E 244 -17.32 -23.29 17.41
CA MET E 244 -17.88 -23.76 18.66
C MET E 244 -19.26 -24.45 18.65
N GLY E 245 -19.80 -24.72 17.46
CA GLY E 245 -21.05 -25.46 17.29
C GLY E 245 -21.80 -25.26 15.99
N HIS E 246 -23.11 -25.21 16.07
CA HIS E 246 -23.95 -25.16 14.88
C HIS E 246 -25.39 -24.99 15.24
N LEU E 247 -26.22 -24.63 14.28
CA LEU E 247 -27.66 -24.56 14.46
C LEU E 247 -28.14 -25.42 13.27
N LYS E 248 -28.73 -26.57 13.59
CA LYS E 248 -29.28 -27.47 12.63
C LYS E 248 -30.76 -27.38 12.71
N TYR E 249 -31.37 -27.25 11.53
CA TYR E 249 -32.83 -27.28 11.36
C TYR E 249 -33.18 -28.48 10.56
N TYR E 250 -34.32 -29.07 10.87
CA TYR E 250 -34.80 -30.25 10.11
C TYR E 250 -36.21 -30.01 9.67
N LEU E 251 -36.55 -30.56 8.49
CA LEU E 251 -37.86 -30.28 7.93
C LEU E 251 -38.46 -31.38 7.11
N ALA E 252 -39.72 -31.66 7.42
CA ALA E 252 -40.34 -32.83 6.86
C ALA E 252 -40.82 -32.56 5.48
N PRO E 253 -40.42 -33.38 4.52
CA PRO E 253 -40.98 -33.24 3.18
C PRO E 253 -42.49 -32.95 3.11
N LYS E 254 -42.94 -32.37 2.01
CA LYS E 254 -44.38 -32.29 1.72
C LYS E 254 -44.90 -33.74 1.63
N ILE E 255 -46.05 -33.99 2.26
CA ILE E 255 -46.49 -35.37 2.46
C ILE E 255 -45.86 -36.31 1.41
N PRO F 1 -48.76 -31.55 6.59
CA PRO F 1 -49.12 -30.38 7.39
C PRO F 1 -48.59 -30.48 8.80
N LYS F 2 -49.40 -30.99 9.71
CA LYS F 2 -48.94 -31.12 11.06
C LYS F 2 -48.42 -32.52 11.34
N HIS F 3 -47.43 -32.59 12.22
CA HIS F 3 -47.08 -33.87 12.81
C HIS F 3 -46.40 -34.70 11.72
N THR F 4 -46.08 -34.11 10.58
CA THR F 4 -45.34 -34.85 9.58
C THR F 4 -43.95 -35.24 10.00
N LEU F 5 -43.42 -34.55 11.02
CA LEU F 5 -42.02 -34.81 11.50
C LEU F 5 -42.06 -35.88 12.67
N ASP F 6 -43.15 -35.86 13.45
CA ASP F 6 -43.50 -36.91 14.42
C ASP F 6 -43.22 -38.34 13.93
N ILE F 7 -43.00 -38.56 12.63
CA ILE F 7 -42.81 -39.94 12.19
C ILE F 7 -41.38 -40.31 12.05
N PHE F 8 -40.51 -39.34 12.22
CA PHE F 8 -39.09 -39.58 12.04
C PHE F 8 -38.40 -39.38 13.35
N PHE F 9 -38.98 -38.58 14.20
CA PHE F 9 -38.40 -38.19 15.43
C PHE F 9 -39.44 -38.42 16.54
N LYS F 10 -39.26 -39.52 17.27
CA LYS F 10 -40.20 -39.87 18.33
C LYS F 10 -39.52 -39.71 19.71
N PRO F 11 -40.31 -39.52 20.79
CA PRO F 11 -39.70 -39.42 22.12
C PRO F 11 -38.77 -40.61 22.39
N LEU F 12 -37.67 -40.34 23.09
CA LEU F 12 -36.62 -41.31 23.27
C LEU F 12 -36.80 -42.07 24.59
N MET G 1 71.21 -23.54 4.72
CA MET G 1 70.01 -22.87 5.26
C MET G 1 69.99 -21.36 5.06
N PHE G 2 68.86 -20.91 4.48
CA PHE G 2 68.52 -19.51 4.34
C PHE G 2 67.33 -19.26 5.26
N GLU G 3 67.45 -18.24 6.08
CA GLU G 3 66.32 -17.73 6.82
C GLU G 3 66.42 -16.20 6.74
N ALA G 4 65.34 -15.56 6.37
CA ALA G 4 65.27 -14.11 6.42
C ALA G 4 63.93 -13.78 6.97
N ARG G 5 63.85 -12.78 7.83
CA ARG G 5 62.63 -12.49 8.51
C ARG G 5 62.47 -11.04 8.35
N LEU G 6 61.36 -10.61 7.78
CA LEU G 6 61.09 -9.22 7.49
C LEU G 6 59.83 -8.76 8.18
N VAL G 7 59.93 -7.64 8.86
CA VAL G 7 58.92 -7.20 9.77
C VAL G 7 57.74 -6.72 9.02
N GLN G 8 58.02 -5.79 8.10
CA GLN G 8 57.06 -5.17 7.21
C GLN G 8 56.88 -6.03 5.97
N GLY G 9 55.87 -6.90 6.00
CA GLY G 9 55.67 -7.90 4.96
C GLY G 9 55.14 -7.25 3.73
N SER G 10 54.39 -6.15 3.90
CA SER G 10 53.87 -5.44 2.75
C SER G 10 54.97 -5.16 1.73
N ILE G 11 56.20 -5.01 2.18
CA ILE G 11 57.28 -4.77 1.23
C ILE G 11 57.29 -5.87 0.16
N LEU G 12 57.24 -7.11 0.61
CA LEU G 12 57.45 -8.25 -0.25
C LEU G 12 56.19 -8.50 -1.08
N LYS G 13 55.05 -8.17 -0.48
CA LYS G 13 53.84 -8.17 -1.24
C LYS G 13 53.99 -7.16 -2.39
N LYS G 14 54.47 -5.95 -2.10
CA LYS G 14 54.61 -4.97 -3.15
C LYS G 14 55.66 -5.32 -4.22
N VAL G 15 56.78 -5.92 -3.83
CA VAL G 15 57.82 -6.27 -4.78
C VAL G 15 57.31 -7.29 -5.83
N LEU G 16 56.55 -8.27 -5.36
CA LEU G 16 56.01 -9.30 -6.23
C LEU G 16 54.87 -8.83 -7.09
N GLU G 17 54.02 -7.93 -6.61
CA GLU G 17 53.11 -7.20 -7.53
C GLU G 17 53.95 -6.55 -8.64
N ALA G 18 54.95 -5.73 -8.29
CA ALA G 18 55.76 -5.10 -9.29
C ALA G 18 56.38 -6.12 -10.22
N LEU G 19 56.97 -7.17 -9.73
CA LEU G 19 57.73 -8.02 -10.61
C LEU G 19 56.86 -8.89 -11.51
N LYS G 20 55.76 -9.39 -10.95
CA LYS G 20 54.96 -10.40 -11.62
C LYS G 20 54.40 -9.85 -12.95
N ASP G 21 54.10 -8.55 -13.04
CA ASP G 21 53.50 -8.03 -14.26
C ASP G 21 54.48 -8.00 -15.44
N LEU G 22 55.72 -7.58 -15.20
CA LEU G 22 56.73 -7.52 -16.27
C LEU G 22 57.31 -8.88 -16.65
N ILE G 23 57.44 -9.78 -15.67
CA ILE G 23 58.08 -11.09 -15.89
C ILE G 23 57.42 -12.16 -15.04
N ASN G 24 57.60 -13.43 -15.38
CA ASN G 24 56.85 -14.41 -14.61
C ASN G 24 57.64 -15.50 -13.86
N GLU G 25 58.88 -15.76 -14.26
CA GLU G 25 59.78 -16.58 -13.44
C GLU G 25 61.09 -15.87 -13.33
N ALA G 26 61.88 -16.18 -12.30
CA ALA G 26 63.19 -15.58 -12.20
C ALA G 26 63.91 -16.17 -11.03
N CYS G 27 65.24 -16.12 -11.09
CA CYS G 27 66.11 -16.57 -10.02
C CYS G 27 66.20 -15.55 -8.94
N TRP G 28 65.86 -15.96 -7.71
CA TRP G 28 66.26 -15.20 -6.57
C TRP G 28 67.62 -15.77 -6.16
N ASP G 29 68.59 -14.86 -6.08
CA ASP G 29 69.97 -15.17 -5.71
C ASP G 29 70.24 -14.68 -4.29
N ILE G 30 70.42 -15.64 -3.42
CA ILE G 30 70.63 -15.36 -2.01
C ILE G 30 72.12 -15.49 -1.69
N SER G 31 72.67 -14.48 -1.06
CA SER G 31 74.01 -14.63 -0.54
C SER G 31 74.07 -13.94 0.80
N SER G 32 75.25 -13.85 1.37
CA SER G 32 75.36 -13.33 2.76
C SER G 32 74.92 -11.86 2.80
N SER G 33 75.19 -11.13 1.72
CA SER G 33 74.90 -9.70 1.67
C SER G 33 73.45 -9.38 1.39
N GLY G 34 72.73 -10.34 0.83
CA GLY G 34 71.29 -10.17 0.63
C GLY G 34 70.64 -11.02 -0.44
N VAL G 35 69.53 -10.51 -0.94
CA VAL G 35 68.77 -11.11 -2.03
C VAL G 35 68.99 -10.32 -3.33
N ASN G 36 69.16 -11.02 -4.44
CA ASN G 36 69.27 -10.32 -5.72
C ASN G 36 68.54 -11.01 -6.87
N LEU G 37 67.97 -10.22 -7.73
CA LEU G 37 67.19 -10.82 -8.75
C LEU G 37 67.31 -9.95 -9.98
N GLN G 38 67.57 -10.59 -11.10
CA GLN G 38 67.78 -9.85 -12.32
C GLN G 38 67.19 -10.65 -13.48
N SER G 39 66.38 -9.99 -14.31
CA SER G 39 65.70 -10.68 -15.36
C SER G 39 65.25 -9.68 -16.38
N MET G 40 65.36 -10.05 -17.67
CA MET G 40 64.71 -9.35 -18.80
C MET G 40 63.37 -9.95 -19.03
N ASP G 41 62.45 -9.21 -19.65
CA ASP G 41 61.14 -9.80 -19.98
C ASP G 41 61.31 -10.69 -21.21
N SER G 42 60.25 -11.38 -21.62
CA SER G 42 60.30 -12.26 -22.82
C SER G 42 61.02 -11.63 -23.99
N SER G 43 60.84 -10.32 -24.13
CA SER G 43 61.30 -9.60 -25.28
C SER G 43 62.72 -9.09 -25.22
N HIS G 44 63.20 -8.81 -24.02
CA HIS G 44 64.55 -8.30 -23.86
C HIS G 44 64.54 -6.80 -24.12
N VAL G 45 63.34 -6.25 -24.20
CA VAL G 45 63.24 -4.83 -24.32
C VAL G 45 63.49 -4.24 -22.93
N SER G 46 63.00 -4.92 -21.89
CA SER G 46 63.20 -4.47 -20.50
C SER G 46 63.95 -5.49 -19.60
N LEU G 47 64.44 -4.97 -18.49
CA LEU G 47 65.19 -5.72 -17.46
C LEU G 47 64.89 -5.13 -16.06
N VAL G 48 64.58 -6.00 -15.12
CA VAL G 48 64.42 -5.55 -13.73
C VAL G 48 65.54 -6.10 -12.91
N GLN G 49 66.02 -5.27 -11.98
CA GLN G 49 67.09 -5.66 -11.03
C GLN G 49 66.52 -5.32 -9.67
N LEU G 50 66.39 -6.35 -8.83
CA LEU G 50 66.00 -6.20 -7.38
C LEU G 50 67.19 -6.44 -6.48
N THR G 51 67.41 -5.55 -5.50
CA THR G 51 68.31 -5.87 -4.38
C THR G 51 67.57 -5.70 -3.06
N LEU G 52 67.70 -6.70 -2.18
CA LEU G 52 67.24 -6.58 -0.79
C LEU G 52 68.40 -6.87 0.21
N ARG G 53 68.99 -5.84 0.80
CA ARG G 53 70.15 -6.05 1.69
C ARG G 53 69.82 -6.76 3.05
N SER G 54 70.79 -7.50 3.58
CA SER G 54 70.52 -8.34 4.78
C SER G 54 70.18 -7.48 6.02
N GLU G 55 70.87 -6.37 6.17
CA GLU G 55 70.58 -5.43 7.22
C GLU G 55 69.13 -5.01 7.25
N GLY G 56 68.46 -5.10 6.11
CA GLY G 56 67.05 -4.70 6.03
C GLY G 56 66.15 -5.71 6.72
N PHE G 57 66.68 -6.88 7.07
CA PHE G 57 65.85 -7.95 7.70
C PHE G 57 66.07 -8.05 9.17
N ASP G 58 64.97 -8.17 9.92
CA ASP G 58 65.09 -8.32 11.32
C ASP G 58 65.94 -9.53 11.65
N THR G 59 66.00 -10.50 10.77
CA THR G 59 66.91 -11.62 10.94
C THR G 59 67.37 -12.03 9.58
N TYR G 60 68.48 -12.74 9.48
CA TYR G 60 68.95 -13.10 8.17
C TYR G 60 70.15 -13.99 8.22
N ARG G 61 69.96 -15.18 7.75
CA ARG G 61 70.99 -16.16 7.81
C ARG G 61 71.19 -16.78 6.44
N CYS G 62 72.42 -16.99 6.04
CA CYS G 62 72.71 -17.63 4.79
C CYS G 62 73.99 -18.42 4.84
N ASP G 63 73.87 -19.75 4.96
CA ASP G 63 75.04 -20.65 5.06
C ASP G 63 75.82 -20.79 3.78
N ARG G 64 75.13 -21.09 2.67
CA ARG G 64 75.76 -21.21 1.36
C ARG G 64 74.90 -20.43 0.39
N ASN G 65 75.53 -19.83 -0.62
CA ASN G 65 74.82 -19.12 -1.68
C ASN G 65 73.78 -19.99 -2.34
N LEU G 66 72.58 -19.46 -2.57
CA LEU G 66 71.52 -20.21 -3.26
C LEU G 66 71.01 -19.54 -4.51
N ALA G 67 70.64 -20.36 -5.50
CA ALA G 67 69.99 -19.86 -6.72
C ALA G 67 68.60 -20.45 -6.84
N MET G 68 67.57 -19.72 -6.44
CA MET G 68 66.23 -20.27 -6.45
C MET G 68 65.45 -19.88 -7.71
N GLY G 69 65.02 -20.89 -8.48
CA GLY G 69 64.07 -20.67 -9.58
C GLY G 69 62.64 -20.54 -9.09
N VAL G 70 62.05 -19.36 -9.29
CA VAL G 70 60.70 -19.03 -8.81
C VAL G 70 59.74 -18.52 -9.88
N ASN G 71 58.61 -19.19 -10.03
CA ASN G 71 57.41 -18.66 -10.63
C ASN G 71 56.80 -17.53 -9.80
N LEU G 72 57.05 -16.30 -10.24
CA LEU G 72 56.72 -15.07 -9.50
C LEU G 72 55.21 -14.91 -9.40
N THR G 73 54.56 -15.36 -10.46
CA THR G 73 53.11 -15.43 -10.54
C THR G 73 52.56 -16.23 -9.36
N SER G 74 53.07 -17.44 -9.16
CA SER G 74 52.72 -18.26 -8.00
C SER G 74 53.13 -17.60 -6.68
N MET G 75 54.27 -16.91 -6.65
CA MET G 75 54.80 -16.44 -5.38
C MET G 75 53.87 -15.33 -4.90
N SER G 76 53.45 -14.52 -5.86
CA SER G 76 52.59 -13.36 -5.61
C SER G 76 51.23 -13.78 -5.12
N LYS G 77 50.70 -14.80 -5.77
CA LYS G 77 49.39 -15.31 -5.39
C LYS G 77 49.42 -15.79 -3.91
N ILE G 78 50.52 -16.38 -3.49
CA ILE G 78 50.65 -16.83 -2.13
C ILE G 78 50.78 -15.66 -1.15
N LEU G 79 51.62 -14.67 -1.53
CA LEU G 79 51.76 -13.41 -0.75
C LEU G 79 50.45 -12.71 -0.52
N LYS G 80 49.48 -13.00 -1.39
CA LYS G 80 48.15 -12.44 -1.24
C LYS G 80 47.55 -13.03 0.00
N CYS G 81 48.20 -14.05 0.54
CA CYS G 81 47.67 -14.67 1.79
C CYS G 81 48.31 -14.12 3.02
N ALA G 82 49.24 -13.20 2.86
CA ALA G 82 49.80 -12.47 3.97
C ALA G 82 49.00 -11.21 4.14
N GLY G 83 48.64 -10.81 5.36
CA GLY G 83 48.09 -9.47 5.57
C GLY G 83 49.19 -8.40 5.38
N ASN G 84 48.81 -7.14 5.16
CA ASN G 84 49.90 -6.12 4.99
C ASN G 84 50.84 -5.92 6.20
N GLU G 85 50.31 -6.08 7.40
CA GLU G 85 51.09 -5.89 8.62
C GLU G 85 51.61 -7.20 9.19
N ASP G 86 51.73 -8.21 8.35
CA ASP G 86 52.27 -9.50 8.75
C ASP G 86 53.77 -9.48 8.67
N ILE G 87 54.39 -10.35 9.42
CA ILE G 87 55.79 -10.50 9.36
C ILE G 87 55.98 -11.74 8.55
N ILE G 88 56.89 -11.69 7.63
CA ILE G 88 57.08 -12.74 6.69
C ILE G 88 58.51 -13.22 6.81
N THR G 89 58.65 -14.52 6.94
CA THR G 89 59.93 -15.14 6.94
C THR G 89 60.08 -16.04 5.75
N LEU G 90 61.21 -15.99 5.10
CA LEU G 90 61.45 -16.84 3.96
C LEU G 90 62.45 -17.92 4.30
N ARG G 91 62.29 -19.10 3.72
CA ARG G 91 63.17 -20.21 4.07
C ARG G 91 63.33 -21.26 2.99
N ALA G 92 64.55 -21.78 2.88
CA ALA G 92 64.86 -22.84 1.92
C ALA G 92 66.00 -23.68 2.45
N GLU G 93 65.94 -24.99 2.22
CA GLU G 93 66.95 -25.97 2.67
C GLU G 93 68.19 -26.00 1.75
N ASP G 94 69.09 -26.97 1.99
CA ASP G 94 70.28 -27.14 1.17
C ASP G 94 69.93 -27.41 -0.30
N ASN G 95 69.73 -28.68 -0.66
CA ASN G 95 69.32 -29.03 -2.04
C ASN G 95 67.86 -28.63 -2.29
N ALA G 96 67.08 -28.66 -1.22
CA ALA G 96 65.64 -28.31 -1.20
C ALA G 96 65.09 -27.68 -2.48
N ASP G 97 63.84 -27.99 -2.71
CA ASP G 97 63.17 -27.80 -3.96
C ASP G 97 61.95 -26.92 -3.66
N THR G 98 61.92 -26.42 -2.43
CA THR G 98 60.82 -25.70 -1.82
C THR G 98 61.28 -24.36 -1.34
N LEU G 99 60.33 -23.53 -0.98
CA LEU G 99 60.58 -22.28 -0.33
C LEU G 99 59.47 -22.11 0.65
N ALA G 100 59.79 -21.98 1.91
CA ALA G 100 58.71 -21.79 2.86
C ALA G 100 58.46 -20.32 3.09
N LEU G 101 57.22 -19.93 3.01
CA LEU G 101 56.88 -18.59 3.38
C LEU G 101 56.03 -18.70 4.59
N VAL G 102 56.38 -17.99 5.66
CA VAL G 102 55.61 -18.05 6.90
C VAL G 102 55.14 -16.63 7.22
N PHE G 103 53.84 -16.45 7.37
CA PHE G 103 53.30 -15.15 7.70
C PHE G 103 52.74 -15.10 9.12
N GLU G 104 53.24 -14.16 9.95
CA GLU G 104 52.78 -13.96 11.33
C GLU G 104 51.90 -12.76 11.51
N ALA G 105 50.67 -13.00 11.95
CA ALA G 105 49.73 -11.92 12.24
C ALA G 105 50.29 -11.03 13.36
N PRO G 106 50.10 -9.71 13.18
CA PRO G 106 50.53 -8.68 14.08
C PRO G 106 51.11 -9.24 15.36
N ASN G 107 50.23 -9.56 16.30
CA ASN G 107 50.62 -10.15 17.59
C ASN G 107 49.69 -11.28 17.89
N GLN G 108 48.41 -10.93 17.99
CA GLN G 108 47.36 -11.92 17.99
C GLN G 108 47.98 -13.01 17.15
N GLU G 109 47.90 -14.27 17.61
CA GLU G 109 48.63 -15.32 16.91
C GLU G 109 47.84 -16.24 15.95
N LYS G 110 48.04 -15.91 14.68
CA LYS G 110 47.59 -16.61 13.55
C LYS G 110 48.90 -16.73 12.82
N VAL G 111 49.30 -17.93 12.47
CA VAL G 111 50.46 -18.10 11.63
C VAL G 111 50.23 -19.14 10.55
N SER G 112 50.63 -18.77 9.33
CA SER G 112 50.36 -19.56 8.13
C SER G 112 51.62 -20.00 7.48
N ASP G 113 51.67 -21.27 7.10
CA ASP G 113 52.84 -21.84 6.46
C ASP G 113 52.57 -22.27 5.01
N TYR G 114 53.09 -21.50 4.08
CA TYR G 114 52.98 -21.82 2.65
C TYR G 114 54.25 -22.50 2.19
N GLU G 115 54.11 -23.54 1.39
CA GLU G 115 55.25 -24.26 0.92
C GLU G 115 55.25 -24.19 -0.60
N MET G 116 56.11 -23.37 -1.16
CA MET G 116 56.03 -23.15 -2.60
C MET G 116 57.04 -23.95 -3.41
N LYS G 117 56.58 -24.67 -4.43
CA LYS G 117 57.48 -25.43 -5.29
C LYS G 117 58.41 -24.51 -6.09
N LEU G 118 59.67 -24.88 -6.20
CA LEU G 118 60.63 -24.12 -6.93
C LEU G 118 60.86 -24.75 -8.28
N MET G 119 61.49 -23.99 -9.18
CA MET G 119 61.66 -24.43 -10.54
C MET G 119 63.09 -24.42 -10.92
N ASP G 120 63.43 -25.35 -11.79
CA ASP G 120 64.78 -25.41 -12.29
C ASP G 120 64.87 -24.40 -13.41
N LEU G 121 65.79 -23.45 -13.27
CA LEU G 121 65.74 -22.25 -14.10
C LEU G 121 67.11 -21.78 -14.59
N ASP G 122 67.51 -22.20 -15.78
CA ASP G 122 68.84 -21.88 -16.31
C ASP G 122 68.92 -20.42 -16.81
N VAL G 123 69.67 -19.60 -16.06
CA VAL G 123 69.78 -18.16 -16.29
C VAL G 123 71.25 -17.81 -16.26
N GLU G 124 71.69 -16.97 -17.19
CA GLU G 124 73.09 -16.55 -17.26
C GLU G 124 73.29 -15.07 -16.89
N GLN G 125 73.28 -14.79 -15.59
CA GLN G 125 73.58 -13.45 -15.05
C GLN G 125 74.24 -12.48 -16.05
N LEU G 126 73.76 -11.23 -16.08
CA LEU G 126 74.20 -10.20 -17.04
C LEU G 126 74.90 -8.99 -16.40
N GLY G 127 75.91 -8.48 -17.07
CA GLY G 127 76.67 -7.35 -16.55
C GLY G 127 76.13 -6.01 -17.04
N ILE G 128 75.70 -5.18 -16.10
CA ILE G 128 75.15 -3.88 -16.45
C ILE G 128 76.18 -2.77 -16.23
N PRO G 129 77.19 -2.68 -17.10
CA PRO G 129 78.14 -1.62 -16.83
C PRO G 129 77.45 -0.43 -16.18
N GLU G 130 78.04 0.08 -15.09
CA GLU G 130 77.60 1.36 -14.53
C GLU G 130 78.26 2.52 -15.29
N GLN G 131 77.63 3.69 -15.25
CA GLN G 131 78.01 4.76 -16.15
C GLN G 131 77.38 6.07 -15.70
N GLU G 132 77.89 7.18 -16.25
CA GLU G 132 77.34 8.50 -15.96
C GLU G 132 76.22 8.83 -16.96
N TYR G 133 75.21 9.55 -16.49
CA TYR G 133 74.05 9.87 -17.30
C TYR G 133 73.94 11.39 -17.58
N SER G 134 73.66 11.77 -18.82
CA SER G 134 73.46 13.18 -19.11
C SER G 134 72.40 13.72 -18.20
N CYS G 135 71.34 12.94 -17.97
CA CYS G 135 70.17 13.45 -17.28
C CYS G 135 69.58 12.54 -16.22
N VAL G 136 69.45 13.09 -15.02
CA VAL G 136 68.76 12.47 -13.95
C VAL G 136 67.65 13.33 -13.45
N VAL G 137 66.51 12.68 -13.26
CA VAL G 137 65.30 13.34 -12.78
C VAL G 137 64.80 12.58 -11.56
N LYS G 138 64.52 13.33 -10.50
CA LYS G 138 63.91 12.79 -9.31
C LYS G 138 62.58 13.49 -9.08
N MET G 139 61.50 12.71 -9.07
CA MET G 139 60.18 13.25 -8.92
C MET G 139 59.31 12.32 -8.12
N PRO G 140 58.16 12.85 -7.66
CA PRO G 140 57.21 11.99 -6.92
C PRO G 140 56.79 10.84 -7.82
N SER G 141 56.62 9.64 -7.25
CA SER G 141 56.33 8.47 -8.03
C SER G 141 54.90 8.57 -8.57
N GLY G 142 53.99 9.03 -7.72
CA GLY G 142 52.62 9.32 -8.16
C GLY G 142 52.60 10.21 -9.41
N GLU G 143 53.29 11.34 -9.39
CA GLU G 143 53.33 12.19 -10.56
C GLU G 143 53.76 11.34 -11.78
N PHE G 144 54.82 10.54 -11.68
CA PHE G 144 55.33 9.79 -12.84
C PHE G 144 54.38 8.71 -13.32
N ALA G 145 53.53 8.25 -12.44
CA ALA G 145 52.65 7.16 -12.79
C ALA G 145 51.54 7.76 -13.63
N ARG G 146 50.96 8.84 -13.10
CA ARG G 146 49.90 9.56 -13.77
C ARG G 146 50.40 10.01 -15.16
N ILE G 147 51.61 10.55 -15.23
CA ILE G 147 52.16 10.93 -16.53
C ILE G 147 52.12 9.76 -17.53
N CYS G 148 52.60 8.58 -17.13
CA CYS G 148 52.70 7.46 -18.09
C CYS G 148 51.31 6.98 -18.42
N ARG G 149 50.36 7.19 -17.51
CA ARG G 149 49.03 6.61 -17.72
C ARG G 149 48.20 7.50 -18.65
N ASP G 150 48.27 8.80 -18.40
CA ASP G 150 47.56 9.75 -19.21
C ASP G 150 48.03 9.66 -20.66
N LEU G 151 49.35 9.64 -20.85
CA LEU G 151 49.90 9.67 -22.16
C LEU G 151 49.62 8.41 -22.95
N SER G 152 49.34 7.32 -22.25
CA SER G 152 49.11 6.06 -22.92
C SER G 152 47.72 6.03 -23.51
N HIS G 153 46.87 6.96 -23.05
CA HIS G 153 45.56 7.14 -23.58
C HIS G 153 45.59 7.81 -24.95
N ILE G 154 46.68 8.53 -25.19
CA ILE G 154 46.91 9.39 -26.33
C ILE G 154 47.82 8.69 -27.35
N GLY G 155 48.79 7.90 -26.89
CA GLY G 155 49.69 7.19 -27.83
C GLY G 155 50.35 5.96 -27.22
N ASP G 156 51.13 5.25 -28.01
CA ASP G 156 51.80 4.04 -27.59
C ASP G 156 53.25 4.34 -27.20
N ALA G 157 53.67 5.59 -27.33
CA ALA G 157 55.09 5.92 -27.17
C ALA G 157 55.19 7.30 -26.58
N VAL G 158 56.28 7.54 -25.82
CA VAL G 158 56.53 8.85 -25.25
C VAL G 158 57.92 9.27 -25.62
N VAL G 159 58.03 10.51 -26.07
CA VAL G 159 59.33 11.08 -26.31
C VAL G 159 59.71 11.78 -25.02
N ILE G 160 60.85 11.46 -24.47
CA ILE G 160 61.28 12.16 -23.26
C ILE G 160 62.36 13.18 -23.56
N SER G 161 62.07 14.41 -23.20
CA SER G 161 62.99 15.52 -23.51
C SER G 161 63.53 16.23 -22.29
N CYS G 162 64.75 15.87 -21.92
CA CYS G 162 65.41 16.43 -20.76
C CYS G 162 66.38 17.48 -21.29
N ALA G 163 66.01 18.75 -21.14
CA ALA G 163 66.79 19.83 -21.73
C ALA G 163 66.58 21.17 -21.03
N LYS G 164 67.35 22.18 -21.45
CA LYS G 164 67.35 23.49 -20.81
C LYS G 164 66.81 23.44 -19.40
N ASP G 165 65.59 23.91 -19.21
CA ASP G 165 65.03 24.02 -17.86
C ASP G 165 64.73 22.65 -17.23
N GLY G 166 63.80 21.91 -17.84
CA GLY G 166 63.35 20.66 -17.27
C GLY G 166 63.01 19.60 -18.29
N VAL G 167 61.99 18.84 -18.02
CA VAL G 167 61.79 17.68 -18.82
C VAL G 167 60.42 17.72 -19.47
N LYS G 168 60.36 17.30 -20.71
CA LYS G 168 59.07 17.22 -21.39
C LYS G 168 58.74 15.81 -21.78
N PHE G 169 57.47 15.48 -21.65
CA PHE G 169 56.95 14.20 -22.15
C PHE G 169 55.94 14.39 -23.26
N SER G 170 56.09 13.64 -24.35
CA SER G 170 55.17 13.80 -25.47
C SER G 170 54.71 12.49 -26.07
N ALA G 171 53.50 12.50 -26.57
CA ALA G 171 52.84 11.33 -27.11
C ALA G 171 51.86 11.82 -28.16
N SER G 172 51.47 10.97 -29.11
CA SER G 172 50.47 11.39 -30.11
C SER G 172 49.87 10.22 -30.81
N GLY G 173 48.66 10.39 -31.30
CA GLY G 173 47.87 9.30 -31.87
C GLY G 173 46.55 9.82 -32.41
N GLU G 174 45.65 8.91 -32.75
CA GLU G 174 44.36 9.28 -33.31
C GLU G 174 43.74 10.49 -32.59
N LEU G 175 43.69 10.41 -31.26
CA LEU G 175 43.05 11.44 -30.44
C LEU G 175 43.62 12.84 -30.63
N GLY G 176 44.94 12.94 -30.69
CA GLY G 176 45.61 14.18 -30.92
C GLY G 176 46.99 14.13 -30.30
N ASN G 177 47.53 15.32 -30.01
CA ASN G 177 48.86 15.42 -29.43
C ASN G 177 48.78 15.87 -27.99
N GLY G 178 49.75 15.43 -27.22
CA GLY G 178 49.83 15.85 -25.86
C GLY G 178 51.28 15.91 -25.46
N ASN G 179 51.60 16.90 -24.65
CA ASN G 179 52.88 16.88 -23.99
C ASN G 179 52.78 17.46 -22.61
N ILE G 180 53.61 16.90 -21.72
CA ILE G 180 53.61 17.31 -20.35
C ILE G 180 54.97 17.87 -19.96
N LYS G 181 54.96 19.10 -19.50
CA LYS G 181 56.18 19.84 -19.19
C LYS G 181 56.45 19.97 -17.69
N LEU G 182 57.65 19.55 -17.31
CA LEU G 182 58.05 19.51 -15.93
C LEU G 182 59.22 20.42 -15.68
N SER G 183 59.14 21.14 -14.57
CA SER G 183 60.19 22.08 -14.21
C SER G 183 60.66 21.91 -12.76
N GLN G 184 61.74 22.58 -12.42
CA GLN G 184 62.42 22.44 -11.12
C GLN G 184 61.56 22.73 -9.85
N THR G 185 61.79 21.90 -8.83
CA THR G 185 61.18 22.00 -7.46
C THR G 185 59.65 22.07 -7.45
N ALA G 194 58.15 17.25 -4.96
CA ALA G 194 59.45 17.85 -5.33
C ALA G 194 60.08 17.25 -6.59
N VAL G 195 60.50 18.12 -7.51
CA VAL G 195 61.02 17.65 -8.80
C VAL G 195 62.38 18.27 -9.13
N THR G 196 63.38 17.42 -9.29
CA THR G 196 64.72 17.93 -9.57
C THR G 196 65.27 17.28 -10.82
N ILE G 197 66.15 18.05 -11.45
CA ILE G 197 66.72 17.67 -12.71
C ILE G 197 68.20 18.00 -12.77
N GLU G 198 69.03 16.98 -12.78
CA GLU G 198 70.44 17.13 -13.08
C GLU G 198 70.63 16.91 -14.56
N MET G 199 71.06 17.95 -15.28
CA MET G 199 71.20 17.83 -16.71
C MET G 199 72.59 18.23 -17.15
N ASN G 200 73.36 17.25 -17.60
CA ASN G 200 74.71 17.49 -18.08
C ASN G 200 74.69 18.14 -19.47
N GLU G 201 73.64 17.78 -20.22
CA GLU G 201 73.43 18.18 -21.59
C GLU G 201 72.04 17.66 -22.01
N PRO G 202 71.44 18.27 -23.04
CA PRO G 202 70.16 17.80 -23.53
C PRO G 202 70.13 16.34 -24.00
N VAL G 203 68.97 15.72 -23.89
CA VAL G 203 68.76 14.41 -24.42
C VAL G 203 67.29 14.35 -24.74
N GLN G 204 66.98 13.73 -25.87
CA GLN G 204 65.64 13.43 -26.20
C GLN G 204 65.58 11.99 -26.58
N LEU G 205 64.70 11.22 -25.92
CA LEU G 205 64.53 9.81 -26.31
C LEU G 205 63.08 9.33 -26.32
N THR G 206 62.90 8.19 -26.99
CA THR G 206 61.61 7.60 -27.20
C THR G 206 61.46 6.17 -26.67
N PHE G 207 60.42 5.95 -25.86
CA PHE G 207 60.21 4.67 -25.19
C PHE G 207 58.77 4.18 -25.31
N ALA G 208 58.57 2.87 -25.26
CA ALA G 208 57.22 2.30 -25.34
C ALA G 208 56.48 2.46 -23.99
N LEU G 209 55.35 3.16 -23.98
CA LEU G 209 54.57 3.34 -22.76
C LEU G 209 54.08 2.03 -22.10
N ARG G 210 54.07 0.95 -22.83
CA ARG G 210 53.57 -0.31 -22.35
C ARG G 210 54.51 -0.72 -21.21
N TYR G 211 55.80 -0.55 -21.40
CA TYR G 211 56.75 -0.94 -20.38
C TYR G 211 56.81 0.03 -19.22
N LEU G 212 56.90 1.31 -19.48
CA LEU G 212 56.78 2.18 -18.39
C LEU G 212 55.58 1.80 -17.51
N ASN G 213 54.46 1.34 -18.08
CA ASN G 213 53.25 1.21 -17.26
C ASN G 213 53.31 -0.10 -16.45
N PHE G 214 54.25 -0.97 -16.80
CA PHE G 214 54.65 -2.03 -15.90
C PHE G 214 55.53 -1.51 -14.77
N PHE G 215 56.61 -0.82 -15.13
CA PHE G 215 57.51 -0.23 -14.15
C PHE G 215 56.71 0.49 -13.04
N THR G 216 55.73 1.29 -13.40
CA THR G 216 55.04 2.07 -12.41
C THR G 216 54.18 1.22 -11.50
N LYS G 217 54.14 -0.07 -11.75
CA LYS G 217 53.58 -1.01 -10.76
C LYS G 217 54.33 -0.97 -9.40
N ALA G 218 55.62 -0.67 -9.43
CA ALA G 218 56.40 -0.45 -8.22
C ALA G 218 56.02 0.76 -7.39
N THR G 219 55.03 1.55 -7.79
CA THR G 219 54.84 2.87 -7.15
C THR G 219 54.63 2.76 -5.63
N PRO G 220 53.81 1.80 -5.22
CA PRO G 220 53.56 1.70 -3.78
C PRO G 220 54.86 1.51 -2.89
N LEU G 221 56.02 1.21 -3.46
CA LEU G 221 57.26 1.03 -2.69
C LEU G 221 58.02 2.27 -2.28
N SER G 222 57.68 3.41 -2.82
CA SER G 222 58.44 4.59 -2.55
C SER G 222 57.66 5.72 -3.08
N SER G 223 57.84 6.88 -2.49
CA SER G 223 57.09 8.02 -2.89
C SER G 223 57.91 8.88 -3.87
N THR G 224 59.14 8.47 -4.13
CA THR G 224 59.83 9.12 -5.19
C THR G 224 60.43 8.14 -6.17
N VAL G 225 60.72 8.61 -7.39
CA VAL G 225 61.32 7.78 -8.41
C VAL G 225 62.33 8.59 -9.16
N THR G 226 63.38 7.94 -9.63
CA THR G 226 64.38 8.67 -10.42
C THR G 226 64.55 8.04 -11.78
N LEU G 227 64.67 8.93 -12.76
CA LEU G 227 64.85 8.56 -14.13
C LEU G 227 66.22 9.03 -14.52
N SER G 228 66.91 8.19 -15.28
CA SER G 228 68.26 8.44 -15.71
C SER G 228 68.37 8.15 -17.17
N MET G 229 68.88 9.14 -17.89
CA MET G 229 68.85 9.10 -19.34
C MET G 229 70.18 9.59 -19.89
N SER G 230 70.70 8.84 -20.87
CA SER G 230 71.76 9.34 -21.76
C SER G 230 71.42 8.97 -23.19
N ALA G 231 71.97 9.72 -24.14
CA ALA G 231 71.75 9.43 -25.56
C ALA G 231 72.15 8.00 -25.92
N ASP G 232 71.21 7.26 -26.48
CA ASP G 232 71.49 5.91 -26.99
C ASP G 232 71.78 4.82 -25.94
N VAL G 233 71.25 5.01 -24.74
CA VAL G 233 71.49 4.01 -23.73
C VAL G 233 70.21 3.79 -23.00
N PRO G 234 70.04 2.65 -22.36
CA PRO G 234 68.70 2.44 -21.80
C PRO G 234 68.28 3.48 -20.78
N LEU G 235 66.99 3.68 -20.67
CA LEU G 235 66.44 4.42 -19.55
C LEU G 235 66.57 3.51 -18.34
N VAL G 236 66.86 4.13 -17.20
CA VAL G 236 66.69 3.51 -15.90
C VAL G 236 65.71 4.31 -15.07
N VAL G 237 64.85 3.55 -14.43
CA VAL G 237 63.80 4.03 -13.59
C VAL G 237 64.03 3.24 -12.27
N GLU G 238 64.22 3.97 -11.18
CA GLU G 238 64.64 3.36 -9.92
C GLU G 238 63.74 3.78 -8.76
N TYR G 239 63.31 2.79 -8.00
CA TYR G 239 62.42 3.02 -6.89
C TYR G 239 63.14 2.50 -5.66
N LYS G 240 63.45 3.36 -4.71
CA LYS G 240 64.15 2.95 -3.50
C LYS G 240 63.20 2.22 -2.54
N ILE G 241 63.68 1.16 -1.90
CA ILE G 241 62.90 0.43 -0.92
C ILE G 241 63.45 0.77 0.45
N ALA G 242 62.78 1.69 1.12
CA ALA G 242 63.09 2.04 2.52
C ALA G 242 64.48 1.64 3.00
N ASP G 243 65.48 2.33 2.49
CA ASP G 243 66.85 2.16 2.98
C ASP G 243 67.41 0.74 2.89
N MET G 244 66.63 -0.22 2.41
CA MET G 244 67.12 -1.62 2.36
C MET G 244 67.52 -2.13 0.94
N GLY G 245 67.18 -1.37 -0.08
CA GLY G 245 67.56 -1.71 -1.45
C GLY G 245 66.75 -0.98 -2.53
N HIS G 246 66.53 -1.65 -3.65
CA HIS G 246 65.74 -1.01 -4.66
C HIS G 246 65.20 -1.98 -5.69
N LEU G 247 64.30 -1.47 -6.51
CA LEU G 247 63.92 -2.03 -7.79
C LEU G 247 64.43 -1.07 -8.87
N LYS G 248 65.21 -1.58 -9.80
CA LYS G 248 65.73 -0.77 -10.88
C LYS G 248 65.25 -1.36 -12.17
N TYR G 249 64.59 -0.55 -13.01
CA TYR G 249 64.15 -1.03 -14.34
C TYR G 249 64.93 -0.36 -15.47
N TYR G 250 65.17 -1.15 -16.50
CA TYR G 250 65.89 -0.69 -17.66
C TYR G 250 65.04 -0.91 -18.93
N LEU G 251 65.04 0.08 -19.82
CA LEU G 251 64.23 -0.01 -21.07
C LEU G 251 65.00 0.49 -22.26
N ALA G 252 65.17 -0.32 -23.29
CA ALA G 252 65.84 0.18 -24.50
C ALA G 252 65.04 1.30 -25.20
N PRO G 253 65.72 2.35 -25.67
CA PRO G 253 64.97 3.29 -26.50
C PRO G 253 64.20 2.58 -27.59
N LYS G 254 63.05 3.12 -27.94
CA LYS G 254 62.24 2.60 -29.04
C LYS G 254 62.58 3.34 -30.34
N ILE G 255 62.53 2.60 -31.45
CA ILE G 255 62.83 3.17 -32.77
C ILE G 255 61.54 3.36 -33.57
N LYS H 2 62.49 -4.25 -33.61
CA LYS H 2 62.56 -3.58 -32.31
C LYS H 2 63.92 -3.84 -31.66
N HIS H 3 64.49 -2.79 -31.06
CA HIS H 3 65.77 -2.90 -30.37
C HIS H 3 65.64 -3.53 -28.99
N THR H 4 66.55 -4.43 -28.69
CA THR H 4 66.54 -5.10 -27.41
C THR H 4 67.72 -4.62 -26.58
N LEU H 5 67.77 -5.07 -25.34
CA LEU H 5 68.82 -4.68 -24.40
C LEU H 5 70.10 -5.49 -24.67
N ASP H 6 69.99 -6.52 -25.49
CA ASP H 6 71.10 -7.46 -25.74
C ASP H 6 72.39 -6.79 -26.24
N ILE H 7 72.32 -5.72 -27.03
CA ILE H 7 73.58 -5.08 -27.43
C ILE H 7 74.25 -4.56 -26.17
N PHE H 8 73.44 -4.15 -25.21
CA PHE H 8 73.93 -3.43 -24.04
C PHE H 8 74.42 -4.31 -22.89
N PHE H 9 73.69 -5.41 -22.63
CA PHE H 9 73.92 -6.23 -21.44
C PHE H 9 74.36 -7.67 -21.81
N LYS H 10 75.59 -8.04 -21.47
CA LYS H 10 76.13 -9.36 -21.83
C LYS H 10 76.53 -10.18 -20.60
N PRO H 11 76.86 -11.46 -20.79
CA PRO H 11 77.26 -12.31 -19.65
C PRO H 11 78.77 -12.39 -19.44
N MET I 1 -2.96 -11.34 8.39
CA MET I 1 -2.27 -10.17 9.02
C MET I 1 -0.88 -10.54 9.54
N PHE I 2 0.15 -10.17 8.79
CA PHE I 2 1.49 -10.24 9.27
C PHE I 2 2.09 -8.90 9.05
N GLU I 3 2.77 -8.35 10.03
CA GLU I 3 3.50 -7.10 9.93
C GLU I 3 4.72 -7.14 10.83
N ALA I 4 5.81 -6.58 10.46
CA ALA I 4 6.99 -6.64 11.30
C ALA I 4 7.87 -5.44 11.01
N ARG I 5 8.15 -4.67 12.06
CA ARG I 5 8.87 -3.46 11.88
C ARG I 5 10.21 -3.62 12.52
N LEU I 6 11.25 -3.50 11.72
CA LEU I 6 12.60 -3.63 12.19
C LEU I 6 13.32 -2.32 12.03
N VAL I 7 13.63 -1.65 13.12
CA VAL I 7 14.22 -0.31 13.03
C VAL I 7 15.61 -0.32 12.41
N GLN I 8 16.42 -1.32 12.78
CA GLN I 8 17.73 -1.48 12.15
C GLN I 8 17.53 -2.30 10.88
N GLY I 9 17.08 -1.63 9.82
CA GLY I 9 16.78 -2.27 8.56
C GLY I 9 17.96 -2.95 7.90
N SER I 10 19.17 -2.58 8.22
CA SER I 10 20.30 -3.17 7.55
C SER I 10 20.47 -4.64 7.83
N ILE I 11 19.93 -5.09 8.96
CA ILE I 11 20.03 -6.49 9.26
C ILE I 11 19.43 -7.26 8.12
N LEU I 12 18.21 -6.87 7.75
CA LEU I 12 17.43 -7.55 6.75
C LEU I 12 18.13 -7.44 5.39
N LYS I 13 18.83 -6.34 5.14
CA LYS I 13 19.60 -6.31 3.88
C LYS I 13 20.75 -7.30 3.88
N LYS I 14 21.52 -7.29 4.96
CA LYS I 14 22.64 -8.22 5.06
C LYS I 14 22.19 -9.67 5.01
N VAL I 15 21.00 -9.93 5.54
CA VAL I 15 20.49 -11.30 5.59
C VAL I 15 20.24 -11.78 4.23
N LEU I 16 19.74 -10.88 3.40
CA LEU I 16 19.37 -11.33 2.07
C LEU I 16 20.58 -11.45 1.24
N GLU I 17 21.58 -10.65 1.55
CA GLU I 17 22.79 -10.71 0.79
C GLU I 17 23.44 -12.04 1.05
N ALA I 18 23.23 -12.54 2.24
CA ALA I 18 23.92 -13.74 2.68
C ALA I 18 23.14 -14.95 2.20
N LEU I 19 21.84 -14.78 1.93
CA LEU I 19 21.03 -15.93 1.47
C LEU I 19 21.21 -16.22 0.02
N LYS I 20 20.95 -15.19 -0.80
CA LYS I 20 20.80 -15.29 -2.28
C LYS I 20 22.01 -15.89 -2.95
N ASP I 21 23.13 -15.82 -2.26
CA ASP I 21 24.38 -16.37 -2.74
C ASP I 21 24.38 -17.89 -2.65
N LEU I 22 23.78 -18.46 -1.61
CA LEU I 22 23.75 -19.88 -1.54
C LEU I 22 22.49 -20.47 -2.25
N ILE I 23 21.38 -19.78 -2.17
CA ILE I 23 20.14 -20.36 -2.68
C ILE I 23 19.32 -19.30 -3.35
N ASN I 24 18.45 -19.71 -4.26
CA ASN I 24 17.74 -18.74 -5.09
C ASN I 24 16.29 -18.52 -4.62
N GLU I 25 15.77 -19.46 -3.85
CA GLU I 25 14.39 -19.33 -3.43
C GLU I 25 14.15 -20.18 -2.23
N ALA I 26 13.22 -19.75 -1.39
CA ALA I 26 12.97 -20.40 -0.13
C ALA I 26 11.67 -19.95 0.45
N CYS I 27 11.18 -20.75 1.41
CA CYS I 27 9.97 -20.47 2.14
C CYS I 27 10.20 -19.74 3.46
N TRP I 28 9.57 -18.60 3.64
CA TRP I 28 9.67 -17.90 4.91
C TRP I 28 8.53 -18.40 5.77
N ASP I 29 8.78 -19.09 6.86
CA ASP I 29 7.64 -19.47 7.70
C ASP I 29 7.41 -18.44 8.77
N ILE I 30 6.29 -17.76 8.63
CA ILE I 30 5.95 -16.70 9.55
C ILE I 30 5.08 -17.30 10.61
N SER I 31 5.37 -17.03 11.87
CA SER I 31 4.43 -17.47 12.95
C SER I 31 4.62 -16.54 14.11
N SER I 32 3.83 -16.69 15.17
CA SER I 32 3.79 -15.61 16.17
C SER I 32 5.10 -15.56 17.00
N SER I 33 5.93 -16.55 16.78
CA SER I 33 7.20 -16.66 17.44
C SER I 33 8.26 -16.07 16.52
N GLY I 34 7.96 -16.01 15.24
CA GLY I 34 8.82 -15.25 14.35
C GLY I 34 8.93 -15.82 12.96
N VAL I 35 10.12 -15.62 12.42
CA VAL I 35 10.40 -15.90 11.04
C VAL I 35 11.42 -17.01 11.00
N ASN I 36 11.12 -18.02 10.23
CA ASN I 36 11.97 -19.19 10.14
C ASN I 36 12.22 -19.56 8.71
N LEU I 37 13.45 -19.75 8.36
CA LEU I 37 13.69 -20.12 6.99
C LEU I 37 14.76 -21.16 6.89
N GLN I 38 14.55 -22.08 5.99
CA GLN I 38 15.44 -23.18 5.91
C GLN I 38 15.56 -23.70 4.47
N SER I 39 16.76 -23.97 4.01
CA SER I 39 16.79 -24.66 2.72
C SER I 39 18.16 -25.15 2.40
N MET I 40 18.18 -26.23 1.64
CA MET I 40 19.41 -26.75 1.10
C MET I 40 19.76 -26.00 -0.17
N ASP I 41 21.05 -25.83 -0.42
CA ASP I 41 21.50 -25.41 -1.71
C ASP I 41 21.05 -26.55 -2.63
N SER I 42 20.99 -26.21 -3.91
CA SER I 42 20.43 -27.00 -4.98
C SER I 42 21.23 -28.24 -5.25
N SER I 43 22.45 -28.30 -4.76
CA SER I 43 23.18 -29.55 -4.85
C SER I 43 22.99 -30.57 -3.67
N HIS I 44 22.37 -30.11 -2.58
CA HIS I 44 22.04 -30.96 -1.39
C HIS I 44 23.32 -31.31 -0.60
N VAL I 45 24.14 -30.31 -0.38
CA VAL I 45 25.47 -30.51 0.20
C VAL I 45 25.53 -29.61 1.41
N SER I 46 24.68 -28.58 1.42
CA SER I 46 24.66 -27.62 2.52
C SER I 46 23.25 -27.15 2.77
N LEU I 47 23.10 -26.40 3.85
CA LEU I 47 21.77 -26.03 4.28
C LEU I 47 21.93 -24.72 4.98
N VAL I 48 21.01 -23.80 4.75
CA VAL I 48 20.98 -22.61 5.54
C VAL I 48 19.74 -22.62 6.37
N GLN I 49 19.82 -22.05 7.54
CA GLN I 49 18.69 -21.98 8.46
C GLN I 49 18.68 -20.60 9.10
N LEU I 50 17.58 -19.91 9.07
CA LEU I 50 17.52 -18.59 9.62
C LEU I 50 16.35 -18.49 10.56
N THR I 51 16.61 -17.89 11.71
CA THR I 51 15.53 -17.54 12.62
C THR I 51 15.63 -16.10 13.03
N LEU I 52 14.53 -15.37 12.87
CA LEU I 52 14.49 -14.05 13.47
C LEU I 52 13.34 -14.07 14.40
N ARG I 53 13.60 -13.79 15.64
CA ARG I 53 12.62 -13.96 16.69
C ARG I 53 11.68 -12.78 16.76
N SER I 54 10.41 -13.02 17.03
CA SER I 54 9.50 -11.89 17.17
C SER I 54 10.01 -10.83 18.14
N GLU I 55 10.53 -11.27 19.28
CA GLU I 55 11.20 -10.34 20.25
C GLU I 55 12.16 -9.32 19.60
N GLY I 56 12.90 -9.76 18.61
CA GLY I 56 13.95 -8.91 17.98
C GLY I 56 13.41 -7.79 17.07
N PHE I 57 12.17 -7.92 16.59
CA PHE I 57 11.49 -6.89 15.89
C PHE I 57 11.02 -5.90 16.91
N ASP I 58 10.83 -4.65 16.49
CA ASP I 58 10.40 -3.56 17.32
C ASP I 58 8.90 -3.59 17.48
N THR I 59 8.28 -4.02 16.38
CA THR I 59 6.82 -4.27 16.33
C THR I 59 6.64 -5.58 15.61
N TYR I 60 5.67 -6.35 16.02
CA TYR I 60 5.48 -7.59 15.33
C TYR I 60 4.10 -8.08 15.62
N ARG I 61 3.47 -8.65 14.62
CA ARG I 61 2.10 -9.09 14.73
C ARG I 61 1.90 -10.14 13.64
N CYS I 62 1.40 -11.27 14.07
CA CYS I 62 1.09 -12.36 13.18
C CYS I 62 -0.14 -13.02 13.73
N ASP I 63 -1.22 -13.04 12.99
CA ASP I 63 -2.40 -13.69 13.50
C ASP I 63 -2.77 -14.91 12.67
N ARG I 64 -1.83 -15.44 11.90
CA ARG I 64 -2.01 -16.72 11.25
C ARG I 64 -0.73 -17.19 10.57
N ASN I 65 -0.28 -18.38 10.90
CA ASN I 65 0.91 -18.93 10.24
C ASN I 65 0.89 -18.70 8.74
N LEU I 66 1.88 -18.04 8.16
CA LEU I 66 1.97 -18.07 6.69
C LEU I 66 3.14 -18.90 6.28
N ALA I 67 3.15 -19.40 5.06
CA ALA I 67 4.37 -19.95 4.50
C ALA I 67 4.67 -19.26 3.22
N MET I 68 5.40 -18.15 3.22
CA MET I 68 5.63 -17.41 1.97
C MET I 68 6.80 -17.90 1.14
N GLY I 69 6.54 -18.13 -0.14
CA GLY I 69 7.57 -18.58 -1.08
C GLY I 69 8.20 -17.41 -1.80
N VAL I 70 9.47 -17.14 -1.50
CA VAL I 70 10.17 -15.98 -2.01
C VAL I 70 11.28 -16.30 -3.02
N ASN I 71 11.27 -15.60 -4.16
CA ASN I 71 12.48 -15.55 -4.97
C ASN I 71 13.49 -14.65 -4.21
N LEU I 72 14.53 -15.25 -3.66
CA LEU I 72 15.41 -14.47 -2.79
C LEU I 72 16.18 -13.47 -3.58
N THR I 73 16.37 -13.78 -4.86
CA THR I 73 17.21 -12.92 -5.67
C THR I 73 16.52 -11.57 -5.84
N SER I 74 15.30 -11.67 -6.31
CA SER I 74 14.30 -10.65 -6.27
C SER I 74 14.17 -9.88 -4.99
N MET I 75 14.24 -10.55 -3.85
CA MET I 75 14.00 -9.84 -2.60
C MET I 75 15.20 -8.98 -2.30
N SER I 76 16.37 -9.46 -2.66
CA SER I 76 17.56 -8.66 -2.32
C SER I 76 17.64 -7.49 -3.29
N LYS I 77 17.14 -7.68 -4.51
CA LYS I 77 17.10 -6.52 -5.40
C LYS I 77 16.24 -5.40 -4.80
N ILE I 78 15.11 -5.74 -4.20
CA ILE I 78 14.26 -4.74 -3.53
C ILE I 78 14.95 -4.08 -2.32
N LEU I 79 15.64 -4.89 -1.54
CA LEU I 79 16.25 -4.40 -0.32
C LEU I 79 17.41 -3.47 -0.66
N LYS I 80 18.00 -3.66 -1.83
CA LYS I 80 18.99 -2.73 -2.30
C LYS I 80 18.39 -1.34 -2.48
N CYS I 81 17.07 -1.24 -2.51
CA CYS I 81 16.39 0.05 -2.63
C CYS I 81 16.07 0.66 -1.30
N ALA I 82 16.47 -0.01 -0.22
CA ALA I 82 16.36 0.53 1.13
C ALA I 82 17.68 1.19 1.52
N GLY I 83 17.63 2.32 2.20
CA GLY I 83 18.86 2.98 2.65
C GLY I 83 19.38 2.17 3.82
N ASN I 84 20.67 2.29 4.13
CA ASN I 84 21.22 1.51 5.23
C ASN I 84 20.74 1.95 6.61
N GLU I 85 20.23 3.17 6.72
CA GLU I 85 19.69 3.64 8.01
C GLU I 85 18.18 3.59 8.05
N ASP I 86 17.58 3.08 6.97
CA ASP I 86 16.12 3.03 6.87
C ASP I 86 15.45 2.09 7.86
N ILE I 87 14.21 2.43 8.20
CA ILE I 87 13.33 1.54 8.93
C ILE I 87 12.56 0.65 7.95
N ILE I 88 12.61 -0.66 8.08
CA ILE I 88 11.91 -1.55 7.20
C ILE I 88 10.76 -2.31 7.86
N THR I 89 9.60 -2.33 7.22
CA THR I 89 8.43 -3.05 7.67
C THR I 89 8.02 -4.08 6.63
N LEU I 90 7.62 -5.26 7.06
CA LEU I 90 7.17 -6.24 6.17
C LEU I 90 5.74 -6.47 6.54
N ARG I 91 4.94 -6.72 5.53
CA ARG I 91 3.52 -6.86 5.73
C ARG I 91 3.00 -7.85 4.71
N ALA I 92 2.02 -8.64 5.12
CA ALA I 92 1.40 -9.61 4.22
C ALA I 92 0.01 -9.92 4.74
N GLU I 93 -0.94 -10.23 3.86
CA GLU I 93 -2.27 -10.67 4.29
C GLU I 93 -2.44 -12.07 3.79
N ALA I 96 -2.75 -13.57 0.59
CA ALA I 96 -2.38 -12.94 -0.69
C ALA I 96 -1.03 -13.45 -1.28
N ASP I 97 -0.81 -13.00 -2.51
CA ASP I 97 0.27 -13.45 -3.34
C ASP I 97 1.41 -12.42 -3.38
N THR I 98 1.42 -11.46 -2.45
CA THR I 98 2.52 -10.51 -2.40
C THR I 98 3.00 -10.19 -0.99
N LEU I 99 4.26 -9.83 -0.90
CA LEU I 99 4.85 -9.35 0.32
C LEU I 99 5.09 -7.89 0.13
N ALA I 100 4.58 -7.07 1.03
CA ALA I 100 4.89 -5.65 1.03
C ALA I 100 6.13 -5.39 1.85
N LEU I 101 7.01 -4.56 1.32
CA LEU I 101 8.19 -4.10 2.03
C LEU I 101 8.13 -2.59 2.03
N VAL I 102 8.12 -1.97 3.20
CA VAL I 102 8.04 -0.55 3.35
C VAL I 102 9.35 0.04 3.93
N PHE I 103 9.94 1.07 3.29
CA PHE I 103 11.19 1.63 3.79
C PHE I 103 11.02 3.09 4.20
N GLU I 104 11.13 3.44 5.48
CA GLU I 104 11.07 4.84 5.94
C GLU I 104 12.45 5.39 6.34
N ALA I 105 12.73 6.58 5.84
CA ALA I 105 14.03 7.19 6.04
C ALA I 105 14.07 7.73 7.44
N PRO I 106 15.27 8.05 7.92
CA PRO I 106 15.44 8.81 9.15
C PRO I 106 14.69 10.14 9.11
N ASN I 107 15.04 11.00 8.14
CA ASN I 107 14.40 12.34 8.01
C ASN I 107 12.89 12.38 7.79
N GLN I 108 12.23 11.23 7.93
CA GLN I 108 10.78 11.10 7.89
C GLN I 108 10.11 11.51 6.58
N GLU I 109 10.84 12.19 5.70
CA GLU I 109 10.23 12.77 4.49
C GLU I 109 10.33 11.87 3.25
N LYS I 110 10.85 10.68 3.41
CA LYS I 110 10.90 9.73 2.31
C LYS I 110 10.43 8.34 2.71
N VAL I 111 9.37 7.84 2.07
CA VAL I 111 8.85 6.50 2.33
C VAL I 111 8.73 5.71 1.01
N SER I 112 9.23 4.49 1.03
CA SER I 112 9.30 3.71 -0.17
C SER I 112 8.40 2.50 0.04
N ASP I 113 7.50 2.21 -0.89
CA ASP I 113 6.59 1.04 -0.80
C ASP I 113 6.84 0.08 -1.92
N TYR I 114 7.41 -1.07 -1.63
CA TYR I 114 7.57 -2.06 -2.67
C TYR I 114 6.65 -3.22 -2.44
N GLU I 115 5.85 -3.55 -3.42
CA GLU I 115 4.99 -4.68 -3.29
C GLU I 115 5.63 -5.80 -4.07
N MET I 116 6.24 -6.68 -3.32
CA MET I 116 6.85 -7.83 -3.92
C MET I 116 5.82 -8.93 -4.12
N LYS I 117 6.24 -9.87 -4.89
CA LYS I 117 5.38 -10.82 -5.48
C LYS I 117 5.90 -12.19 -5.16
N LEU I 118 5.04 -13.12 -4.80
CA LEU I 118 5.50 -14.39 -4.28
C LEU I 118 5.44 -15.53 -5.28
N MET I 119 5.94 -16.70 -4.88
CA MET I 119 5.79 -17.88 -5.70
C MET I 119 5.32 -19.09 -4.89
N ASP I 120 4.98 -20.14 -5.61
CA ASP I 120 4.48 -21.37 -5.03
C ASP I 120 5.63 -22.33 -4.93
N LEU I 121 6.02 -22.65 -3.70
CA LEU I 121 7.19 -23.44 -3.47
C LEU I 121 6.76 -24.68 -2.76
N ASP I 122 7.02 -25.83 -3.37
CA ASP I 122 6.63 -27.12 -2.84
C ASP I 122 7.81 -27.65 -2.04
N VAL I 123 7.75 -27.42 -0.74
CA VAL I 123 8.86 -27.80 0.12
C VAL I 123 8.37 -28.60 1.31
N GLU I 124 9.32 -29.22 1.97
CA GLU I 124 9.02 -29.76 3.28
C GLU I 124 10.21 -29.49 4.21
N GLN I 125 9.84 -29.22 5.46
CA GLN I 125 10.76 -29.06 6.59
C GLN I 125 11.64 -30.28 6.78
N LEU I 126 12.95 -30.06 6.82
CA LEU I 126 13.92 -31.08 7.20
C LEU I 126 14.15 -31.09 8.74
N GLY I 127 14.58 -32.23 9.28
CA GLY I 127 14.81 -32.36 10.72
C GLY I 127 16.25 -32.00 10.97
N ILE I 128 16.47 -31.00 11.81
CA ILE I 128 17.83 -30.55 12.10
C ILE I 128 18.09 -30.82 13.60
N PRO I 129 18.54 -32.03 13.95
CA PRO I 129 18.77 -32.28 15.37
C PRO I 129 19.88 -31.41 16.01
N GLU I 130 19.99 -31.50 17.32
CA GLU I 130 20.99 -30.75 18.08
C GLU I 130 21.76 -31.81 18.82
N GLN I 131 23.09 -31.76 18.70
CA GLN I 131 24.00 -32.67 19.35
C GLN I 131 25.10 -31.86 20.01
N GLU I 132 25.94 -32.53 20.80
CA GLU I 132 27.08 -31.87 21.39
C GLU I 132 28.25 -32.10 20.45
N TYR I 133 29.24 -31.22 20.48
CA TYR I 133 30.25 -31.27 19.45
C TYR I 133 31.60 -31.55 20.03
N SER I 134 32.33 -32.46 19.41
CA SER I 134 33.70 -32.63 19.79
C SER I 134 34.36 -31.26 19.89
N CYS I 135 34.14 -30.38 18.88
CA CYS I 135 34.81 -29.09 18.79
C CYS I 135 33.96 -27.87 18.45
N VAL I 136 34.22 -26.78 19.15
CA VAL I 136 33.50 -25.60 18.95
C VAL I 136 34.49 -24.46 19.01
N VAL I 137 34.83 -23.90 17.86
CA VAL I 137 35.74 -22.79 17.76
C VAL I 137 34.95 -21.47 17.62
N LYS I 138 35.27 -20.51 18.46
CA LYS I 138 34.64 -19.21 18.37
C LYS I 138 35.73 -18.24 18.01
N MET I 139 35.52 -17.43 16.97
CA MET I 139 36.58 -16.52 16.46
C MET I 139 36.01 -15.31 15.70
N PRO I 140 36.88 -14.30 15.44
CA PRO I 140 36.43 -13.16 14.63
C PRO I 140 36.03 -13.63 13.23
N SER I 141 34.83 -13.24 12.84
CA SER I 141 34.27 -13.56 11.55
C SER I 141 35.14 -13.11 10.37
N GLY I 142 35.79 -11.94 10.50
CA GLY I 142 36.69 -11.43 9.45
C GLY I 142 37.81 -12.42 9.23
N GLU I 143 38.24 -13.02 10.31
CA GLU I 143 39.43 -13.85 10.28
C GLU I 143 39.04 -15.14 9.64
N PHE I 144 37.88 -15.64 10.00
CA PHE I 144 37.38 -16.82 9.30
C PHE I 144 37.25 -16.60 7.79
N ALA I 145 36.71 -15.44 7.43
CA ALA I 145 36.55 -15.06 5.99
C ALA I 145 37.86 -15.08 5.26
N ARG I 146 38.83 -14.37 5.82
CA ARG I 146 40.11 -14.23 5.20
C ARG I 146 40.76 -15.57 5.08
N ILE I 147 40.53 -16.44 6.07
CA ILE I 147 41.17 -17.75 6.05
C ILE I 147 40.64 -18.56 4.89
N CYS I 148 39.31 -18.57 4.75
CA CYS I 148 38.67 -19.33 3.68
C CYS I 148 39.05 -18.73 2.29
N ARG I 149 39.01 -17.40 2.19
CA ARG I 149 39.45 -16.71 1.01
C ARG I 149 40.88 -17.10 0.61
N ASP I 150 41.80 -17.08 1.56
CA ASP I 150 43.21 -17.34 1.24
C ASP I 150 43.49 -18.76 0.76
N LEU I 151 42.97 -19.75 1.48
CA LEU I 151 43.23 -21.14 1.15
C LEU I 151 42.52 -21.49 -0.15
N SER I 152 41.46 -20.76 -0.40
CA SER I 152 40.80 -20.84 -1.67
C SER I 152 41.78 -20.75 -2.84
N HIS I 153 42.90 -20.05 -2.65
CA HIS I 153 43.78 -19.77 -3.79
C HIS I 153 44.79 -20.86 -3.94
N ILE I 154 44.78 -21.78 -2.97
CA ILE I 154 45.71 -22.89 -2.98
C ILE I 154 45.09 -24.24 -3.30
N GLY I 155 43.86 -24.46 -2.85
CA GLY I 155 43.13 -25.69 -3.18
C GLY I 155 41.63 -25.49 -3.12
N ASP I 156 40.88 -26.54 -3.45
CA ASP I 156 39.42 -26.48 -3.36
C ASP I 156 38.83 -27.03 -2.03
N ALA I 157 39.58 -27.93 -1.39
CA ALA I 157 39.19 -28.53 -0.12
C ALA I 157 40.01 -27.93 1.09
N VAL I 158 39.40 -27.78 2.26
CA VAL I 158 40.14 -27.41 3.49
C VAL I 158 40.05 -28.50 4.57
N VAL I 159 41.18 -28.74 5.22
CA VAL I 159 41.24 -29.69 6.34
C VAL I 159 41.22 -28.91 7.66
N ILE I 160 40.21 -29.15 8.45
CA ILE I 160 40.16 -28.53 9.74
C ILE I 160 40.64 -29.58 10.73
N SER I 161 41.77 -29.29 11.41
CA SER I 161 42.31 -30.06 12.54
C SER I 161 42.10 -29.29 13.82
N CYS I 162 41.36 -29.88 14.73
CA CYS I 162 41.03 -29.25 15.99
C CYS I 162 41.78 -30.09 17.03
N ALA I 163 42.86 -29.51 17.57
CA ALA I 163 43.64 -30.15 18.66
C ALA I 163 43.83 -29.21 19.83
N LYS I 164 43.03 -29.41 20.88
CA LYS I 164 43.17 -28.70 22.16
C LYS I 164 43.88 -27.36 22.02
N ASP I 165 45.21 -27.39 21.98
CA ASP I 165 46.00 -26.18 21.83
C ASP I 165 45.47 -25.16 20.79
N GLY I 166 44.69 -25.62 19.81
CA GLY I 166 44.23 -24.75 18.74
C GLY I 166 43.85 -25.41 17.43
N VAL I 167 43.53 -24.55 16.45
CA VAL I 167 42.96 -25.05 15.19
C VAL I 167 43.77 -24.67 13.94
N LYS I 168 43.78 -25.60 13.00
CA LYS I 168 44.65 -25.54 11.87
C LYS I 168 43.79 -25.77 10.61
N PHE I 169 44.00 -24.92 9.59
CA PHE I 169 43.34 -25.12 8.32
C PHE I 169 44.42 -25.39 7.27
N SER I 170 44.25 -26.44 6.50
CA SER I 170 45.22 -26.79 5.48
C SER I 170 44.61 -26.96 4.08
N ALA I 171 45.44 -26.76 3.04
CA ALA I 171 44.98 -27.00 1.69
C ALA I 171 46.17 -27.15 0.81
N SER I 172 46.02 -27.88 -0.28
CA SER I 172 47.09 -27.96 -1.22
C SER I 172 46.57 -28.04 -2.63
N GLY I 173 47.50 -27.88 -3.55
CA GLY I 173 47.14 -27.67 -4.92
C GLY I 173 48.36 -27.56 -5.78
N GLU I 174 48.19 -26.93 -6.89
CA GLU I 174 49.22 -26.96 -7.90
C GLU I 174 50.35 -26.02 -7.57
N LEU I 175 50.09 -24.98 -6.79
CA LEU I 175 51.19 -24.05 -6.47
C LEU I 175 52.00 -24.52 -5.21
N GLY I 176 51.41 -25.37 -4.40
CA GLY I 176 52.08 -25.95 -3.25
C GLY I 176 51.01 -26.09 -2.17
N ASN I 177 51.42 -26.17 -0.90
CA ASN I 177 50.40 -26.23 0.18
C ASN I 177 50.55 -25.18 1.26
N GLY I 178 49.62 -25.16 2.18
CA GLY I 178 49.75 -24.11 3.13
C GLY I 178 48.84 -24.39 4.26
N ASN I 179 49.15 -23.79 5.41
CA ASN I 179 48.22 -23.96 6.48
C ASN I 179 48.22 -22.82 7.42
N ILE I 180 47.16 -22.77 8.18
CA ILE I 180 46.97 -21.66 9.09
C ILE I 180 46.71 -22.18 10.51
N LYS I 181 47.59 -21.86 11.45
CA LYS I 181 47.42 -22.28 12.84
C LYS I 181 46.92 -21.16 13.72
N LEU I 182 45.78 -21.39 14.35
CA LEU I 182 45.20 -20.46 15.32
C LEU I 182 45.30 -21.01 16.71
N SER I 183 45.75 -20.16 17.63
CA SER I 183 45.90 -20.54 19.02
C SER I 183 44.89 -19.80 19.89
N GLN I 184 44.53 -20.40 21.00
CA GLN I 184 43.50 -19.84 21.84
C GLN I 184 44.01 -18.71 22.74
N ALA I 194 39.94 -12.42 19.62
CA ALA I 194 39.59 -13.41 20.65
C ALA I 194 39.13 -14.74 20.01
N VAL I 195 40.02 -15.72 20.02
CA VAL I 195 39.79 -17.07 19.56
C VAL I 195 39.55 -17.99 20.77
N THR I 196 38.53 -18.82 20.72
CA THR I 196 38.20 -19.63 21.86
C THR I 196 37.90 -21.02 21.33
N ILE I 197 38.38 -22.07 21.97
CA ILE I 197 38.27 -23.40 21.41
C ILE I 197 37.83 -24.38 22.50
N GLU I 198 36.56 -24.73 22.53
CA GLU I 198 36.02 -25.79 23.37
C GLU I 198 36.15 -27.17 22.72
N MET I 199 36.81 -28.10 23.41
CA MET I 199 37.11 -29.40 22.84
C MET I 199 36.91 -30.50 23.87
N ASN I 200 36.17 -31.55 23.50
CA ASN I 200 36.08 -32.77 24.30
C ASN I 200 36.91 -33.85 23.71
N GLU I 201 37.32 -33.65 22.46
CA GLU I 201 38.09 -34.64 21.73
C GLU I 201 38.65 -34.07 20.38
N PRO I 202 39.86 -34.47 19.99
CA PRO I 202 40.42 -34.01 18.72
C PRO I 202 39.57 -34.44 17.51
N VAL I 203 39.52 -33.59 16.46
CA VAL I 203 38.69 -33.78 15.25
C VAL I 203 39.34 -33.30 13.93
N GLN I 204 39.50 -34.20 12.97
CA GLN I 204 39.97 -33.79 11.69
C GLN I 204 38.91 -34.02 10.60
N LEU I 205 38.63 -32.98 9.80
CA LEU I 205 37.58 -33.05 8.76
C LEU I 205 38.00 -32.33 7.47
N THR I 206 37.45 -32.77 6.35
CA THR I 206 37.59 -32.04 5.11
C THR I 206 36.30 -31.47 4.55
N PHE I 207 36.42 -30.25 4.04
CA PHE I 207 35.31 -29.54 3.52
C PHE I 207 35.62 -28.77 2.18
N ALA I 208 34.54 -28.56 1.42
CA ALA I 208 34.59 -27.80 0.18
C ALA I 208 34.69 -26.26 0.40
N LEU I 209 35.81 -25.65 0.05
CA LEU I 209 35.98 -24.20 0.25
C LEU I 209 35.01 -23.27 -0.50
N ARG I 210 34.46 -23.82 -1.57
CA ARG I 210 33.49 -23.14 -2.40
C ARG I 210 32.26 -22.81 -1.56
N TYR I 211 31.84 -23.71 -0.66
CA TYR I 211 30.64 -23.45 0.18
C TYR I 211 30.96 -22.54 1.34
N LEU I 212 32.13 -22.72 1.92
CA LEU I 212 32.45 -21.81 3.01
C LEU I 212 32.46 -20.38 2.46
N ASN I 213 32.97 -20.20 1.25
CA ASN I 213 33.03 -18.81 0.77
C ASN I 213 31.64 -18.25 0.53
N PHE I 214 30.64 -19.09 0.23
CA PHE I 214 29.24 -18.65 0.28
C PHE I 214 28.87 -18.31 1.72
N PHE I 215 29.07 -19.28 2.60
CA PHE I 215 28.78 -19.04 4.03
C PHE I 215 29.37 -17.66 4.52
N THR I 216 30.60 -17.35 4.13
CA THR I 216 31.23 -16.13 4.76
C THR I 216 30.65 -14.80 4.29
N LYS I 217 29.62 -14.84 3.47
CA LYS I 217 28.89 -13.65 3.06
C LYS I 217 27.97 -13.14 4.16
N ALA I 218 27.78 -13.94 5.19
CA ALA I 218 26.98 -13.48 6.30
C ALA I 218 27.88 -12.70 7.31
N THR I 219 29.18 -12.66 7.05
CA THR I 219 30.09 -11.99 7.95
C THR I 219 29.50 -10.71 8.50
N PRO I 220 28.99 -9.83 7.63
CA PRO I 220 28.72 -8.50 8.24
C PRO I 220 27.63 -8.51 9.29
N LEU I 221 27.05 -9.67 9.54
CA LEU I 221 25.94 -9.75 10.49
C LEU I 221 26.47 -9.78 11.89
N SER I 222 27.72 -10.18 11.99
CA SER I 222 28.31 -10.43 13.25
C SER I 222 29.82 -10.39 13.17
N SER I 223 30.44 -9.66 14.09
CA SER I 223 31.87 -9.67 14.24
C SER I 223 32.43 -11.02 14.77
N THR I 224 31.56 -11.98 15.04
CA THR I 224 31.98 -13.30 15.57
C THR I 224 31.37 -14.44 14.76
N VAL I 225 32.08 -15.55 14.64
CA VAL I 225 31.53 -16.71 13.98
C VAL I 225 31.85 -17.90 14.89
N THR I 226 31.01 -18.91 14.96
CA THR I 226 31.39 -20.08 15.72
C THR I 226 31.34 -21.26 14.78
N LEU I 227 32.36 -22.12 14.80
CA LEU I 227 32.41 -23.34 14.02
C LEU I 227 32.26 -24.64 14.86
N SER I 228 31.25 -25.46 14.60
CA SER I 228 31.08 -26.67 15.38
C SER I 228 31.35 -27.91 14.55
N MET I 229 32.11 -28.87 15.13
CA MET I 229 32.46 -30.11 14.44
C MET I 229 32.67 -31.32 15.32
N SER I 230 32.26 -32.44 14.75
CA SER I 230 32.42 -33.78 15.25
C SER I 230 32.78 -34.66 14.03
N ALA I 231 33.46 -35.77 14.25
CA ALA I 231 33.73 -36.67 13.15
C ALA I 231 32.43 -37.07 12.49
N ASP I 232 32.48 -37.35 11.18
CA ASP I 232 31.37 -37.97 10.48
C ASP I 232 30.02 -37.25 10.62
N VAL I 233 30.02 -35.92 10.63
CA VAL I 233 28.74 -35.16 10.69
C VAL I 233 28.94 -33.76 10.18
N PRO I 234 27.85 -33.08 9.85
CA PRO I 234 28.05 -31.80 9.16
C PRO I 234 28.58 -30.68 10.04
N LEU I 235 29.47 -29.90 9.45
CA LEU I 235 29.93 -28.65 9.97
C LEU I 235 28.79 -27.68 10.15
N VAL I 236 28.72 -26.98 11.28
CA VAL I 236 27.78 -25.89 11.46
C VAL I 236 28.59 -24.62 11.58
N VAL I 237 28.26 -23.63 10.73
CA VAL I 237 28.87 -22.31 10.79
C VAL I 237 27.82 -21.33 11.24
N GLU I 238 28.04 -20.57 12.31
CA GLU I 238 26.91 -19.84 12.90
C GLU I 238 27.18 -18.35 13.10
N TYR I 239 26.24 -17.51 12.72
CA TYR I 239 26.34 -16.11 12.97
C TYR I 239 25.19 -15.71 13.81
N LYS I 240 25.47 -15.22 14.98
CA LYS I 240 24.40 -14.77 15.82
C LYS I 240 24.00 -13.43 15.29
N ILE I 241 22.73 -13.14 15.33
CA ILE I 241 22.24 -11.85 14.94
C ILE I 241 21.68 -11.12 16.11
N ALA I 242 22.46 -10.13 16.51
CA ALA I 242 22.05 -9.12 17.46
C ALA I 242 21.34 -9.83 18.58
N ASP I 243 20.15 -9.37 18.93
CA ASP I 243 19.41 -10.08 19.94
C ASP I 243 18.21 -10.53 19.21
N MET I 244 18.42 -11.01 18.01
CA MET I 244 17.30 -11.18 17.15
C MET I 244 17.15 -12.65 16.79
N GLY I 245 18.26 -13.38 16.70
CA GLY I 245 18.26 -14.75 16.22
C GLY I 245 19.57 -15.17 15.66
N HIS I 246 19.53 -16.04 14.68
CA HIS I 246 20.75 -16.51 14.08
C HIS I 246 20.65 -16.86 12.58
N LEU I 247 21.80 -17.05 11.94
CA LEU I 247 21.90 -17.68 10.64
C LEU I 247 22.95 -18.77 10.78
N LYS I 248 22.60 -19.99 10.40
CA LYS I 248 23.42 -21.16 10.64
C LYS I 248 23.63 -21.86 9.32
N TYR I 249 24.87 -22.15 8.94
CA TYR I 249 25.08 -22.94 7.73
C TYR I 249 25.52 -24.35 8.13
N TYR I 250 25.05 -25.38 7.37
CA TYR I 250 25.55 -26.72 7.56
C TYR I 250 26.23 -27.19 6.31
N LEU I 251 27.20 -28.08 6.44
CA LEU I 251 27.98 -28.47 5.33
C LEU I 251 28.44 -29.87 5.57
N ALA I 252 28.10 -30.78 4.68
CA ALA I 252 28.50 -32.18 4.81
C ALA I 252 30.02 -32.23 4.62
N PRO I 253 30.71 -33.18 5.27
CA PRO I 253 32.13 -33.34 5.06
C PRO I 253 32.45 -33.91 3.72
N LYS I 254 33.51 -33.48 3.04
CA LYS I 254 33.91 -34.18 1.82
C LYS I 254 34.24 -35.65 2.09
N ILE I 255 33.77 -36.54 1.21
CA ILE I 255 33.99 -37.98 1.33
C ILE I 255 34.55 -38.59 0.02
N PRO J 1 30.11 -35.53 -4.03
CA PRO J 1 29.27 -35.15 -5.19
C PRO J 1 28.13 -34.23 -4.82
N LYS J 2 26.93 -34.81 -4.83
CA LYS J 2 25.73 -34.13 -4.44
C LYS J 2 25.03 -34.98 -3.40
N HIS J 3 24.03 -34.43 -2.72
CA HIS J 3 23.10 -35.26 -1.94
C HIS J 3 23.73 -35.80 -0.72
N THR J 4 24.79 -35.18 -0.42
CA THR J 4 25.68 -35.64 0.56
C THR J 4 25.21 -35.15 1.92
N LEU J 5 24.42 -34.04 1.97
CA LEU J 5 23.76 -33.64 3.22
C LEU J 5 22.58 -34.53 3.55
N ASP J 6 22.07 -35.23 2.54
CA ASP J 6 20.70 -35.74 2.63
C ASP J 6 20.59 -36.78 3.73
N ILE J 7 21.67 -37.52 3.97
CA ILE J 7 21.56 -38.60 4.91
C ILE J 7 21.79 -38.08 6.32
N PHE J 8 21.86 -36.76 6.44
CA PHE J 8 21.99 -36.16 7.75
C PHE J 8 20.68 -35.51 8.14
N PHE J 9 20.08 -34.79 7.20
CA PHE J 9 18.85 -34.10 7.46
C PHE J 9 17.79 -34.60 6.52
N LYS J 10 16.78 -35.25 7.05
CA LYS J 10 15.70 -35.78 6.24
C LYS J 10 14.44 -35.06 6.61
N PRO J 11 13.46 -35.15 5.70
CA PRO J 11 12.11 -34.65 5.86
C PRO J 11 11.44 -35.15 7.13
N LEU J 12 10.70 -34.25 7.74
CA LEU J 12 9.86 -34.45 8.89
C LEU J 12 8.48 -35.07 8.56
N THR J 13 8.20 -36.27 9.06
CA THR J 13 6.81 -36.80 9.04
C THR J 13 6.57 -37.73 10.24
N MET K 1 40.84 35.11 -31.60
CA MET K 1 40.90 33.80 -30.94
C MET K 1 39.95 33.71 -29.76
N PHE K 2 39.78 32.48 -29.33
CA PHE K 2 39.08 32.14 -28.14
C PHE K 2 40.09 31.64 -27.12
N GLU K 3 39.99 32.16 -25.91
CA GLU K 3 40.81 31.72 -24.81
C GLU K 3 39.90 31.80 -23.61
N ALA K 4 39.89 30.75 -22.82
CA ALA K 4 39.15 30.79 -21.59
C ALA K 4 39.83 29.87 -20.55
N ARG K 5 40.03 30.40 -19.36
CA ARG K 5 40.84 29.82 -18.33
C ARG K 5 39.89 29.62 -17.18
N LEU K 6 39.76 28.35 -16.77
CA LEU K 6 38.80 27.89 -15.71
C LEU K 6 39.54 27.48 -14.49
N VAL K 7 39.39 28.20 -13.40
CA VAL K 7 40.22 27.87 -12.22
C VAL K 7 39.96 26.41 -11.74
N GLN K 8 38.70 26.08 -11.58
CA GLN K 8 38.23 24.77 -11.09
C GLN K 8 38.09 23.80 -12.24
N GLY K 9 39.19 23.19 -12.64
CA GLY K 9 39.21 22.30 -13.77
C GLY K 9 38.24 21.16 -13.67
N SER K 10 37.81 20.82 -12.45
CA SER K 10 36.93 19.68 -12.24
C SER K 10 35.53 19.91 -12.82
N ILE K 11 35.12 21.19 -12.91
CA ILE K 11 33.82 21.46 -13.54
C ILE K 11 33.78 20.92 -14.95
N LEU K 12 34.84 21.15 -15.71
CA LEU K 12 34.92 20.67 -17.07
C LEU K 12 34.97 19.18 -17.17
N LYS K 13 35.79 18.55 -16.31
CA LYS K 13 35.77 17.07 -16.26
C LYS K 13 34.39 16.57 -16.00
N LYS K 14 33.64 17.25 -15.15
CA LYS K 14 32.34 16.72 -14.73
C LYS K 14 31.32 16.86 -15.82
N VAL K 15 31.34 18.06 -16.45
CA VAL K 15 30.45 18.40 -17.54
C VAL K 15 30.58 17.42 -18.68
N LEU K 16 31.78 17.18 -19.17
CA LEU K 16 31.98 16.18 -20.21
C LEU K 16 31.71 14.79 -19.73
N GLU K 17 31.98 14.49 -18.47
CA GLU K 17 31.55 13.19 -17.97
C GLU K 17 30.02 13.05 -18.17
N ALA K 18 29.24 14.05 -17.77
CA ALA K 18 27.76 14.02 -17.90
C ALA K 18 27.18 14.07 -19.35
N LEU K 19 27.90 14.73 -20.26
CA LEU K 19 27.50 14.81 -21.65
C LEU K 19 27.87 13.53 -22.38
N LYS K 20 29.14 13.24 -22.51
CA LYS K 20 29.57 11.96 -23.03
C LYS K 20 28.54 10.83 -23.00
N ASP K 21 27.79 10.73 -21.91
CA ASP K 21 27.02 9.53 -21.73
C ASP K 21 25.66 9.61 -22.41
N LEU K 22 25.25 10.80 -22.80
CA LEU K 22 23.98 11.00 -23.47
C LEU K 22 24.16 11.26 -24.98
N ILE K 23 25.30 11.83 -25.36
CA ILE K 23 25.58 12.23 -26.72
C ILE K 23 27.07 12.11 -27.08
N ASN K 24 27.36 11.66 -28.28
CA ASN K 24 28.70 11.55 -28.83
C ASN K 24 29.36 12.83 -29.30
N GLU K 25 28.57 13.76 -29.86
CA GLU K 25 29.10 14.91 -30.65
C GLU K 25 28.25 16.10 -30.39
N ALA K 26 28.84 17.29 -30.29
CA ALA K 26 28.02 18.46 -30.16
C ALA K 26 28.75 19.65 -30.73
N CYS K 27 28.03 20.70 -31.02
CA CYS K 27 28.61 21.92 -31.40
C CYS K 27 28.70 22.81 -30.17
N TRP K 28 29.93 23.21 -29.83
CA TRP K 28 30.23 24.13 -28.74
C TRP K 28 30.19 25.54 -29.23
N ASP K 29 29.17 26.26 -28.83
CA ASP K 29 28.99 27.58 -29.35
C ASP K 29 29.64 28.63 -28.46
N ILE K 30 30.69 29.24 -28.98
CA ILE K 30 31.51 30.15 -28.21
C ILE K 30 31.22 31.59 -28.64
N SER K 31 30.58 32.34 -27.76
CA SER K 31 30.41 33.76 -27.95
C SER K 31 31.02 34.61 -26.82
N SER K 32 30.87 35.90 -26.93
CA SER K 32 31.40 36.79 -25.95
C SER K 32 30.71 36.58 -24.59
N SER K 33 29.52 35.97 -24.58
CA SER K 33 28.78 35.90 -23.33
C SER K 33 29.07 34.59 -22.61
N GLY K 34 29.66 33.64 -23.32
CA GLY K 34 30.06 32.42 -22.70
C GLY K 34 30.06 31.23 -23.63
N VAL K 35 30.14 30.01 -23.06
CA VAL K 35 30.06 28.82 -23.86
C VAL K 35 28.60 28.35 -23.96
N ASN K 36 28.18 27.81 -25.09
CA ASN K 36 26.76 27.32 -25.26
C ASN K 36 26.75 26.07 -26.08
N LEU K 37 25.92 25.14 -25.65
CA LEU K 37 25.91 23.83 -26.26
C LEU K 37 24.54 23.23 -26.07
N GLN K 38 24.10 22.57 -27.15
CA GLN K 38 22.71 22.11 -27.33
C GLN K 38 22.74 20.85 -28.18
N SER K 39 22.24 19.73 -27.68
CA SER K 39 22.02 18.58 -28.61
C SER K 39 20.94 17.62 -28.12
N MET K 40 20.17 17.10 -29.07
CA MET K 40 19.25 16.06 -28.82
C MET K 40 20.07 14.83 -28.75
N ASP K 41 19.60 13.81 -28.02
CA ASP K 41 20.22 12.49 -28.13
C ASP K 41 19.88 11.88 -29.51
N SER K 42 20.58 10.83 -29.87
CA SER K 42 20.35 10.09 -31.09
C SER K 42 18.90 9.71 -31.40
N SER K 43 18.14 9.37 -30.39
CA SER K 43 16.80 8.83 -30.64
C SER K 43 15.74 9.93 -30.67
N HIS K 44 16.25 11.16 -30.60
CA HIS K 44 15.46 12.41 -30.46
C HIS K 44 14.36 12.33 -29.41
N VAL K 45 14.73 11.76 -28.31
CA VAL K 45 13.85 11.65 -27.14
C VAL K 45 14.21 12.68 -26.08
N SER K 46 15.48 13.08 -26.03
CA SER K 46 15.97 14.02 -24.98
C SER K 46 16.95 15.04 -25.48
N LEU K 47 17.04 16.18 -24.84
CA LEU K 47 18.09 17.15 -25.26
C LEU K 47 18.78 17.66 -24.02
N VAL K 48 20.08 17.95 -24.14
CA VAL K 48 20.92 18.65 -23.12
C VAL K 48 21.26 20.06 -23.56
N GLN K 49 21.39 20.91 -22.58
CA GLN K 49 21.75 22.23 -22.80
C GLN K 49 22.70 22.68 -21.72
N LEU K 50 23.95 22.92 -22.12
CA LEU K 50 25.01 23.48 -21.27
C LEU K 50 25.11 24.99 -21.45
N THR K 51 25.13 25.75 -20.35
CA THR K 51 25.55 27.13 -20.36
C THR K 51 26.71 27.39 -19.37
N LEU K 52 27.82 27.96 -19.88
CA LEU K 52 28.95 28.40 -19.05
C LEU K 52 29.16 29.90 -19.26
N ARG K 53 28.68 30.70 -18.34
CA ARG K 53 28.78 32.13 -18.51
C ARG K 53 30.26 32.54 -18.53
N SER K 54 30.58 33.60 -19.23
CA SER K 54 31.97 34.03 -19.34
C SER K 54 32.53 34.60 -18.02
N GLU K 55 31.70 35.31 -17.26
CA GLU K 55 32.13 35.82 -15.94
C GLU K 55 32.51 34.73 -14.96
N GLY K 56 32.33 33.46 -15.30
CA GLY K 56 32.73 32.39 -14.39
C GLY K 56 34.14 31.89 -14.59
N PHE K 57 34.84 32.50 -15.52
CA PHE K 57 36.22 32.17 -15.79
C PHE K 57 37.20 33.22 -15.18
N ASP K 58 38.40 32.78 -14.98
CA ASP K 58 39.34 33.68 -14.48
C ASP K 58 39.70 34.74 -15.60
N THR K 59 39.62 34.34 -16.86
CA THR K 59 40.02 35.10 -18.03
C THR K 59 39.10 34.59 -19.15
N TYR K 60 38.65 35.49 -20.02
CA TYR K 60 37.81 35.08 -21.12
C TYR K 60 38.03 36.11 -22.25
N ARG K 61 38.49 35.59 -23.37
CA ARG K 61 38.66 36.35 -24.54
C ARG K 61 38.03 35.56 -25.69
N CYS K 62 37.01 36.13 -26.31
CA CYS K 62 36.44 35.61 -27.56
C CYS K 62 36.36 36.67 -28.68
N ASP K 63 37.23 36.64 -29.69
CA ASP K 63 37.26 37.71 -30.75
C ASP K 63 36.17 37.66 -31.81
N ARG K 64 35.63 36.48 -32.09
CA ARG K 64 34.56 36.33 -33.07
C ARG K 64 33.78 35.06 -32.73
N ASN K 65 32.47 35.11 -32.86
CA ASN K 65 31.67 33.99 -32.50
C ASN K 65 32.17 32.74 -33.19
N LEU K 66 31.79 31.56 -32.66
CA LEU K 66 32.53 30.38 -33.01
C LEU K 66 31.81 29.11 -32.66
N ALA K 67 32.04 28.08 -33.47
CA ALA K 67 31.22 26.89 -33.39
C ALA K 67 32.02 25.62 -33.59
N MET K 68 32.35 24.93 -32.51
CA MET K 68 33.36 23.90 -32.61
C MET K 68 32.69 22.57 -32.51
N GLY K 69 32.93 21.77 -33.53
CA GLY K 69 32.33 20.50 -33.63
C GLY K 69 33.24 19.62 -32.86
N VAL K 70 32.68 18.93 -31.87
CA VAL K 70 33.52 18.18 -30.94
C VAL K 70 33.04 16.77 -30.67
N ASN K 71 33.96 15.84 -30.82
CA ASN K 71 33.69 14.49 -30.37
C ASN K 71 33.73 14.43 -28.82
N LEU K 72 32.56 14.33 -28.17
CA LEU K 72 32.48 14.45 -26.70
C LEU K 72 33.21 13.25 -26.06
N THR K 73 33.13 12.10 -26.70
CA THR K 73 33.94 11.02 -26.19
C THR K 73 35.46 11.32 -26.19
N SER K 74 35.97 12.13 -27.11
CA SER K 74 37.41 12.31 -27.16
C SER K 74 37.80 13.33 -26.12
N MET K 75 36.96 14.33 -26.03
CA MET K 75 37.24 15.44 -25.22
C MET K 75 37.31 14.91 -23.80
N SER K 76 36.30 14.17 -23.35
CA SER K 76 36.33 13.58 -21.99
C SER K 76 37.56 12.72 -21.82
N LYS K 77 37.85 11.84 -22.74
CA LYS K 77 39.08 11.07 -22.61
C LYS K 77 40.34 11.95 -22.36
N ILE K 78 40.33 13.20 -22.82
CA ILE K 78 41.46 14.01 -22.71
C ILE K 78 41.40 14.76 -21.37
N LEU K 79 40.20 15.11 -20.94
CA LEU K 79 40.03 15.75 -19.66
C LEU K 79 40.38 14.78 -18.52
N LYS K 80 40.48 13.49 -18.81
CA LYS K 80 40.81 12.52 -17.79
C LYS K 80 42.26 12.68 -17.45
N CYS K 81 43.02 13.31 -18.34
CA CYS K 81 44.42 13.70 -18.05
C CYS K 81 44.58 15.05 -17.32
N ALA K 82 43.50 15.65 -16.88
CA ALA K 82 43.59 16.82 -16.05
C ALA K 82 43.33 16.34 -14.62
N GLY K 83 44.10 16.85 -13.68
CA GLY K 83 43.72 16.61 -12.31
C GLY K 83 42.45 17.34 -11.89
N ASN K 84 41.83 16.86 -10.85
CA ASN K 84 40.65 17.52 -10.32
C ASN K 84 40.91 18.90 -9.83
N GLU K 85 42.16 19.20 -9.48
CA GLU K 85 42.49 20.57 -9.09
C GLU K 85 43.33 21.33 -10.09
N ASP K 86 43.42 20.83 -11.32
CA ASP K 86 44.11 21.56 -12.37
C ASP K 86 43.32 22.82 -12.81
N ILE K 87 44.04 23.89 -13.13
CA ILE K 87 43.50 25.05 -13.85
C ILE K 87 43.47 24.66 -15.31
N ILE K 88 42.29 24.78 -15.95
CA ILE K 88 42.10 24.39 -17.35
C ILE K 88 41.83 25.57 -18.28
N THR K 89 42.61 25.62 -19.35
CA THR K 89 42.44 26.66 -20.32
C THR K 89 42.13 26.09 -21.69
N LEU K 90 41.01 26.50 -22.27
CA LEU K 90 40.74 26.23 -23.70
C LEU K 90 41.22 27.43 -24.57
N ARG K 91 41.78 27.11 -25.75
CA ARG K 91 42.23 28.10 -26.74
C ARG K 91 41.97 27.55 -28.13
N ALA K 92 41.29 28.34 -28.95
CA ALA K 92 41.05 27.99 -30.36
C ALA K 92 41.64 29.09 -31.22
N GLU K 93 41.87 28.83 -32.51
CA GLU K 93 42.26 29.90 -33.42
C GLU K 93 41.71 29.76 -34.81
N ASP K 97 40.79 24.46 -36.93
CA ASP K 97 40.93 23.01 -37.04
C ASP K 97 40.95 22.23 -35.72
N THR K 98 41.55 22.78 -34.67
CA THR K 98 41.89 22.06 -33.44
C THR K 98 41.49 22.84 -32.16
N LEU K 99 41.22 22.16 -31.09
CA LEU K 99 40.96 22.82 -29.81
C LEU K 99 42.16 22.54 -28.91
N ALA K 100 42.67 23.52 -28.19
CA ALA K 100 43.83 23.29 -27.33
C ALA K 100 43.31 23.38 -25.92
N LEU K 101 43.66 22.37 -25.13
CA LEU K 101 43.25 22.29 -23.71
C LEU K 101 44.53 22.27 -22.89
N VAL K 102 44.77 23.28 -22.09
CA VAL K 102 46.00 23.35 -21.30
C VAL K 102 45.65 23.09 -19.83
N PHE K 103 46.30 22.08 -19.24
CA PHE K 103 46.07 21.71 -17.84
C PHE K 103 47.24 22.12 -17.00
N GLU K 104 46.98 22.97 -16.02
CA GLU K 104 48.04 23.65 -15.28
C GLU K 104 47.87 23.31 -13.81
N ALA K 105 48.87 22.64 -13.23
CA ALA K 105 48.77 22.28 -11.83
C ALA K 105 49.05 23.57 -11.09
N PRO K 106 48.17 23.94 -10.16
CA PRO K 106 48.21 25.31 -9.56
C PRO K 106 49.64 25.82 -9.25
N ASN K 107 50.44 25.00 -8.56
CA ASN K 107 51.84 25.35 -8.26
C ASN K 107 52.61 25.95 -9.48
N GLN K 108 52.17 25.56 -10.68
CA GLN K 108 52.80 25.93 -11.98
C GLN K 108 54.06 25.09 -12.38
N GLU K 109 54.22 23.94 -11.71
CA GLU K 109 55.33 23.02 -11.94
C GLU K 109 55.12 22.01 -13.03
N LYS K 110 53.85 21.74 -13.31
CA LYS K 110 53.39 20.79 -14.33
C LYS K 110 52.38 21.51 -15.28
N VAL K 111 52.67 21.53 -16.55
CA VAL K 111 51.73 22.09 -17.49
C VAL K 111 51.61 21.07 -18.56
N SER K 112 50.40 20.81 -18.96
CA SER K 112 50.18 19.73 -19.90
C SER K 112 49.46 20.41 -21.00
N ASP K 113 49.81 20.04 -22.22
CA ASP K 113 49.21 20.63 -23.40
C ASP K 113 48.55 19.60 -24.30
N TYR K 114 47.23 19.60 -24.45
CA TYR K 114 46.65 18.69 -25.43
C TYR K 114 46.03 19.40 -26.63
N GLU K 115 46.11 18.76 -27.79
CA GLU K 115 45.49 19.29 -29.00
C GLU K 115 44.48 18.31 -29.49
N MET K 116 43.24 18.71 -29.44
CA MET K 116 42.13 17.89 -29.92
C MET K 116 41.76 18.28 -31.35
N LYS K 117 41.89 17.34 -32.28
CA LYS K 117 41.39 17.57 -33.65
C LYS K 117 39.88 17.80 -33.62
N LEU K 118 39.42 18.91 -34.21
CA LEU K 118 37.97 19.20 -34.27
C LEU K 118 37.32 18.34 -35.39
N MET K 119 36.01 18.47 -35.53
CA MET K 119 35.29 17.54 -36.39
C MET K 119 34.27 18.42 -37.09
N ASP K 120 34.15 18.31 -38.40
CA ASP K 120 33.18 19.10 -39.11
C ASP K 120 31.82 18.45 -38.91
N LEU K 121 30.85 19.27 -38.53
CA LEU K 121 29.62 18.77 -37.97
C LEU K 121 28.50 19.73 -38.31
N ASP K 122 27.55 19.32 -39.16
CA ASP K 122 26.45 20.22 -39.55
C ASP K 122 25.22 19.99 -38.67
N VAL K 123 25.12 20.81 -37.63
CA VAL K 123 23.96 20.78 -36.75
C VAL K 123 22.96 21.86 -37.14
N GLU K 124 21.90 22.02 -36.34
CA GLU K 124 20.99 23.11 -36.52
C GLU K 124 20.36 23.56 -35.19
N GLN K 125 20.82 24.67 -34.65
CA GLN K 125 20.14 25.26 -33.50
C GLN K 125 18.65 24.91 -33.48
N LEU K 126 18.11 24.59 -32.30
CA LEU K 126 16.72 24.25 -32.14
C LEU K 126 16.18 25.20 -31.15
N GLY K 127 14.92 25.55 -31.25
CA GLY K 127 14.38 26.58 -30.40
C GLY K 127 13.68 26.00 -29.20
N ILE K 128 13.90 26.62 -28.05
CA ILE K 128 13.32 26.13 -26.82
C ILE K 128 12.37 27.15 -26.15
N PRO K 129 11.11 27.10 -26.57
CA PRO K 129 9.95 27.92 -26.21
C PRO K 129 9.84 28.33 -24.75
N GLU K 130 9.40 29.56 -24.49
CA GLU K 130 9.15 30.00 -23.12
C GLU K 130 8.05 29.13 -22.52
N GLN K 131 8.36 28.37 -21.48
CA GLN K 131 7.39 27.44 -20.86
C GLN K 131 7.25 27.69 -19.36
N GLU K 132 6.04 27.87 -18.84
CA GLU K 132 5.83 27.93 -17.37
C GLU K 132 5.26 26.56 -16.91
N TYR K 133 5.59 26.18 -15.68
CA TYR K 133 5.34 24.82 -15.22
C TYR K 133 4.45 24.76 -14.01
N SER K 134 3.46 23.88 -14.07
CA SER K 134 2.62 23.52 -12.91
C SER K 134 3.39 23.06 -11.65
N CYS K 135 4.53 22.39 -11.84
CA CYS K 135 5.19 21.74 -10.77
C CYS K 135 6.67 21.93 -10.89
N VAL K 136 7.27 22.57 -9.88
CA VAL K 136 8.72 22.65 -9.74
C VAL K 136 9.10 22.06 -8.37
N VAL K 137 10.11 21.21 -8.42
CA VAL K 137 10.48 20.42 -7.32
C VAL K 137 11.93 20.61 -7.17
N LYS K 138 12.37 21.10 -6.01
CA LYS K 138 13.80 21.15 -5.72
C LYS K 138 14.13 20.05 -4.66
N MET K 139 15.20 19.30 -4.89
CA MET K 139 15.61 18.31 -3.93
C MET K 139 17.09 18.03 -4.06
N PRO K 140 17.65 17.28 -3.09
CA PRO K 140 19.07 16.93 -3.17
C PRO K 140 19.37 16.02 -4.37
N SER K 141 20.39 16.40 -5.14
CA SER K 141 20.79 15.67 -6.30
C SER K 141 21.01 14.22 -6.00
N GLY K 142 21.72 13.89 -4.96
CA GLY K 142 21.91 12.45 -4.62
C GLY K 142 20.62 11.66 -4.37
N GLU K 143 19.65 12.30 -3.78
CA GLU K 143 18.39 11.66 -3.48
C GLU K 143 17.72 11.28 -4.80
N PHE K 144 17.64 12.25 -5.71
CA PHE K 144 17.00 12.01 -7.00
C PHE K 144 17.73 10.94 -7.79
N ALA K 145 19.05 10.90 -7.74
CA ALA K 145 19.78 9.86 -8.47
C ALA K 145 19.43 8.46 -7.89
N ARG K 146 19.30 8.37 -6.58
CA ARG K 146 19.00 7.11 -5.95
C ARG K 146 17.58 6.64 -6.35
N ILE K 147 16.62 7.57 -6.31
CA ILE K 147 15.23 7.23 -6.67
C ILE K 147 15.22 6.59 -8.09
N CYS K 148 15.83 7.27 -9.04
CA CYS K 148 15.96 6.75 -10.41
C CYS K 148 16.71 5.45 -10.47
N ARG K 149 17.86 5.40 -9.82
CA ARG K 149 18.64 4.15 -9.86
C ARG K 149 17.82 2.97 -9.30
N ASP K 150 17.02 3.21 -8.25
CA ASP K 150 16.32 2.10 -7.58
C ASP K 150 15.09 1.62 -8.36
N LEU K 151 14.28 2.58 -8.76
CA LEU K 151 13.10 2.25 -9.52
C LEU K 151 13.47 1.56 -10.82
N SER K 152 14.68 1.80 -11.31
CA SER K 152 15.08 1.18 -12.56
C SER K 152 15.48 -0.26 -12.38
N HIS K 153 15.52 -0.76 -11.16
CA HIS K 153 15.65 -2.22 -10.92
C HIS K 153 14.31 -2.87 -10.84
N ILE K 154 13.30 -2.02 -10.76
CA ILE K 154 11.91 -2.41 -10.81
C ILE K 154 11.26 -2.33 -12.20
N GLY K 155 11.43 -1.22 -12.92
CA GLY K 155 10.83 -1.09 -14.26
C GLY K 155 11.55 -0.14 -15.20
N ASP K 156 11.06 0.03 -16.40
CA ASP K 156 11.74 0.84 -17.41
C ASP K 156 11.14 2.23 -17.40
N ALA K 157 10.02 2.39 -16.74
CA ALA K 157 9.29 3.63 -16.79
C ALA K 157 8.94 4.13 -15.41
N VAL K 158 9.13 5.42 -15.15
CA VAL K 158 8.62 5.98 -13.93
C VAL K 158 7.44 6.91 -14.19
N VAL K 159 6.40 6.75 -13.38
CA VAL K 159 5.30 7.67 -13.36
C VAL K 159 5.61 8.57 -12.20
N ILE K 160 5.68 9.88 -12.49
CA ILE K 160 6.00 10.90 -11.50
C ILE K 160 4.77 11.72 -11.17
N SER K 161 4.05 11.42 -10.11
CA SER K 161 2.88 12.20 -9.69
C SER K 161 3.21 13.38 -8.78
N CYS K 162 2.53 14.48 -9.01
CA CYS K 162 2.65 15.69 -8.19
C CYS K 162 1.29 15.88 -7.59
N ALA K 163 1.23 16.31 -6.33
CA ALA K 163 -0.05 16.50 -5.66
C ALA K 163 0.13 16.96 -4.21
N LYS K 164 -0.38 18.15 -3.91
CA LYS K 164 -0.38 18.66 -2.54
C LYS K 164 1.03 18.68 -1.94
N ASP K 165 1.14 18.16 -0.72
CA ASP K 165 2.41 18.10 -0.02
C ASP K 165 3.56 17.59 -0.90
N GLY K 166 3.31 16.66 -1.82
CA GLY K 166 4.43 15.90 -2.37
C GLY K 166 4.41 15.40 -3.80
N VAL K 167 5.52 14.79 -4.16
CA VAL K 167 5.64 14.07 -5.40
C VAL K 167 5.83 12.57 -5.07
N LYS K 168 5.15 11.71 -5.84
CA LYS K 168 5.40 10.29 -5.82
C LYS K 168 6.01 9.82 -7.16
N PHE K 169 7.09 9.04 -7.13
CA PHE K 169 7.65 8.33 -8.25
C PHE K 169 7.26 6.85 -8.23
N SER K 170 6.70 6.27 -9.29
CA SER K 170 6.40 4.87 -9.21
C SER K 170 6.73 4.05 -10.45
N ALA K 171 6.99 2.77 -10.21
CA ALA K 171 7.38 1.91 -11.30
C ALA K 171 6.84 0.52 -11.09
N SER K 172 6.92 -0.32 -12.13
CA SER K 172 6.58 -1.71 -11.97
C SER K 172 7.08 -2.59 -13.07
N GLY K 173 7.16 -3.87 -12.77
CA GLY K 173 7.62 -4.87 -13.69
C GLY K 173 7.48 -6.28 -13.17
N GLU K 174 8.37 -7.11 -13.69
CA GLU K 174 8.51 -8.49 -13.39
C GLU K 174 8.33 -8.87 -11.94
N LEU K 175 9.08 -8.26 -11.04
CA LEU K 175 9.18 -8.72 -9.68
C LEU K 175 8.15 -8.11 -8.72
N GLY K 176 7.53 -7.04 -9.17
CA GLY K 176 6.44 -6.40 -8.46
C GLY K 176 6.46 -4.92 -8.82
N ASN K 177 5.80 -4.11 -8.01
CA ASN K 177 5.91 -2.69 -8.20
C ASN K 177 6.42 -1.94 -6.94
N GLY K 178 6.57 -0.64 -7.06
CA GLY K 178 7.03 0.20 -5.96
C GLY K 178 6.94 1.69 -6.24
N ASN K 179 6.55 2.46 -5.24
CA ASN K 179 6.45 3.89 -5.34
C ASN K 179 7.26 4.53 -4.23
N ILE K 180 7.66 5.79 -4.39
CA ILE K 180 8.53 6.44 -3.41
C ILE K 180 7.95 7.83 -3.25
N LYS K 181 7.46 8.12 -2.03
CA LYS K 181 6.74 9.35 -1.74
C LYS K 181 7.71 10.26 -1.01
N LEU K 182 7.80 11.51 -1.44
CA LEU K 182 8.69 12.52 -0.86
C LEU K 182 7.81 13.63 -0.35
N SER K 183 8.02 14.08 0.88
CA SER K 183 7.26 15.24 1.40
C SER K 183 8.15 16.46 1.45
N GLN K 184 7.68 17.50 2.12
CA GLN K 184 8.47 18.73 2.21
C GLN K 184 9.27 18.80 3.50
N ALA K 194 15.78 19.85 2.50
CA ALA K 194 15.86 20.71 1.34
C ALA K 194 15.19 20.01 0.14
N VAL K 195 13.95 19.56 0.33
CA VAL K 195 13.04 19.10 -0.73
C VAL K 195 11.82 20.05 -0.78
N THR K 196 11.65 20.79 -1.90
CA THR K 196 10.59 21.80 -2.05
C THR K 196 9.64 21.53 -3.24
N ILE K 197 8.37 21.82 -3.03
CA ILE K 197 7.38 21.63 -4.06
C ILE K 197 6.62 22.96 -4.19
N GLU K 198 6.91 23.66 -5.29
CA GLU K 198 6.15 24.83 -5.71
C GLU K 198 5.23 24.33 -6.80
N MET K 199 3.96 24.15 -6.46
CA MET K 199 3.03 23.36 -7.29
C MET K 199 1.65 23.99 -7.37
N ASN K 200 1.22 24.34 -8.60
CA ASN K 200 0.02 25.16 -8.77
C ASN K 200 -1.21 24.32 -9.16
N GLU K 201 -1.03 23.37 -10.07
CA GLU K 201 -2.04 22.36 -10.25
C GLU K 201 -1.32 21.05 -10.27
N PRO K 202 -2.04 19.95 -10.10
CA PRO K 202 -1.39 18.63 -10.05
C PRO K 202 -0.99 18.06 -11.42
N VAL K 203 0.08 17.28 -11.49
CA VAL K 203 0.53 16.72 -12.75
C VAL K 203 1.07 15.29 -12.62
N GLN K 204 0.55 14.35 -13.41
CA GLN K 204 1.05 12.98 -13.51
C GLN K 204 1.66 12.77 -14.89
N LEU K 205 2.93 12.35 -14.96
CA LEU K 205 3.58 12.16 -16.24
C LEU K 205 4.48 10.94 -16.19
N THR K 206 4.58 10.24 -17.28
CA THR K 206 5.41 9.08 -17.36
C THR K 206 6.73 9.32 -18.15
N PHE K 207 7.83 8.76 -17.62
CA PHE K 207 9.17 8.94 -18.21
C PHE K 207 9.97 7.67 -18.27
N ALA K 208 10.83 7.59 -19.29
CA ALA K 208 11.79 6.50 -19.42
C ALA K 208 12.97 6.71 -18.50
N LEU K 209 13.18 5.74 -17.62
CA LEU K 209 14.21 5.77 -16.63
C LEU K 209 15.58 5.68 -17.26
N ARG K 210 15.69 4.98 -18.34
CA ARG K 210 16.93 4.92 -19.03
C ARG K 210 17.55 6.36 -19.29
N TYR K 211 16.71 7.35 -19.52
CA TYR K 211 17.25 8.64 -19.85
C TYR K 211 17.47 9.43 -18.60
N LEU K 212 16.58 9.29 -17.64
CA LEU K 212 16.80 9.96 -16.36
C LEU K 212 18.14 9.52 -15.73
N ASN K 213 18.44 8.24 -15.77
CA ASN K 213 19.72 7.76 -15.33
C ASN K 213 20.87 8.29 -16.20
N PHE K 214 20.66 8.73 -17.45
CA PHE K 214 21.76 9.48 -18.10
C PHE K 214 21.89 10.85 -17.44
N PHE K 215 20.78 11.57 -17.28
CA PHE K 215 20.84 12.90 -16.70
C PHE K 215 21.58 12.94 -15.35
N THR K 216 21.35 11.93 -14.48
CA THR K 216 21.97 11.98 -13.17
C THR K 216 23.48 11.74 -13.13
N LYS K 217 24.10 11.38 -14.25
CA LYS K 217 25.55 11.59 -14.39
C LYS K 217 26.00 13.02 -14.11
N ALA K 218 25.09 13.96 -14.01
CA ALA K 218 25.48 15.34 -13.71
C ALA K 218 25.55 15.59 -12.20
N THR K 219 25.07 14.61 -11.45
CA THR K 219 24.92 14.76 -10.00
C THR K 219 26.17 15.37 -9.31
N PRO K 220 27.35 14.96 -9.75
CA PRO K 220 28.50 15.59 -9.15
C PRO K 220 28.60 17.14 -9.20
N LEU K 221 27.93 17.83 -10.13
CA LEU K 221 28.17 19.28 -10.38
C LEU K 221 27.43 20.16 -9.40
N SER K 222 26.43 19.59 -8.74
CA SER K 222 25.70 20.31 -7.73
C SER K 222 25.01 19.32 -6.79
N SER K 223 24.72 19.81 -5.60
CA SER K 223 24.16 18.99 -4.54
C SER K 223 22.65 19.10 -4.60
N THR K 224 22.07 19.95 -5.43
CA THR K 224 20.64 20.29 -5.63
C THR K 224 20.25 19.96 -7.06
N VAL K 225 19.10 19.46 -7.29
CA VAL K 225 18.60 19.26 -8.65
C VAL K 225 17.19 19.79 -8.66
N THR K 226 16.79 20.39 -9.79
CA THR K 226 15.44 20.93 -9.96
C THR K 226 14.68 20.16 -11.06
N LEU K 227 13.47 19.71 -10.73
CA LEU K 227 12.60 19.03 -11.69
C LEU K 227 11.49 19.96 -12.11
N SER K 228 11.28 20.10 -13.41
CA SER K 228 10.24 21.02 -13.84
C SER K 228 9.24 20.37 -14.76
N MET K 229 7.95 20.53 -14.48
CA MET K 229 6.96 19.68 -15.12
C MET K 229 5.60 20.35 -15.37
N SER K 230 5.03 20.05 -16.55
CA SER K 230 3.66 20.41 -16.87
C SER K 230 2.90 19.34 -17.61
N ALA K 231 1.58 19.39 -17.53
CA ALA K 231 0.77 18.56 -18.37
C ALA K 231 1.38 18.44 -19.79
N ASP K 232 1.77 17.22 -20.14
CA ASP K 232 2.09 16.85 -21.50
C ASP K 232 3.23 17.65 -22.13
N VAL K 233 4.25 17.97 -21.37
CA VAL K 233 5.39 18.65 -21.99
C VAL K 233 6.71 18.15 -21.44
N PRO K 234 7.79 18.56 -22.07
CA PRO K 234 8.96 17.80 -21.70
C PRO K 234 9.31 18.16 -20.29
N LEU K 235 9.86 17.17 -19.60
CA LEU K 235 10.37 17.35 -18.29
C LEU K 235 11.67 18.04 -18.41
N VAL K 236 11.90 18.96 -17.51
CA VAL K 236 13.21 19.61 -17.35
C VAL K 236 13.87 19.20 -16.05
N VAL K 237 15.05 18.65 -16.22
CA VAL K 237 15.92 18.37 -15.11
C VAL K 237 17.13 19.29 -15.21
N GLU K 238 17.30 20.16 -14.24
CA GLU K 238 18.35 21.16 -14.30
C GLU K 238 19.31 21.13 -13.09
N TYR K 239 20.60 21.18 -13.38
CA TYR K 239 21.65 21.24 -12.37
C TYR K 239 22.47 22.52 -12.46
N LYS K 240 22.40 23.42 -11.47
CA LYS K 240 23.34 24.57 -11.43
C LYS K 240 24.83 24.22 -11.35
N ILE K 241 25.64 25.01 -12.04
CA ILE K 241 27.11 24.96 -11.95
C ILE K 241 27.63 26.27 -11.31
N ALA K 242 28.26 26.22 -10.17
CA ALA K 242 28.97 27.42 -9.56
C ALA K 242 28.41 28.82 -9.75
N ASP K 243 27.11 29.00 -9.65
CA ASP K 243 26.49 30.22 -10.26
C ASP K 243 27.34 30.78 -11.41
N MET K 244 27.91 29.93 -12.26
CA MET K 244 28.30 30.40 -13.57
C MET K 244 27.53 29.67 -14.70
N GLY K 245 26.48 28.90 -14.37
CA GLY K 245 25.59 28.32 -15.39
C GLY K 245 24.88 27.05 -15.01
N HIS K 246 24.66 26.17 -15.96
CA HIS K 246 23.86 24.97 -15.72
C HIS K 246 23.93 23.95 -16.80
N LEU K 247 23.34 22.83 -16.45
CA LEU K 247 23.14 21.78 -17.37
C LEU K 247 21.68 21.49 -17.19
N LYS K 248 20.90 21.86 -18.22
CA LYS K 248 19.49 21.53 -18.29
C LYS K 248 19.30 20.36 -19.22
N TYR K 249 18.69 19.30 -18.70
CA TYR K 249 18.23 18.19 -19.54
C TYR K 249 16.73 18.29 -19.71
N TYR K 250 16.24 17.96 -20.90
CA TYR K 250 14.82 17.88 -21.20
C TYR K 250 14.42 16.49 -21.71
N LEU K 251 13.24 16.01 -21.31
CA LEU K 251 12.82 14.67 -21.71
C LEU K 251 11.35 14.56 -22.12
N ALA K 252 11.11 13.99 -23.28
CA ALA K 252 9.71 13.88 -23.75
C ALA K 252 8.97 12.86 -22.94
N PRO K 253 7.77 13.20 -22.51
CA PRO K 253 6.88 12.26 -21.83
C PRO K 253 6.77 10.96 -22.61
N LYS K 254 6.62 9.86 -21.89
CA LYS K 254 6.63 8.54 -22.50
C LYS K 254 5.29 8.14 -23.10
N ILE K 255 5.36 7.01 -23.81
CA ILE K 255 4.29 6.45 -24.64
C ILE K 255 3.17 5.79 -23.86
N LYS L 2 10.41 7.14 -29.77
CA LYS L 2 11.66 7.27 -30.52
C LYS L 2 11.82 8.33 -31.57
N HIS L 3 10.98 9.41 -31.60
CA HIS L 3 11.40 10.79 -32.15
C HIS L 3 10.56 11.92 -31.56
N THR L 4 10.24 11.77 -30.33
CA THR L 4 9.08 12.26 -29.71
C THR L 4 9.29 13.61 -29.02
N LEU L 5 10.52 14.09 -29.13
CA LEU L 5 10.83 15.39 -28.61
C LEU L 5 10.84 16.40 -29.83
N ASP L 6 11.04 15.87 -31.03
CA ASP L 6 10.96 16.63 -32.29
C ASP L 6 9.71 17.51 -32.29
N ILE L 7 8.64 17.03 -31.68
CA ILE L 7 7.38 17.77 -31.56
C ILE L 7 7.50 19.05 -30.83
N PHE L 8 8.44 19.13 -29.91
CA PHE L 8 8.46 20.28 -29.04
C PHE L 8 9.56 21.22 -29.43
N PHE L 9 10.60 20.73 -30.05
CA PHE L 9 11.77 21.49 -30.29
C PHE L 9 12.17 21.25 -31.71
N LYS L 10 12.09 22.32 -32.50
CA LYS L 10 12.24 22.22 -33.94
C LYS L 10 13.28 23.26 -34.33
N PRO L 11 14.01 23.02 -35.43
CA PRO L 11 15.05 23.96 -35.90
C PRO L 11 14.56 25.39 -36.02
N LEU L 12 15.49 26.33 -36.05
CA LEU L 12 15.15 27.75 -36.16
C LEU L 12 14.95 28.37 -34.78
#